data_5MQV
#
_entry.id   5MQV
#
_cell.length_a   197.934
_cell.length_b   127.276
_cell.length_c   154.780
_cell.angle_alpha   90.000
_cell.angle_beta   113.630
_cell.angle_gamma   90.000
#
_symmetry.space_group_name_H-M   'C 1 2 1'
#
loop_
_entity.id
_entity.type
_entity.pdbx_description
1 polymer 'Casein kinase I isoform delta'
2 non-polymer 4-(2,5-Dimethoxyphenyl)-N-(4-(5-(4-fluorphenyl)-2-(methylthio)-1H-imidazol-4-yl)-pyridin-2-yl)-1-methyl-1H-pyrrole-2-carboxamide
3 non-polymer 'PHOSPHATE ION'
4 water water
#
_entity_poly.entity_id   1
_entity_poly.type   'polypeptide(L)'
_entity_poly.pdbx_seq_one_letter_code
;MGSSHHHHHHSSGLVPRGSHMELRVGNRYRLGRKIGSGSFGDIYLGTDIAAGEEVAIKLECVKTKHPQLHIESKIYKMMQ
GGVGIPTIRWCGAEGDYNVMVMELLGPSLEDLFNFCSRKFSLKTVLLLADQMISRIEYIHSKNFIHRDVKPDNFLMGLGK
KGNLVYIIDFGLAKKYRDARTHQHIPYRENKNLTGTARYASINTHLGIEQSRRDDLESLGYVLMYFNLGSLPWQGLKAAT
KRQKYERISEKKMSTPIEVLCKGYPSEFATYLNFCRSLRFDDKPDYSYLRQLFRNLFHRQGFSYDYVFDWNMLK
;
_entity_poly.pdbx_strand_id   A,B,C,D,E,F
#
# COMPACT_ATOMS: atom_id res chain seq x y z
N ARG A 28 -35.69 -11.06 3.85
CA ARG A 28 -34.30 -11.36 3.51
C ARG A 28 -33.43 -10.11 3.55
N TYR A 29 -34.05 -8.97 3.87
CA TYR A 29 -33.34 -7.69 3.92
C TYR A 29 -33.88 -6.86 5.07
N ARG A 30 -32.99 -6.13 5.74
CA ARG A 30 -33.35 -5.17 6.78
C ARG A 30 -33.17 -3.77 6.20
N LEU A 31 -34.23 -2.98 6.23
CA LEU A 31 -34.16 -1.63 5.70
C LEU A 31 -33.41 -0.73 6.67
N GLY A 32 -32.52 0.11 6.11
CA GLY A 32 -31.77 1.05 6.91
C GLY A 32 -32.23 2.48 6.66
N ARG A 33 -31.32 3.43 6.81
CA ARG A 33 -31.69 4.84 6.75
C ARG A 33 -31.85 5.28 5.29
N LYS A 34 -32.73 6.26 5.09
CA LYS A 34 -32.91 6.85 3.76
C LYS A 34 -31.68 7.66 3.38
N ILE A 35 -31.29 7.57 2.11
CA ILE A 35 -30.08 8.23 1.63
C ILE A 35 -30.34 9.13 0.44
N GLY A 36 -31.52 9.12 -0.15
CA GLY A 36 -31.82 10.02 -1.25
C GLY A 36 -33.00 9.52 -2.05
N SER A 37 -33.06 9.97 -3.30
CA SER A 37 -34.12 9.59 -4.21
C SER A 37 -33.55 9.43 -5.62
N GLY A 38 -34.05 8.43 -6.33
CA GLY A 38 -33.74 8.23 -7.73
C GLY A 38 -34.73 8.94 -8.63
N SER A 39 -34.75 8.54 -9.89
CA SER A 39 -35.71 9.10 -10.85
C SER A 39 -37.14 8.90 -10.37
N PHE A 40 -37.50 7.69 -9.97
CA PHE A 40 -38.88 7.37 -9.60
C PHE A 40 -38.92 6.41 -8.40
N GLY A 41 -38.27 6.78 -7.31
CA GLY A 41 -38.36 5.97 -6.11
C GLY A 41 -37.45 6.52 -5.04
N ASP A 42 -37.49 5.86 -3.88
CA ASP A 42 -36.67 6.29 -2.76
C ASP A 42 -35.54 5.29 -2.53
N ILE A 43 -34.37 5.80 -2.13
CA ILE A 43 -33.16 5.01 -1.97
C ILE A 43 -32.81 4.93 -0.49
N TYR A 44 -32.48 3.72 -0.04
CA TYR A 44 -32.13 3.44 1.34
C TYR A 44 -30.88 2.58 1.38
N LEU A 45 -30.20 2.61 2.52
CA LEU A 45 -29.26 1.55 2.83
C LEU A 45 -30.01 0.38 3.45
N GLY A 46 -29.42 -0.81 3.32
CA GLY A 46 -30.04 -1.99 3.90
C GLY A 46 -29.00 -3.06 4.15
N THR A 47 -29.45 -4.10 4.85
CA THR A 47 -28.60 -5.25 5.16
C THR A 47 -29.21 -6.49 4.52
N ASP A 48 -28.46 -7.08 3.61
CA ASP A 48 -28.70 -8.45 3.14
C ASP A 48 -28.26 -9.39 4.26
N ILE A 49 -29.24 -9.91 4.99
CA ILE A 49 -28.96 -10.75 6.15
C ILE A 49 -28.46 -12.13 5.73
N ALA A 50 -28.96 -12.66 4.61
CA ALA A 50 -28.48 -13.95 4.13
C ALA A 50 -27.01 -13.89 3.78
N ALA A 51 -26.58 -12.82 3.12
CA ALA A 51 -25.19 -12.65 2.73
C ALA A 51 -24.36 -11.94 3.79
N GLY A 52 -25.00 -11.37 4.81
CA GLY A 52 -24.28 -10.55 5.77
C GLY A 52 -23.53 -9.44 5.07
N GLU A 53 -24.21 -8.71 4.19
CA GLU A 53 -23.58 -7.64 3.43
C GLU A 53 -24.50 -6.43 3.42
N GLU A 54 -23.92 -5.23 3.39
CA GLU A 54 -24.74 -4.05 3.21
C GLU A 54 -25.01 -3.83 1.73
N VAL A 55 -26.24 -3.44 1.41
CA VAL A 55 -26.70 -3.21 0.05
C VAL A 55 -27.42 -1.88 -0.01
N ALA A 56 -27.76 -1.47 -1.22
CA ALA A 56 -28.62 -0.31 -1.44
C ALA A 56 -29.97 -0.81 -1.96
N ILE A 57 -31.05 -0.14 -1.55
CA ILE A 57 -32.40 -0.62 -1.80
C ILE A 57 -33.24 0.51 -2.37
N LYS A 58 -33.90 0.26 -3.49
CA LYS A 58 -34.81 1.21 -4.12
C LYS A 58 -36.24 0.73 -3.91
N LEU A 59 -37.08 1.63 -3.42
CA LEU A 59 -38.48 1.33 -3.09
C LEU A 59 -39.41 2.18 -3.95
N GLU A 60 -40.50 1.53 -4.37
CA GLU A 60 -41.58 2.16 -5.14
C GLU A 60 -42.91 1.77 -4.51
N CYS A 61 -43.78 2.75 -4.28
CA CYS A 61 -45.10 2.44 -3.74
C CYS A 61 -45.87 1.52 -4.68
N VAL A 62 -46.32 0.38 -4.17
CA VAL A 62 -47.01 -0.60 -5.00
C VAL A 62 -48.30 -0.01 -5.58
N LYS A 63 -48.92 0.92 -4.86
CA LYS A 63 -50.16 1.56 -5.33
C LYS A 63 -49.86 2.88 -6.04
N THR A 64 -48.93 2.87 -6.98
CA THR A 64 -48.53 4.10 -7.67
C THR A 64 -49.18 4.18 -9.05
N LYS A 65 -49.35 5.40 -9.54
CA LYS A 65 -50.04 5.63 -10.81
C LYS A 65 -49.34 4.90 -11.95
N HIS A 66 -48.05 5.20 -12.16
CA HIS A 66 -47.27 4.62 -13.25
C HIS A 66 -46.13 3.80 -12.67
N PRO A 67 -46.33 2.50 -12.43
CA PRO A 67 -45.24 1.69 -11.90
C PRO A 67 -44.10 1.57 -12.91
N GLN A 68 -42.86 1.63 -12.41
CA GLN A 68 -41.68 1.62 -13.26
C GLN A 68 -40.51 0.81 -12.73
N LEU A 69 -40.49 0.42 -11.46
CA LEU A 69 -39.29 -0.23 -10.93
C LEU A 69 -39.01 -1.55 -11.63
N HIS A 70 -40.06 -2.31 -11.94
CA HIS A 70 -39.88 -3.59 -12.63
C HIS A 70 -39.26 -3.39 -14.01
N ILE A 71 -39.76 -2.41 -14.76
CA ILE A 71 -39.20 -2.10 -16.08
C ILE A 71 -37.72 -1.76 -15.95
N GLU A 72 -37.39 -0.84 -15.04
CA GLU A 72 -35.99 -0.46 -14.85
C GLU A 72 -35.15 -1.69 -14.51
N SER A 73 -35.66 -2.56 -13.64
CA SER A 73 -34.92 -3.75 -13.28
C SER A 73 -34.64 -4.60 -14.51
N LYS A 74 -35.61 -4.68 -15.43
CA LYS A 74 -35.36 -5.41 -16.67
C LYS A 74 -34.26 -4.76 -17.49
N ILE A 75 -34.19 -3.43 -17.49
CA ILE A 75 -33.12 -2.76 -18.21
C ILE A 75 -31.77 -3.09 -17.58
N TYR A 76 -31.67 -2.96 -16.25
CA TYR A 76 -30.44 -3.36 -15.57
C TYR A 76 -30.04 -4.79 -15.95
N LYS A 77 -31.01 -5.70 -16.00
CA LYS A 77 -30.68 -7.09 -16.27
C LYS A 77 -30.17 -7.27 -17.70
N MET A 78 -30.70 -6.51 -18.66
CA MET A 78 -30.14 -6.58 -20.01
C MET A 78 -28.71 -6.05 -20.04
N MET A 79 -28.34 -5.16 -19.13
CA MET A 79 -26.99 -4.60 -19.08
C MET A 79 -26.01 -5.46 -18.29
N GLN A 80 -26.49 -6.47 -17.57
CA GLN A 80 -25.66 -7.15 -16.59
C GLN A 80 -24.40 -7.72 -17.22
N GLY A 81 -23.30 -7.67 -16.47
CA GLY A 81 -22.03 -8.17 -16.92
C GLY A 81 -21.12 -7.15 -17.58
N GLY A 82 -21.67 -6.02 -18.01
CA GLY A 82 -20.85 -4.98 -18.61
C GLY A 82 -19.95 -4.30 -17.58
N VAL A 83 -18.85 -3.75 -18.08
CA VAL A 83 -17.95 -3.00 -17.21
C VAL A 83 -18.69 -1.82 -16.60
N GLY A 84 -18.58 -1.68 -15.29
CA GLY A 84 -19.19 -0.56 -14.61
C GLY A 84 -20.71 -0.58 -14.58
N ILE A 85 -21.32 -1.74 -14.76
CA ILE A 85 -22.76 -1.89 -14.63
C ILE A 85 -23.04 -2.54 -13.28
N PRO A 86 -23.81 -1.91 -12.39
CA PRO A 86 -24.10 -2.53 -11.09
C PRO A 86 -24.98 -3.76 -11.23
N THR A 87 -24.84 -4.66 -10.26
CA THR A 87 -25.66 -5.86 -10.17
C THR A 87 -26.85 -5.61 -9.25
N ILE A 88 -28.02 -6.07 -9.67
CA ILE A 88 -29.27 -5.83 -8.94
C ILE A 88 -30.02 -7.14 -8.75
N ARG A 89 -31.06 -7.07 -7.91
CA ARG A 89 -31.98 -8.18 -7.69
C ARG A 89 -33.38 -7.59 -7.54
N TRP A 90 -34.25 -7.90 -8.50
CA TRP A 90 -35.63 -7.43 -8.46
C TRP A 90 -36.41 -8.33 -7.52
N CYS A 91 -36.62 -7.88 -6.28
CA CYS A 91 -37.34 -8.71 -5.32
C CYS A 91 -38.85 -8.54 -5.42
N GLY A 92 -39.33 -7.53 -6.13
CA GLY A 92 -40.77 -7.43 -6.26
C GLY A 92 -41.48 -6.84 -5.06
N ALA A 93 -42.66 -7.35 -4.71
CA ALA A 93 -43.50 -6.69 -3.72
C ALA A 93 -43.32 -7.31 -2.34
N GLU A 94 -42.90 -6.49 -1.39
CA GLU A 94 -43.06 -6.72 0.03
C GLU A 94 -43.97 -5.63 0.58
N GLY A 95 -45.01 -6.02 1.30
CA GLY A 95 -45.91 -5.05 1.88
C GLY A 95 -46.44 -4.09 0.83
N ASP A 96 -46.33 -2.80 1.11
CA ASP A 96 -46.83 -1.75 0.22
C ASP A 96 -45.78 -1.27 -0.77
N TYR A 97 -44.70 -2.02 -0.99
CA TYR A 97 -43.59 -1.52 -1.78
C TYR A 97 -43.07 -2.60 -2.73
N ASN A 98 -42.80 -2.18 -3.96
CA ASN A 98 -41.90 -2.91 -4.83
C ASN A 98 -40.45 -2.56 -4.48
N VAL A 99 -39.59 -3.57 -4.51
CA VAL A 99 -38.24 -3.50 -3.98
C VAL A 99 -37.28 -4.00 -5.04
N MET A 100 -36.21 -3.22 -5.24
CA MET A 100 -35.05 -3.61 -6.05
C MET A 100 -33.80 -3.43 -5.20
N VAL A 101 -32.93 -4.43 -5.18
CA VAL A 101 -31.72 -4.42 -4.37
C VAL A 101 -30.51 -4.37 -5.28
N MET A 102 -29.58 -3.46 -4.98
CA MET A 102 -28.35 -3.26 -5.72
C MET A 102 -27.15 -3.41 -4.81
N GLU A 103 -26.06 -3.94 -5.36
CA GLU A 103 -24.79 -3.97 -4.66
C GLU A 103 -24.40 -2.57 -4.22
N LEU A 104 -23.83 -2.46 -3.04
CA LEU A 104 -23.42 -1.16 -2.54
C LEU A 104 -22.26 -0.61 -3.36
N LEU A 105 -22.36 0.67 -3.70
CA LEU A 105 -21.33 1.39 -4.44
C LEU A 105 -20.87 2.59 -3.63
N GLY A 106 -19.85 3.28 -4.15
CA GLY A 106 -19.24 4.38 -3.45
C GLY A 106 -19.85 5.73 -3.80
N PRO A 107 -19.10 6.81 -3.57
CA PRO A 107 -19.64 8.15 -3.81
C PRO A 107 -19.82 8.44 -5.29
N SER A 108 -20.67 9.42 -5.57
CA SER A 108 -20.89 9.89 -6.92
C SER A 108 -19.80 10.89 -7.32
N LEU A 109 -19.72 11.16 -8.62
CA LEU A 109 -18.76 12.14 -9.11
C LEU A 109 -19.08 13.55 -8.63
N GLU A 110 -20.33 13.85 -8.31
CA GLU A 110 -20.66 15.14 -7.72
C GLU A 110 -20.13 15.23 -6.29
N ASP A 111 -20.34 14.19 -5.49
CA ASP A 111 -19.76 14.13 -4.15
C ASP A 111 -18.25 14.38 -4.21
N LEU A 112 -17.57 13.67 -5.08
CA LEU A 112 -16.11 13.78 -5.15
C LEU A 112 -15.67 15.11 -5.73
N PHE A 113 -16.47 15.67 -6.65
CA PHE A 113 -16.20 17.01 -7.15
C PHE A 113 -16.24 18.03 -6.02
N ASN A 114 -17.27 17.96 -5.16
CA ASN A 114 -17.33 18.86 -4.02
C ASN A 114 -16.20 18.59 -3.05
N PHE A 115 -15.84 17.31 -2.85
CA PHE A 115 -14.71 16.97 -2.01
C PHE A 115 -13.42 17.59 -2.53
N CYS A 116 -13.30 17.74 -3.85
CA CYS A 116 -12.14 18.38 -4.47
C CYS A 116 -12.35 19.88 -4.65
N SER A 117 -13.26 20.48 -3.90
CA SER A 117 -13.52 21.92 -3.98
C SER A 117 -13.94 22.34 -5.38
N ARG A 118 -14.65 21.46 -6.08
CA ARG A 118 -15.30 21.79 -7.34
C ARG A 118 -14.28 22.20 -8.41
N LYS A 119 -13.15 21.51 -8.44
CA LYS A 119 -12.26 21.58 -9.59
C LYS A 119 -11.48 20.29 -9.71
N PHE A 120 -11.51 19.70 -10.90
CA PHE A 120 -10.71 18.52 -11.22
C PHE A 120 -9.54 18.91 -12.12
N SER A 121 -8.40 18.27 -11.90
CA SER A 121 -7.26 18.46 -12.77
C SER A 121 -7.55 17.89 -14.16
N LEU A 122 -6.77 18.35 -15.14
CA LEU A 122 -6.94 17.85 -16.50
C LEU A 122 -6.77 16.33 -16.56
N LYS A 123 -5.80 15.80 -15.82
CA LYS A 123 -5.58 14.35 -15.79
C LYS A 123 -6.85 13.62 -15.38
N THR A 124 -7.45 14.03 -14.25
CA THR A 124 -8.65 13.36 -13.76
C THR A 124 -9.79 13.49 -14.77
N VAL A 125 -9.97 14.69 -15.35
CA VAL A 125 -11.04 14.88 -16.32
C VAL A 125 -10.86 13.94 -17.51
N LEU A 126 -9.62 13.74 -17.96
CA LEU A 126 -9.41 12.89 -19.13
C LEU A 126 -9.57 11.41 -18.81
N LEU A 127 -9.11 10.97 -17.64
CA LEU A 127 -9.35 9.59 -17.23
C LEU A 127 -10.85 9.31 -17.15
N LEU A 128 -11.59 10.20 -16.48
CA LEU A 128 -13.03 10.06 -16.40
C LEU A 128 -13.65 10.06 -17.80
N ALA A 129 -13.18 10.93 -18.68
CA ALA A 129 -13.75 10.99 -20.03
C ALA A 129 -13.60 9.66 -20.73
N ASP A 130 -12.41 9.04 -20.63
CA ASP A 130 -12.21 7.77 -21.30
C ASP A 130 -13.16 6.70 -20.75
N GLN A 131 -13.34 6.64 -19.43
CA GLN A 131 -14.28 5.64 -18.89
C GLN A 131 -15.72 5.94 -19.31
N MET A 132 -16.12 7.21 -19.28
CA MET A 132 -17.53 7.55 -19.46
C MET A 132 -17.99 7.41 -20.90
N ILE A 133 -17.14 7.79 -21.86
CA ILE A 133 -17.47 7.58 -23.26
C ILE A 133 -17.76 6.10 -23.51
N SER A 134 -16.91 5.22 -22.98
CA SER A 134 -17.08 3.79 -23.24
C SER A 134 -18.27 3.23 -22.49
N ARG A 135 -18.54 3.72 -21.28
CA ARG A 135 -19.74 3.29 -20.57
C ARG A 135 -20.99 3.60 -21.39
N ILE A 136 -21.09 4.84 -21.88
CA ILE A 136 -22.25 5.21 -22.71
C ILE A 136 -22.30 4.36 -23.96
N GLU A 137 -21.15 4.12 -24.60
CA GLU A 137 -21.14 3.26 -25.78
C GLU A 137 -21.69 1.89 -25.46
N TYR A 138 -21.34 1.33 -24.29
CA TYR A 138 -21.87 0.02 -23.93
C TYR A 138 -23.39 0.04 -23.84
N ILE A 139 -23.92 1.05 -23.13
CA ILE A 139 -25.38 1.17 -23.04
C ILE A 139 -25.99 1.19 -24.43
N HIS A 140 -25.41 2.00 -25.33
CA HIS A 140 -25.94 2.11 -26.68
C HIS A 140 -25.84 0.78 -27.42
N SER A 141 -24.77 0.03 -27.18
CA SER A 141 -24.63 -1.27 -27.82
C SER A 141 -25.71 -2.24 -27.35
N LYS A 142 -26.27 -2.02 -26.16
CA LYS A 142 -27.40 -2.81 -25.71
C LYS A 142 -28.75 -2.21 -26.10
N ASN A 143 -28.77 -1.29 -27.07
CA ASN A 143 -29.99 -0.80 -27.72
C ASN A 143 -30.74 0.24 -26.91
N PHE A 144 -30.13 0.84 -25.89
CA PHE A 144 -30.77 1.84 -25.06
C PHE A 144 -29.98 3.14 -25.06
N ILE A 145 -30.69 4.24 -24.83
CA ILE A 145 -30.08 5.52 -24.52
C ILE A 145 -30.42 5.87 -23.08
N HIS A 146 -29.50 6.53 -22.39
CA HIS A 146 -29.63 6.75 -20.95
C HIS A 146 -30.53 7.94 -20.64
N ARG A 147 -30.28 9.08 -21.30
CA ARG A 147 -31.13 10.28 -21.25
C ARG A 147 -31.06 11.04 -19.94
N ASP A 148 -30.14 10.71 -19.05
CA ASP A 148 -29.97 11.49 -17.82
C ASP A 148 -28.49 11.45 -17.41
N VAL A 149 -27.62 11.75 -18.36
CA VAL A 149 -26.18 11.75 -18.11
C VAL A 149 -25.84 12.96 -17.26
N LYS A 150 -25.37 12.72 -16.04
CA LYS A 150 -25.02 13.80 -15.12
C LYS A 150 -24.15 13.23 -14.02
N PRO A 151 -23.37 14.08 -13.33
CA PRO A 151 -22.42 13.56 -12.33
C PRO A 151 -23.07 12.73 -11.23
N ASP A 152 -24.30 13.04 -10.84
CA ASP A 152 -24.95 12.28 -9.77
C ASP A 152 -25.18 10.82 -10.15
N ASN A 153 -25.21 10.50 -11.44
CA ASN A 153 -25.50 9.14 -11.89
C ASN A 153 -24.25 8.34 -12.22
N PHE A 154 -23.08 8.81 -11.81
CA PHE A 154 -21.85 8.05 -11.92
C PHE A 154 -21.26 7.89 -10.53
N LEU A 155 -21.10 6.63 -10.10
CA LEU A 155 -20.63 6.30 -8.77
C LEU A 155 -19.35 5.46 -8.87
N MET A 156 -18.39 5.74 -7.99
CA MET A 156 -17.18 4.94 -7.96
C MET A 156 -17.45 3.62 -7.25
N GLY A 157 -16.69 2.59 -7.63
CA GLY A 157 -16.76 1.32 -6.96
C GLY A 157 -16.14 1.38 -5.57
N LEU A 158 -16.27 0.27 -4.85
CA LEU A 158 -15.73 0.15 -3.50
C LEU A 158 -14.49 -0.73 -3.49
N GLY A 159 -13.60 -0.48 -2.53
CA GLY A 159 -12.46 -1.35 -2.31
C GLY A 159 -11.55 -1.44 -3.53
N LYS A 160 -11.32 -2.67 -3.98
CA LYS A 160 -10.42 -2.91 -5.10
C LYS A 160 -10.95 -2.35 -6.42
N LYS A 161 -12.24 -2.03 -6.51
CA LYS A 161 -12.79 -1.39 -7.69
C LYS A 161 -12.99 0.11 -7.50
N GLY A 162 -12.30 0.71 -6.56
CA GLY A 162 -12.47 2.13 -6.27
C GLY A 162 -12.07 3.04 -7.42
N ASN A 163 -11.36 2.53 -8.42
CA ASN A 163 -10.98 3.32 -9.59
C ASN A 163 -11.94 3.16 -10.76
N LEU A 164 -12.99 2.35 -10.61
CA LEU A 164 -13.92 2.08 -11.70
C LEU A 164 -15.16 2.95 -11.57
N VAL A 165 -15.53 3.62 -12.65
CA VAL A 165 -16.73 4.46 -12.68
C VAL A 165 -17.91 3.62 -13.15
N TYR A 166 -18.92 3.50 -12.28
CA TYR A 166 -20.18 2.86 -12.60
C TYR A 166 -21.21 3.91 -13.01
N ILE A 167 -22.16 3.49 -13.84
CA ILE A 167 -23.32 4.32 -14.18
C ILE A 167 -24.55 3.70 -13.56
N ILE A 168 -25.47 4.55 -13.08
CA ILE A 168 -26.68 4.09 -12.42
C ILE A 168 -27.90 4.82 -13.00
N ASP A 169 -29.07 4.31 -12.63
CA ASP A 169 -30.35 4.95 -12.88
C ASP A 169 -30.76 4.86 -14.35
N PHE A 170 -31.56 3.84 -14.66
CA PHE A 170 -32.15 3.68 -15.99
C PHE A 170 -33.64 3.98 -15.99
N GLY A 171 -34.12 4.73 -14.99
CA GLY A 171 -35.53 5.02 -14.90
C GLY A 171 -36.05 5.85 -16.05
N LEU A 172 -35.17 6.63 -16.68
CA LEU A 172 -35.52 7.43 -17.84
C LEU A 172 -34.97 6.87 -19.15
N ALA A 173 -34.30 5.72 -19.11
CA ALA A 173 -33.71 5.16 -20.31
C ALA A 173 -34.80 4.69 -21.27
N LYS A 174 -34.43 4.58 -22.55
CA LYS A 174 -35.39 4.24 -23.58
C LYS A 174 -34.69 3.45 -24.69
N LYS A 175 -35.38 2.46 -25.22
CA LYS A 175 -34.87 1.72 -26.37
C LYS A 175 -34.93 2.59 -27.62
N TYR A 176 -33.81 2.71 -28.31
CA TYR A 176 -33.73 3.54 -29.52
C TYR A 176 -33.66 2.72 -30.80
N ARG A 177 -33.52 1.40 -30.71
CA ARG A 177 -33.49 0.57 -31.91
C ARG A 177 -33.96 -0.83 -31.56
N ASP A 178 -34.46 -1.53 -32.59
CA ASP A 178 -34.91 -2.90 -32.42
C ASP A 178 -33.73 -3.82 -32.16
N ALA A 179 -33.91 -4.74 -31.21
CA ALA A 179 -32.81 -5.63 -30.83
C ALA A 179 -32.39 -6.52 -32.00
N ARG A 180 -33.35 -7.01 -32.78
CA ARG A 180 -33.05 -7.93 -33.87
C ARG A 180 -32.60 -7.19 -35.12
N THR A 181 -33.39 -6.23 -35.60
CA THR A 181 -33.13 -5.58 -36.87
C THR A 181 -32.25 -4.34 -36.76
N HIS A 182 -32.09 -3.77 -35.57
CA HIS A 182 -31.39 -2.50 -35.37
C HIS A 182 -32.11 -1.34 -36.07
N GLN A 183 -33.41 -1.48 -36.31
CA GLN A 183 -34.22 -0.40 -36.86
C GLN A 183 -34.34 0.72 -35.84
N HIS A 184 -33.84 1.90 -36.18
N HIS A 184 -33.85 1.90 -36.18
CA HIS A 184 -33.93 3.06 -35.30
CA HIS A 184 -33.91 3.03 -35.26
C HIS A 184 -35.39 3.45 -35.09
C HIS A 184 -35.35 3.53 -35.13
N ILE A 185 -35.67 4.04 -33.94
CA ILE A 185 -37.02 4.53 -33.64
C ILE A 185 -37.28 5.76 -34.51
N PRO A 186 -38.54 6.14 -34.74
CA PRO A 186 -38.81 7.25 -35.66
C PRO A 186 -38.46 8.60 -35.05
N TYR A 187 -38.13 9.54 -35.93
CA TYR A 187 -37.89 10.92 -35.53
C TYR A 187 -39.21 11.56 -35.06
N ARG A 188 -39.17 12.22 -33.91
CA ARG A 188 -40.37 12.84 -33.34
C ARG A 188 -39.97 14.15 -32.66
N GLU A 189 -40.96 15.04 -32.49
CA GLU A 189 -40.74 16.35 -31.89
C GLU A 189 -41.76 16.58 -30.77
N ASN A 190 -41.63 17.73 -30.13
CA ASN A 190 -42.54 18.17 -29.07
C ASN A 190 -42.52 17.19 -27.89
N LYS A 191 -41.33 16.70 -27.58
CA LYS A 191 -41.12 15.81 -26.43
C LYS A 191 -40.74 16.64 -25.21
N ASN A 192 -41.27 16.25 -24.06
CA ASN A 192 -40.92 16.92 -22.81
C ASN A 192 -39.51 16.56 -22.38
N LEU A 193 -38.91 17.49 -21.64
CA LEU A 193 -37.54 17.32 -21.14
C LEU A 193 -37.53 16.20 -20.11
N THR A 194 -36.74 15.17 -20.37
CA THR A 194 -36.62 14.01 -19.49
C THR A 194 -35.20 14.00 -18.94
N GLY A 195 -35.04 14.44 -17.69
CA GLY A 195 -33.73 14.53 -17.10
C GLY A 195 -33.44 15.91 -16.57
N THR A 196 -32.16 16.17 -16.34
CA THR A 196 -31.71 17.45 -15.81
C THR A 196 -31.58 18.50 -16.90
N ALA A 197 -31.97 19.73 -16.57
CA ALA A 197 -31.87 20.82 -17.54
C ALA A 197 -30.43 21.24 -17.77
N ARG A 198 -29.61 21.23 -16.71
CA ARG A 198 -28.26 21.78 -16.80
C ARG A 198 -27.43 21.08 -17.86
N TYR A 199 -27.53 19.76 -17.96
CA TYR A 199 -26.68 18.98 -18.85
C TYR A 199 -27.41 18.48 -20.10
N ALA A 200 -28.66 18.88 -20.30
CA ALA A 200 -29.42 18.43 -21.46
C ALA A 200 -28.82 18.99 -22.74
N SER A 201 -28.93 18.21 -23.82
CA SER A 201 -28.47 18.67 -25.12
C SER A 201 -29.39 19.78 -25.64
N ILE A 202 -28.87 20.56 -26.59
CA ILE A 202 -29.65 21.63 -27.19
C ILE A 202 -30.91 21.07 -27.84
N ASN A 203 -30.77 19.97 -28.58
CA ASN A 203 -31.94 19.39 -29.23
C ASN A 203 -32.93 18.82 -28.22
N THR A 204 -32.46 18.41 -27.05
CA THR A 204 -33.39 17.99 -26.00
C THR A 204 -34.25 19.15 -25.53
N HIS A 205 -33.63 20.32 -25.33
CA HIS A 205 -34.41 21.51 -24.98
C HIS A 205 -35.44 21.85 -26.04
N LEU A 206 -35.14 21.60 -27.31
CA LEU A 206 -36.05 21.93 -28.40
C LEU A 206 -37.14 20.90 -28.60
N GLY A 207 -37.20 19.86 -27.77
CA GLY A 207 -38.26 18.88 -27.86
C GLY A 207 -38.03 17.78 -28.86
N ILE A 208 -36.81 17.63 -29.39
CA ILE A 208 -36.52 16.55 -30.33
C ILE A 208 -36.36 15.25 -29.56
N GLU A 209 -36.88 14.16 -30.14
CA GLU A 209 -36.65 12.85 -29.55
C GLU A 209 -35.15 12.63 -29.37
N GLN A 210 -34.77 12.19 -28.17
CA GLN A 210 -33.36 11.98 -27.88
C GLN A 210 -32.85 10.72 -28.57
N SER A 211 -31.57 10.72 -28.90
CA SER A 211 -30.90 9.58 -29.50
C SER A 211 -29.46 9.54 -28.97
N ARG A 212 -28.62 8.72 -29.61
CA ARG A 212 -27.27 8.50 -29.10
C ARG A 212 -26.49 9.80 -28.98
N ARG A 213 -26.61 10.68 -29.97
CA ARG A 213 -25.87 11.95 -29.96
C ARG A 213 -26.09 12.74 -28.67
N ASP A 214 -27.29 12.66 -28.09
CA ASP A 214 -27.63 13.52 -26.96
C ASP A 214 -26.95 13.07 -25.66
N ASP A 215 -26.86 11.76 -25.42
CA ASP A 215 -26.08 11.28 -24.28
C ASP A 215 -24.66 11.83 -24.33
N LEU A 216 -24.03 11.77 -25.51
CA LEU A 216 -22.64 12.20 -25.64
C LEU A 216 -22.52 13.72 -25.48
N GLU A 217 -23.46 14.48 -26.03
CA GLU A 217 -23.41 15.94 -25.83
C GLU A 217 -23.53 16.28 -24.36
N SER A 218 -24.46 15.63 -23.66
CA SER A 218 -24.57 15.81 -22.21
C SER A 218 -23.23 15.51 -21.53
N LEU A 219 -22.58 14.41 -21.92
CA LEU A 219 -21.26 14.13 -21.34
C LEU A 219 -20.30 15.29 -21.60
N GLY A 220 -20.35 15.87 -22.80
CA GLY A 220 -19.50 17.01 -23.09
C GLY A 220 -19.71 18.16 -22.11
N TYR A 221 -20.98 18.47 -21.81
CA TYR A 221 -21.24 19.51 -20.82
C TYR A 221 -20.78 19.09 -19.44
N VAL A 222 -20.88 17.80 -19.10
CA VAL A 222 -20.38 17.34 -17.80
C VAL A 222 -18.87 17.57 -17.70
N LEU A 223 -18.13 17.25 -18.76
CA LEU A 223 -16.68 17.43 -18.72
C LEU A 223 -16.32 18.90 -18.58
N MET A 224 -16.96 19.78 -19.36
CA MET A 224 -16.65 21.19 -19.20
C MET A 224 -17.06 21.70 -17.82
N TYR A 225 -18.13 21.12 -17.26
CA TYR A 225 -18.52 21.44 -15.88
C TYR A 225 -17.41 21.08 -14.91
N PHE A 226 -16.80 19.90 -15.08
CA PHE A 226 -15.66 19.54 -14.23
C PHE A 226 -14.50 20.51 -14.43
N ASN A 227 -14.30 20.99 -15.66
CA ASN A 227 -13.18 21.90 -15.91
C ASN A 227 -13.42 23.27 -15.27
N LEU A 228 -14.66 23.76 -15.31
CA LEU A 228 -14.96 25.14 -14.95
C LEU A 228 -15.42 25.31 -13.51
N GLY A 229 -16.00 24.28 -12.90
CA GLY A 229 -16.66 24.43 -11.62
C GLY A 229 -18.13 24.77 -11.73
N SER A 230 -18.56 25.31 -12.87
CA SER A 230 -19.97 25.59 -13.13
C SER A 230 -20.12 25.94 -14.60
N LEU A 231 -21.34 25.80 -15.10
CA LEU A 231 -21.63 26.14 -16.48
C LEU A 231 -22.31 27.51 -16.56
N PRO A 232 -22.13 28.25 -17.66
CA PRO A 232 -22.65 29.62 -17.74
C PRO A 232 -24.16 29.73 -17.70
N TRP A 233 -24.89 28.62 -17.85
CA TRP A 233 -26.35 28.63 -17.72
C TRP A 233 -26.80 28.17 -16.34
N GLN A 234 -25.89 28.09 -15.37
CA GLN A 234 -26.26 27.82 -13.99
C GLN A 234 -26.64 29.11 -13.29
N GLY A 235 -27.52 28.98 -12.30
CA GLY A 235 -27.92 30.11 -11.49
C GLY A 235 -28.69 31.18 -12.24
N LEU A 236 -29.57 30.79 -13.16
CA LEU A 236 -30.48 31.72 -13.80
C LEU A 236 -31.79 31.75 -13.02
N LYS A 237 -32.22 32.96 -12.67
CA LYS A 237 -33.42 33.12 -11.85
C LYS A 237 -34.67 33.10 -12.71
N ALA A 238 -35.71 32.44 -12.21
CA ALA A 238 -36.99 32.36 -12.91
C ALA A 238 -38.08 32.04 -11.91
N ALA A 239 -39.31 32.32 -12.32
CA ALA A 239 -40.47 32.02 -11.48
C ALA A 239 -40.90 30.58 -11.68
N THR A 240 -41.57 30.28 -12.78
CA THR A 240 -41.98 28.93 -13.04
C THR A 240 -40.75 28.08 -13.39
N LYS A 241 -40.89 26.77 -13.26
CA LYS A 241 -39.87 25.86 -13.73
C LYS A 241 -39.71 25.96 -15.25
N ARG A 242 -40.84 26.02 -15.97
CA ARG A 242 -40.78 26.21 -17.42
C ARG A 242 -39.93 27.41 -17.80
N GLN A 243 -40.12 28.53 -17.12
CA GLN A 243 -39.32 29.72 -17.42
C GLN A 243 -37.84 29.46 -17.17
N LYS A 244 -37.52 28.78 -16.06
CA LYS A 244 -36.14 28.42 -15.77
C LYS A 244 -35.54 27.61 -16.93
N TYR A 245 -36.25 26.58 -17.36
CA TYR A 245 -35.73 25.72 -18.43
C TYR A 245 -35.61 26.48 -19.75
N GLU A 246 -36.52 27.41 -20.02
CA GLU A 246 -36.41 28.22 -21.23
C GLU A 246 -35.19 29.11 -21.17
N ARG A 247 -34.92 29.72 -20.01
CA ARG A 247 -33.73 30.57 -19.89
C ARG A 247 -32.46 29.75 -20.05
N ILE A 248 -32.41 28.56 -19.43
CA ILE A 248 -31.27 27.68 -19.63
C ILE A 248 -31.10 27.36 -21.12
N SER A 249 -32.19 27.00 -21.78
CA SER A 249 -32.12 26.67 -23.21
C SER A 249 -31.55 27.84 -24.00
N GLU A 250 -32.08 29.05 -23.78
CA GLU A 250 -31.63 30.22 -24.55
C GLU A 250 -30.16 30.51 -24.29
N LYS A 251 -29.74 30.49 -23.02
CA LYS A 251 -28.35 30.75 -22.70
C LYS A 251 -27.45 29.71 -23.35
N LYS A 252 -27.88 28.45 -23.35
CA LYS A 252 -27.09 27.38 -23.93
C LYS A 252 -26.96 27.56 -25.45
N MET A 253 -28.03 27.99 -26.12
CA MET A 253 -27.95 28.18 -27.57
C MET A 253 -27.25 29.47 -27.95
N SER A 254 -27.14 30.44 -27.05
CA SER A 254 -26.47 31.70 -27.34
C SER A 254 -25.02 31.73 -26.86
N THR A 255 -24.54 30.64 -26.25
CA THR A 255 -23.15 30.55 -25.81
C THR A 255 -22.40 29.69 -26.83
N PRO A 256 -21.63 30.26 -27.74
CA PRO A 256 -20.88 29.43 -28.68
C PRO A 256 -19.89 28.52 -27.96
N ILE A 257 -19.68 27.33 -28.54
CA ILE A 257 -18.81 26.33 -27.92
C ILE A 257 -17.42 26.90 -27.70
N GLU A 258 -16.95 27.75 -28.61
CA GLU A 258 -15.61 28.31 -28.47
C GLU A 258 -15.52 29.26 -27.29
N VAL A 259 -16.63 29.93 -26.96
CA VAL A 259 -16.67 30.76 -25.75
C VAL A 259 -16.75 29.87 -24.51
N LEU A 260 -17.62 28.85 -24.55
CA LEU A 260 -17.76 27.96 -23.40
C LEU A 260 -16.43 27.34 -23.01
N CYS A 261 -15.65 26.90 -24.00
CA CYS A 261 -14.43 26.14 -23.75
C CYS A 261 -13.17 27.02 -23.80
N LYS A 262 -13.32 28.33 -23.75
CA LYS A 262 -12.16 29.21 -23.81
C LYS A 262 -11.23 28.94 -22.64
N GLY A 263 -9.93 28.92 -22.91
CA GLY A 263 -8.94 28.68 -21.89
C GLY A 263 -8.68 27.24 -21.56
N TYR A 264 -9.27 26.30 -22.31
CA TYR A 264 -9.05 24.88 -22.10
C TYR A 264 -8.67 24.23 -23.42
N PRO A 265 -8.04 23.06 -23.38
CA PRO A 265 -7.58 22.42 -24.62
C PRO A 265 -8.70 22.33 -25.65
N SER A 266 -8.32 22.58 -26.91
CA SER A 266 -9.30 22.60 -27.99
C SER A 266 -10.08 21.30 -28.11
N GLU A 267 -9.56 20.20 -27.57
CA GLU A 267 -10.22 18.90 -27.72
C GLU A 267 -11.64 18.92 -27.14
N PHE A 268 -11.88 19.71 -26.10
CA PHE A 268 -13.23 19.75 -25.52
C PHE A 268 -14.21 20.42 -26.49
N ALA A 269 -13.78 21.49 -27.15
CA ALA A 269 -14.61 22.14 -28.16
C ALA A 269 -14.80 21.23 -29.37
N THR A 270 -13.74 20.54 -29.80
CA THR A 270 -13.87 19.59 -30.89
C THR A 270 -14.89 18.50 -30.54
N TYR A 271 -14.83 17.99 -29.31
CA TYR A 271 -15.80 16.99 -28.86
C TYR A 271 -17.22 17.53 -28.99
N LEU A 272 -17.48 18.70 -28.41
CA LEU A 272 -18.84 19.22 -28.42
C LEU A 272 -19.32 19.53 -29.84
N ASN A 273 -18.46 20.10 -30.68
CA ASN A 273 -18.85 20.36 -32.06
C ASN A 273 -19.17 19.07 -32.79
N PHE A 274 -18.35 18.03 -32.58
CA PHE A 274 -18.62 16.75 -33.21
C PHE A 274 -19.98 16.21 -32.79
N CYS A 275 -20.30 16.29 -31.50
CA CYS A 275 -21.60 15.80 -31.04
C CYS A 275 -22.73 16.62 -31.65
N ARG A 276 -22.55 17.94 -31.74
CA ARG A 276 -23.58 18.79 -32.32
C ARG A 276 -23.73 18.62 -33.82
N SER A 277 -22.77 17.96 -34.49
CA SER A 277 -22.91 17.73 -35.92
C SER A 277 -23.56 16.38 -36.25
N LEU A 278 -23.80 15.52 -35.26
CA LEU A 278 -24.42 14.24 -35.52
C LEU A 278 -25.90 14.40 -35.88
N ARG A 279 -26.37 13.55 -36.77
CA ARG A 279 -27.79 13.49 -37.11
C ARG A 279 -28.51 12.53 -36.16
N PHE A 280 -29.84 12.58 -36.21
CA PHE A 280 -30.67 11.88 -35.23
C PHE A 280 -30.28 10.41 -35.10
N ASP A 281 -30.12 9.70 -36.22
CA ASP A 281 -29.86 8.26 -36.17
C ASP A 281 -28.41 7.90 -36.49
N ASP A 282 -27.51 8.88 -36.52
CA ASP A 282 -26.10 8.57 -36.73
C ASP A 282 -25.56 7.72 -35.59
N LYS A 283 -24.72 6.75 -35.93
CA LYS A 283 -23.92 6.06 -34.92
C LYS A 283 -22.70 6.91 -34.60
N PRO A 284 -22.50 7.36 -33.37
CA PRO A 284 -21.32 8.16 -33.07
C PRO A 284 -20.03 7.37 -33.28
N ASP A 285 -18.97 8.09 -33.64
CA ASP A 285 -17.63 7.51 -33.74
C ASP A 285 -16.97 7.62 -32.36
N TYR A 286 -17.31 6.66 -31.48
CA TYR A 286 -16.82 6.70 -30.10
C TYR A 286 -15.31 6.67 -30.05
N SER A 287 -14.68 5.89 -30.93
CA SER A 287 -13.23 5.75 -30.89
C SER A 287 -12.53 7.04 -31.28
N TYR A 288 -13.11 7.81 -32.20
CA TYR A 288 -12.54 9.12 -32.53
C TYR A 288 -12.51 10.03 -31.29
N LEU A 289 -13.60 10.06 -30.54
CA LEU A 289 -13.66 10.93 -29.36
C LEU A 289 -12.67 10.48 -28.29
N ARG A 290 -12.66 9.16 -28.01
CA ARG A 290 -11.68 8.63 -27.08
C ARG A 290 -10.27 9.01 -27.52
N GLN A 291 -10.01 8.93 -28.83
CA GLN A 291 -8.66 9.20 -29.33
C GLN A 291 -8.30 10.68 -29.18
N LEU A 292 -9.27 11.57 -29.40
CA LEU A 292 -9.07 12.98 -29.10
C LEU A 292 -8.47 13.12 -27.71
N PHE A 293 -9.20 12.62 -26.70
CA PHE A 293 -8.77 12.86 -25.34
C PHE A 293 -7.51 12.08 -24.99
N ARG A 294 -7.27 10.93 -25.62
CA ARG A 294 -6.07 10.15 -25.30
C ARG A 294 -4.82 10.80 -25.86
N ASN A 295 -4.88 11.32 -27.09
CA ASN A 295 -3.74 12.04 -27.63
C ASN A 295 -3.42 13.25 -26.76
N LEU A 296 -4.45 14.05 -26.43
CA LEU A 296 -4.23 15.15 -25.50
C LEU A 296 -3.56 14.65 -24.22
N PHE A 297 -4.10 13.58 -23.65
CA PHE A 297 -3.57 13.00 -22.42
C PHE A 297 -2.09 12.68 -22.55
N HIS A 298 -1.68 12.12 -23.70
CA HIS A 298 -0.31 11.68 -23.88
C HIS A 298 0.65 12.82 -24.21
N ARG A 299 0.16 14.04 -24.44
CA ARG A 299 1.08 15.15 -24.69
C ARG A 299 1.46 15.95 -23.44
N GLN A 300 0.96 15.60 -22.25
CA GLN A 300 1.15 16.46 -21.08
C GLN A 300 2.39 16.15 -20.27
N GLY A 301 2.97 14.96 -20.40
CA GLY A 301 4.05 14.57 -19.50
C GLY A 301 3.56 14.18 -18.13
N PHE A 302 2.34 13.67 -18.02
CA PHE A 302 1.85 13.12 -16.76
C PHE A 302 2.66 11.89 -16.36
N SER A 303 2.63 11.59 -15.05
CA SER A 303 2.89 10.23 -14.63
C SER A 303 1.65 9.39 -14.92
N TYR A 304 1.87 8.17 -15.40
CA TYR A 304 0.77 7.31 -15.83
C TYR A 304 0.36 6.32 -14.74
N ASP A 305 0.53 6.68 -13.47
CA ASP A 305 -0.16 5.97 -12.41
C ASP A 305 -1.63 6.40 -12.40
N TYR A 306 -2.51 5.41 -12.21
CA TYR A 306 -3.95 5.65 -12.36
C TYR A 306 -4.52 6.13 -11.02
N VAL A 307 -4.39 7.43 -10.79
CA VAL A 307 -4.78 8.05 -9.53
C VAL A 307 -5.64 9.27 -9.82
N PHE A 308 -6.83 9.31 -9.21
CA PHE A 308 -7.73 10.45 -9.33
C PHE A 308 -7.42 11.50 -8.27
N ASP A 309 -7.87 12.73 -8.52
CA ASP A 309 -7.59 13.84 -7.61
C ASP A 309 -7.98 13.52 -6.18
N TRP A 310 -9.14 12.90 -5.98
CA TRP A 310 -9.64 12.72 -4.62
C TRP A 310 -8.79 11.74 -3.81
N ASN A 311 -7.97 10.92 -4.46
CA ASN A 311 -7.06 10.02 -3.76
C ASN A 311 -5.65 10.61 -3.61
N MET A 312 -5.51 11.93 -3.75
CA MET A 312 -4.23 12.59 -3.61
C MET A 312 -4.24 13.70 -2.56
N LEU A 313 -5.20 13.68 -1.65
CA LEU A 313 -5.27 14.70 -0.61
C LEU A 313 -6.08 14.22 0.59
N ARG B 28 9.00 35.59 7.73
CA ARG B 28 8.07 34.50 7.49
C ARG B 28 8.80 33.18 7.30
N TYR B 29 10.13 33.22 7.25
CA TYR B 29 10.91 32.03 6.94
C TYR B 29 12.13 31.95 7.85
N ARG B 30 12.36 30.75 8.40
CA ARG B 30 13.61 30.42 9.06
C ARG B 30 14.54 29.76 8.05
N LEU B 31 15.82 30.09 8.14
CA LEU B 31 16.81 29.53 7.22
C LEU B 31 17.45 28.29 7.85
N GLY B 32 17.61 27.25 7.04
CA GLY B 32 18.24 26.03 7.49
C GLY B 32 19.60 25.81 6.86
N ARG B 33 20.01 24.55 6.73
CA ARG B 33 21.36 24.25 6.29
C ARG B 33 21.48 24.38 4.78
N LYS B 34 22.69 24.76 4.34
CA LYS B 34 22.97 24.85 2.92
C LYS B 34 23.05 23.46 2.30
N ILE B 35 22.50 23.33 1.09
CA ILE B 35 22.40 22.04 0.42
C ILE B 35 23.04 22.02 -0.95
N GLY B 36 23.48 23.16 -1.48
CA GLY B 36 24.17 23.16 -2.75
C GLY B 36 24.16 24.55 -3.37
N SER B 37 24.29 24.57 -4.70
CA SER B 37 24.29 25.80 -5.46
C SER B 37 23.57 25.56 -6.78
N GLY B 38 22.84 26.58 -7.23
CA GLY B 38 22.22 26.57 -8.54
C GLY B 38 23.14 27.18 -9.57
N SER B 39 22.55 27.58 -10.69
CA SER B 39 23.33 28.22 -11.75
C SER B 39 24.09 29.44 -11.23
N PHE B 40 23.57 30.15 -10.22
CA PHE B 40 24.28 31.30 -9.67
C PHE B 40 24.20 31.37 -8.14
N GLY B 41 23.00 31.27 -7.58
CA GLY B 41 22.81 31.47 -6.16
C GLY B 41 23.07 30.24 -5.33
N ASP B 42 22.89 30.38 -4.01
CA ASP B 42 23.09 29.28 -3.08
C ASP B 42 21.75 28.74 -2.60
N ILE B 43 21.70 27.43 -2.38
CA ILE B 43 20.46 26.73 -2.05
C ILE B 43 20.51 26.27 -0.60
N TYR B 44 19.40 26.49 0.11
CA TYR B 44 19.26 26.13 1.52
C TYR B 44 17.93 25.44 1.73
N LEU B 45 17.83 24.68 2.81
CA LEU B 45 16.53 24.33 3.34
C LEU B 45 16.02 25.44 4.25
N GLY B 46 14.70 25.51 4.40
CA GLY B 46 14.12 26.52 5.27
C GLY B 46 12.77 26.09 5.77
N THR B 47 12.24 26.85 6.72
CA THR B 47 10.93 26.61 7.30
C THR B 47 10.04 27.81 7.04
N ASP B 48 8.97 27.59 6.28
CA ASP B 48 7.86 28.52 6.19
C ASP B 48 7.08 28.43 7.50
N ILE B 49 7.23 29.48 8.33
CA ILE B 49 6.60 29.52 9.64
C ILE B 49 5.09 29.58 9.51
N ALA B 50 4.60 30.52 8.69
CA ALA B 50 3.16 30.73 8.56
C ALA B 50 2.45 29.45 8.15
N ALA B 51 3.02 28.72 7.21
CA ALA B 51 2.43 27.47 6.73
C ALA B 51 2.87 26.26 7.53
N GLY B 52 3.87 26.40 8.39
CA GLY B 52 4.45 25.26 9.08
C GLY B 52 4.86 24.20 8.09
N GLU B 53 5.63 24.60 7.07
CA GLU B 53 6.06 23.66 6.03
C GLU B 53 7.54 23.89 5.73
N GLU B 54 8.25 22.83 5.39
CA GLU B 54 9.63 23.01 4.94
C GLU B 54 9.65 23.37 3.46
N VAL B 55 10.53 24.30 3.10
CA VAL B 55 10.68 24.81 1.76
C VAL B 55 12.16 24.81 1.40
N ALA B 56 12.44 25.11 0.13
CA ALA B 56 13.79 25.34 -0.33
C ALA B 56 13.96 26.83 -0.65
N ILE B 57 15.15 27.36 -0.39
CA ILE B 57 15.39 28.81 -0.46
C ILE B 57 16.65 29.05 -1.27
N LYS B 58 16.57 29.94 -2.26
CA LYS B 58 17.72 30.35 -3.06
C LYS B 58 18.09 31.78 -2.70
N LEU B 59 19.38 31.99 -2.39
CA LEU B 59 19.89 33.29 -1.96
C LEU B 59 20.90 33.83 -2.95
N GLU B 60 20.82 35.14 -3.19
CA GLU B 60 21.74 35.88 -4.05
C GLU B 60 22.20 37.14 -3.32
N CYS B 61 23.51 37.39 -3.30
CA CYS B 61 24.01 38.62 -2.71
C CYS B 61 23.48 39.82 -3.49
N VAL B 62 22.79 40.73 -2.80
CA VAL B 62 22.18 41.88 -3.48
C VAL B 62 23.24 42.78 -4.09
N LYS B 63 24.42 42.83 -3.50
CA LYS B 63 25.50 43.67 -4.02
C LYS B 63 26.39 42.91 -4.98
N THR B 64 25.79 42.11 -5.85
CA THR B 64 26.52 41.30 -6.81
C THR B 64 26.70 42.05 -8.12
N LYS B 65 27.65 41.58 -8.93
CA LYS B 65 27.96 42.24 -10.19
C LYS B 65 26.79 42.14 -11.17
N HIS B 66 26.33 40.92 -11.44
CA HIS B 66 25.26 40.66 -12.40
C HIS B 66 24.07 40.03 -11.69
N PRO B 67 23.13 40.83 -11.20
CA PRO B 67 21.95 40.25 -10.53
C PRO B 67 21.11 39.43 -11.51
N GLN B 68 20.62 38.30 -11.03
CA GLN B 68 19.88 37.35 -11.87
C GLN B 68 18.66 36.73 -11.21
N LEU B 69 18.53 36.77 -9.88
CA LEU B 69 17.48 36.00 -9.22
C LEU B 69 16.09 36.52 -9.57
N HIS B 70 15.93 37.84 -9.65
CA HIS B 70 14.62 38.42 -9.99
C HIS B 70 14.18 37.97 -11.38
N ILE B 71 15.11 38.03 -12.35
CA ILE B 71 14.82 37.59 -13.70
C ILE B 71 14.35 36.14 -13.71
N GLU B 72 15.14 35.25 -13.07
CA GLU B 72 14.76 33.85 -13.01
C GLU B 72 13.38 33.67 -12.39
N SER B 73 13.09 34.42 -11.32
CA SER B 73 11.79 34.31 -10.68
C SER B 73 10.68 34.67 -11.67
N LYS B 74 10.91 35.69 -12.50
CA LYS B 74 9.91 36.01 -13.52
C LYS B 74 9.76 34.87 -14.53
N ILE B 75 10.84 34.16 -14.86
CA ILE B 75 10.69 33.02 -15.74
C ILE B 75 9.85 31.93 -15.08
N TYR B 76 10.15 31.60 -13.82
CA TYR B 76 9.32 30.64 -13.10
C TYR B 76 7.85 31.06 -13.13
N LYS B 77 7.58 32.35 -12.93
CA LYS B 77 6.20 32.81 -12.89
C LYS B 77 5.52 32.65 -14.24
N MET B 78 6.27 32.84 -15.34
CA MET B 78 5.66 32.61 -16.65
C MET B 78 5.29 31.14 -16.85
N MET B 79 6.01 30.23 -16.21
CA MET B 79 5.78 28.79 -16.36
C MET B 79 4.73 28.26 -15.41
N GLN B 80 4.27 29.05 -14.44
CA GLN B 80 3.48 28.53 -13.34
C GLN B 80 2.23 27.81 -13.84
N GLY B 81 1.88 26.72 -13.15
CA GLY B 81 0.70 25.94 -13.47
C GLY B 81 0.93 24.76 -14.38
N GLY B 82 2.05 24.72 -15.10
CA GLY B 82 2.34 23.59 -15.95
C GLY B 82 2.67 22.34 -15.16
N VAL B 83 2.45 21.19 -15.80
CA VAL B 83 2.79 19.91 -15.18
C VAL B 83 4.29 19.89 -14.90
N GLY B 84 4.64 19.52 -13.66
CA GLY B 84 6.04 19.40 -13.30
C GLY B 84 6.79 20.71 -13.23
N ILE B 85 6.09 21.83 -13.06
CA ILE B 85 6.72 23.14 -12.87
C ILE B 85 6.64 23.47 -11.39
N PRO B 86 7.76 23.71 -10.71
CA PRO B 86 7.69 24.06 -9.28
C PRO B 86 7.02 25.42 -9.07
N THR B 87 6.43 25.58 -7.89
CA THR B 87 5.79 26.84 -7.51
C THR B 87 6.77 27.70 -6.72
N ILE B 88 6.74 29.00 -7.00
CA ILE B 88 7.74 29.94 -6.48
C ILE B 88 7.04 31.09 -5.76
N ARG B 89 7.79 31.73 -4.86
CA ARG B 89 7.46 33.05 -4.33
C ARG B 89 8.74 33.86 -4.27
N TRP B 90 8.75 34.98 -5.00
CA TRP B 90 9.87 35.92 -4.96
C TRP B 90 9.61 36.91 -3.84
N CYS B 91 10.35 36.78 -2.75
CA CYS B 91 10.15 37.59 -1.55
C CYS B 91 10.88 38.93 -1.61
N GLY B 92 11.67 39.17 -2.65
CA GLY B 92 12.42 40.40 -2.73
C GLY B 92 13.72 40.29 -1.94
N ALA B 93 14.13 41.39 -1.31
CA ALA B 93 15.38 41.43 -0.58
C ALA B 93 15.09 41.33 0.92
N GLU B 94 15.97 40.62 1.62
CA GLU B 94 15.95 40.59 3.09
C GLU B 94 17.39 40.67 3.56
N GLY B 95 17.73 41.75 4.27
CA GLY B 95 19.10 41.93 4.70
C GLY B 95 20.02 42.10 3.50
N ASP B 96 21.09 41.30 3.46
CA ASP B 96 22.08 41.38 2.41
C ASP B 96 21.78 40.44 1.24
N TYR B 97 20.56 39.92 1.15
CA TYR B 97 20.26 38.86 0.19
C TYR B 97 18.91 39.09 -0.48
N ASN B 98 18.87 38.87 -1.79
CA ASN B 98 17.63 38.57 -2.47
C ASN B 98 17.33 37.09 -2.30
N VAL B 99 16.07 36.77 -2.04
CA VAL B 99 15.67 35.42 -1.64
C VAL B 99 14.48 34.99 -2.50
N MET B 100 14.53 33.75 -2.97
CA MET B 100 13.41 33.12 -3.66
C MET B 100 13.06 31.83 -2.94
N VAL B 101 11.77 31.61 -2.70
CA VAL B 101 11.30 30.44 -1.95
C VAL B 101 10.56 29.52 -2.91
N MET B 102 10.91 28.24 -2.87
CA MET B 102 10.30 27.22 -3.71
C MET B 102 9.74 26.10 -2.83
N GLU B 103 8.63 25.53 -3.27
CA GLU B 103 8.11 24.32 -2.64
C GLU B 103 9.18 23.24 -2.59
N LEU B 104 9.24 22.51 -1.50
CA LEU B 104 10.22 21.45 -1.36
C LEU B 104 9.93 20.32 -2.34
N LEU B 105 10.98 19.84 -2.99
CA LEU B 105 10.91 18.71 -3.93
C LEU B 105 11.86 17.62 -3.46
N GLY B 106 11.81 16.49 -4.17
CA GLY B 106 12.58 15.32 -3.80
C GLY B 106 13.94 15.24 -4.46
N PRO B 107 14.51 14.04 -4.53
CA PRO B 107 15.86 13.90 -5.09
C PRO B 107 15.89 14.16 -6.58
N SER B 108 17.08 14.46 -7.07
CA SER B 108 17.30 14.66 -8.50
C SER B 108 17.49 13.30 -9.18
N LEU B 109 17.41 13.31 -10.50
CA LEU B 109 17.63 12.10 -11.27
C LEU B 109 19.07 11.62 -11.18
N GLU B 110 20.02 12.51 -10.89
CA GLU B 110 21.40 12.08 -10.65
C GLU B 110 21.51 11.35 -9.31
N ASP B 111 20.90 11.92 -8.26
CA ASP B 111 20.84 11.24 -6.97
C ASP B 111 20.28 9.83 -7.13
N LEU B 112 19.15 9.70 -7.83
CA LEU B 112 18.50 8.41 -7.96
C LEU B 112 19.28 7.49 -8.88
N PHE B 113 19.98 8.04 -9.87
CA PHE B 113 20.85 7.24 -10.73
C PHE B 113 21.96 6.60 -9.90
N ASN B 114 22.59 7.39 -9.02
CA ASN B 114 23.61 6.81 -8.14
C ASN B 114 22.99 5.83 -7.15
N PHE B 115 21.78 6.12 -6.66
CA PHE B 115 21.08 5.18 -5.79
C PHE B 115 20.85 3.85 -6.49
N CYS B 116 20.64 3.88 -7.81
CA CYS B 116 20.48 2.66 -8.60
C CYS B 116 21.80 2.16 -9.17
N SER B 117 22.93 2.56 -8.58
CA SER B 117 24.25 2.11 -9.00
C SER B 117 24.53 2.47 -10.46
N ARG B 118 24.02 3.63 -10.89
CA ARG B 118 24.38 4.20 -12.19
C ARG B 118 23.98 3.29 -13.33
N LYS B 119 22.80 2.68 -13.22
CA LYS B 119 22.17 2.04 -14.37
C LYS B 119 20.67 2.05 -14.17
N PHE B 120 19.95 2.53 -15.18
CA PHE B 120 18.50 2.47 -15.23
C PHE B 120 18.08 1.41 -16.23
N SER B 121 17.03 0.66 -15.89
CA SER B 121 16.43 -0.27 -16.82
C SER B 121 15.80 0.48 -17.99
N LEU B 122 15.59 -0.23 -19.09
CA LEU B 122 14.97 0.38 -20.27
C LEU B 122 13.60 0.96 -19.93
N LYS B 123 12.82 0.25 -19.12
CA LYS B 123 11.50 0.74 -18.72
C LYS B 123 11.60 2.13 -18.09
N THR B 124 12.48 2.27 -17.10
CA THR B 124 12.61 3.55 -16.41
C THR B 124 13.09 4.65 -17.38
N VAL B 125 14.05 4.32 -18.24
CA VAL B 125 14.56 5.31 -19.18
C VAL B 125 13.43 5.80 -20.08
N LEU B 126 12.55 4.90 -20.52
CA LEU B 126 11.48 5.30 -21.45
C LEU B 126 10.39 6.09 -20.75
N LEU B 127 10.02 5.70 -19.53
CA LEU B 127 9.07 6.50 -18.76
C LEU B 127 9.60 7.92 -18.56
N LEU B 128 10.85 8.02 -18.11
CA LEU B 128 11.48 9.32 -17.95
C LEU B 128 11.48 10.08 -19.27
N ALA B 129 11.79 9.40 -20.37
CA ALA B 129 11.84 10.07 -21.67
C ALA B 129 10.49 10.70 -21.99
N ASP B 130 9.40 9.96 -21.77
CA ASP B 130 8.08 10.51 -22.08
C ASP B 130 7.80 11.75 -21.25
N GLN B 131 8.11 11.72 -19.96
CA GLN B 131 7.86 12.92 -19.16
C GLN B 131 8.74 14.09 -19.61
N MET B 132 10.01 13.83 -19.89
CA MET B 132 10.98 14.90 -20.10
C MET B 132 10.78 15.59 -21.44
N ILE B 133 10.46 14.82 -22.50
CA ILE B 133 10.17 15.46 -23.79
C ILE B 133 9.04 16.46 -23.64
N SER B 134 7.98 16.07 -22.92
CA SER B 134 6.81 16.94 -22.79
C SER B 134 7.11 18.13 -21.89
N ARG B 135 7.92 17.93 -20.84
CA ARG B 135 8.33 19.05 -20.00
C ARG B 135 9.07 20.10 -20.82
N ILE B 136 10.05 19.66 -21.61
CA ILE B 136 10.79 20.59 -22.47
C ILE B 136 9.84 21.26 -23.45
N GLU B 137 8.92 20.49 -24.05
CA GLU B 137 7.96 21.09 -24.97
C GLU B 137 7.16 22.19 -24.28
N TYR B 138 6.77 21.98 -23.02
CA TYR B 138 6.02 23.02 -22.31
C TYR B 138 6.84 24.28 -22.18
N ILE B 139 8.11 24.14 -21.74
CA ILE B 139 8.97 25.31 -21.63
C ILE B 139 9.04 26.03 -22.98
N HIS B 140 9.21 25.28 -24.06
CA HIS B 140 9.29 25.90 -25.38
C HIS B 140 7.99 26.59 -25.75
N SER B 141 6.86 26.01 -25.36
CA SER B 141 5.57 26.63 -25.64
C SER B 141 5.41 27.95 -24.91
N LYS B 142 6.12 28.13 -23.79
CA LYS B 142 6.11 29.42 -23.12
C LYS B 142 7.23 30.35 -23.60
N ASN B 143 7.81 30.06 -24.78
CA ASN B 143 8.72 30.95 -25.51
C ASN B 143 10.15 30.95 -24.99
N PHE B 144 10.55 29.99 -24.18
CA PHE B 144 11.89 29.93 -23.63
C PHE B 144 12.57 28.63 -23.99
N ILE B 145 13.90 28.67 -24.04
CA ILE B 145 14.73 27.47 -24.09
C ILE B 145 15.49 27.37 -22.77
N HIS B 146 15.71 26.14 -22.32
CA HIS B 146 16.26 25.92 -20.98
C HIS B 146 17.78 26.06 -20.99
N ARG B 147 18.45 25.40 -21.93
CA ARG B 147 19.88 25.53 -22.19
C ARG B 147 20.76 24.90 -21.12
N ASP B 148 20.20 24.12 -20.20
CA ASP B 148 21.01 23.40 -19.22
C ASP B 148 20.32 22.10 -18.84
N VAL B 149 19.90 21.33 -19.85
CA VAL B 149 19.22 20.07 -19.63
C VAL B 149 20.24 19.04 -19.12
N LYS B 150 20.04 18.56 -17.90
CA LYS B 150 20.95 17.60 -17.30
C LYS B 150 20.24 16.93 -16.13
N PRO B 151 20.72 15.75 -15.70
CA PRO B 151 20.01 15.03 -14.63
C PRO B 151 19.86 15.82 -13.34
N ASP B 152 20.83 16.67 -13.00
CA ASP B 152 20.75 17.43 -11.76
C ASP B 152 19.57 18.40 -11.74
N ASN B 153 19.05 18.78 -12.90
CA ASN B 153 17.99 19.77 -12.98
C ASN B 153 16.60 19.14 -13.13
N PHE B 154 16.47 17.85 -12.87
CA PHE B 154 15.18 17.17 -12.83
C PHE B 154 15.02 16.53 -11.47
N LEU B 155 13.96 16.91 -10.75
CA LEU B 155 13.72 16.46 -9.39
C LEU B 155 12.38 15.75 -9.30
N MET B 156 12.32 14.65 -8.55
CA MET B 156 11.05 13.99 -8.33
C MET B 156 10.23 14.74 -7.29
N GLY B 157 8.91 14.65 -7.42
CA GLY B 157 8.02 15.22 -6.43
C GLY B 157 8.07 14.43 -5.14
N LEU B 158 7.34 14.94 -4.14
CA LEU B 158 7.27 14.32 -2.83
C LEU B 158 5.92 13.65 -2.64
N GLY B 159 5.91 12.61 -1.79
CA GLY B 159 4.67 11.98 -1.41
C GLY B 159 3.90 11.42 -2.58
N LYS B 160 2.65 11.84 -2.71
CA LYS B 160 1.76 11.34 -3.76
C LYS B 160 2.20 11.75 -5.16
N LYS B 161 3.08 12.73 -5.29
CA LYS B 161 3.64 13.13 -6.57
C LYS B 161 5.04 12.60 -6.79
N GLY B 162 5.43 11.55 -6.06
CA GLY B 162 6.76 10.98 -6.18
C GLY B 162 7.06 10.41 -7.55
N ASN B 163 6.03 10.20 -8.38
CA ASN B 163 6.23 9.68 -9.73
C ASN B 163 6.30 10.78 -10.78
N LEU B 164 6.20 12.04 -10.39
CA LEU B 164 6.21 13.16 -11.34
C LEU B 164 7.60 13.79 -11.40
N VAL B 165 8.10 13.99 -12.61
CA VAL B 165 9.41 14.61 -12.83
C VAL B 165 9.21 16.11 -13.02
N TYR B 166 9.83 16.89 -12.14
CA TYR B 166 9.88 18.34 -12.23
C TYR B 166 11.18 18.79 -12.86
N ILE B 167 11.16 19.95 -13.51
CA ILE B 167 12.35 20.60 -14.03
C ILE B 167 12.60 21.86 -13.22
N ILE B 168 13.88 22.15 -12.96
CA ILE B 168 14.27 23.31 -12.16
C ILE B 168 15.36 24.10 -12.86
N ASP B 169 15.61 25.30 -12.34
CA ASP B 169 16.76 26.13 -12.69
C ASP B 169 16.62 26.75 -14.09
N PHE B 170 16.15 27.99 -14.13
CA PHE B 170 16.07 28.78 -15.35
C PHE B 170 17.13 29.87 -15.39
N GLY B 171 18.21 29.73 -14.62
CA GLY B 171 19.22 30.76 -14.57
C GLY B 171 19.93 30.96 -15.90
N LEU B 172 19.97 29.92 -16.73
CA LEU B 172 20.56 30.01 -18.06
C LEU B 172 19.51 30.04 -19.16
N ALA B 173 18.23 30.08 -18.81
CA ALA B 173 17.18 30.06 -19.81
C ALA B 173 17.18 31.37 -20.59
N LYS B 174 16.61 31.31 -21.79
CA LYS B 174 16.62 32.44 -22.72
C LYS B 174 15.35 32.40 -23.55
N LYS B 175 14.78 33.57 -23.80
CA LYS B 175 13.65 33.69 -24.71
C LYS B 175 14.13 33.53 -26.14
N TYR B 176 13.51 32.60 -26.87
CA TYR B 176 13.91 32.32 -28.24
C TYR B 176 12.95 32.85 -29.30
N ARG B 177 11.80 33.37 -28.90
CA ARG B 177 10.85 33.94 -29.85
C ARG B 177 10.00 34.98 -29.15
N ASP B 178 9.49 35.92 -29.95
CA ASP B 178 8.63 36.97 -29.41
C ASP B 178 7.29 36.41 -28.95
N ALA B 179 6.83 36.88 -27.79
CA ALA B 179 5.60 36.36 -27.21
C ALA B 179 4.40 36.64 -28.11
N ARG B 180 4.35 37.82 -28.72
CA ARG B 180 3.20 38.19 -29.54
C ARG B 180 3.30 37.63 -30.95
N THR B 181 4.41 37.88 -31.63
CA THR B 181 4.56 37.53 -33.05
C THR B 181 5.13 36.14 -33.27
N HIS B 182 5.78 35.55 -32.27
CA HIS B 182 6.50 34.28 -32.42
C HIS B 182 7.67 34.39 -33.41
N GLN B 183 8.18 35.59 -33.63
CA GLN B 183 9.36 35.74 -34.48
C GLN B 183 10.57 35.16 -33.76
N HIS B 184 11.20 34.17 -34.39
CA HIS B 184 12.35 33.50 -33.80
C HIS B 184 13.55 34.44 -33.74
N ILE B 185 14.35 34.30 -32.69
CA ILE B 185 15.54 35.13 -32.53
C ILE B 185 16.49 34.87 -33.69
N PRO B 186 17.44 35.77 -33.97
CA PRO B 186 18.31 35.58 -35.13
C PRO B 186 19.40 34.54 -34.89
N TYR B 187 19.81 33.93 -35.99
CA TYR B 187 20.96 33.02 -35.98
C TYR B 187 22.23 33.80 -35.66
N ARG B 188 23.08 33.21 -34.81
CA ARG B 188 24.34 33.83 -34.44
C ARG B 188 25.39 32.75 -34.24
N GLU B 189 26.66 33.16 -34.34
CA GLU B 189 27.81 32.29 -34.18
C GLU B 189 28.79 32.94 -33.20
N ASN B 190 29.89 32.24 -32.94
CA ASN B 190 30.93 32.73 -32.03
C ASN B 190 30.39 32.91 -30.62
N LYS B 191 29.56 31.97 -30.18
CA LYS B 191 28.94 31.99 -28.86
C LYS B 191 29.76 31.15 -27.89
N ASN B 192 29.91 31.66 -26.67
CA ASN B 192 30.55 30.88 -25.62
C ASN B 192 29.62 29.78 -25.13
N LEU B 193 30.21 28.68 -24.67
CA LEU B 193 29.43 27.57 -24.16
C LEU B 193 28.77 27.94 -22.83
N THR B 194 27.44 27.88 -22.79
CA THR B 194 26.67 28.11 -21.58
C THR B 194 25.94 26.82 -21.25
N GLY B 195 26.24 26.27 -20.08
CA GLY B 195 25.69 25.00 -19.64
C GLY B 195 26.79 23.99 -19.41
N THR B 196 26.38 22.73 -19.28
CA THR B 196 27.34 21.66 -19.05
C THR B 196 27.93 21.16 -20.35
N ALA B 197 29.23 20.89 -20.33
CA ALA B 197 29.91 20.39 -21.53
C ALA B 197 29.47 18.96 -21.83
N ARG B 198 29.25 18.15 -20.79
CA ARG B 198 28.96 16.73 -21.00
C ARG B 198 27.71 16.54 -21.85
N TYR B 199 26.67 17.35 -21.61
CA TYR B 199 25.39 17.20 -22.28
C TYR B 199 25.13 18.24 -23.36
N ALA B 200 26.11 19.10 -23.65
CA ALA B 200 25.92 20.15 -24.64
C ALA B 200 25.75 19.56 -26.04
N SER B 201 24.96 20.24 -26.87
CA SER B 201 24.81 19.82 -28.25
C SER B 201 26.09 20.09 -29.03
N ILE B 202 26.25 19.38 -30.15
CA ILE B 202 27.42 19.57 -30.99
C ILE B 202 27.49 21.00 -31.51
N ASN B 203 26.35 21.56 -31.93
CA ASN B 203 26.35 22.92 -32.45
C ASN B 203 26.73 23.92 -31.35
N THR B 204 26.45 23.59 -30.09
CA THR B 204 26.91 24.45 -29.00
C THR B 204 28.43 24.45 -28.92
N HIS B 205 29.06 23.29 -29.06
CA HIS B 205 30.52 23.23 -29.11
C HIS B 205 31.06 24.08 -30.25
N LEU B 206 30.34 24.14 -31.37
CA LEU B 206 30.76 24.91 -32.53
C LEU B 206 30.45 26.40 -32.40
N GLY B 207 29.89 26.83 -31.27
CA GLY B 207 29.62 28.24 -31.03
C GLY B 207 28.32 28.76 -31.62
N ILE B 208 27.40 27.89 -32.03
CA ILE B 208 26.13 28.31 -32.58
C ILE B 208 25.16 28.69 -31.47
N GLU B 209 24.39 29.75 -31.71
CA GLU B 209 23.30 30.12 -30.80
C GLU B 209 22.37 28.93 -30.60
N GLN B 210 22.05 28.65 -29.34
CA GLN B 210 21.19 27.52 -29.01
C GLN B 210 19.73 27.81 -29.34
N SER B 211 18.99 26.76 -29.64
CA SER B 211 17.55 26.84 -29.90
C SER B 211 16.90 25.55 -29.39
N ARG B 212 15.63 25.33 -29.75
CA ARG B 212 14.86 24.21 -29.22
C ARG B 212 15.55 22.87 -29.48
N ARG B 213 16.07 22.71 -30.70
CA ARG B 213 16.73 21.48 -31.09
C ARG B 213 17.82 21.11 -30.09
N ASP B 214 18.49 22.11 -29.51
CA ASP B 214 19.62 21.84 -28.64
C ASP B 214 19.16 21.29 -27.29
N ASP B 215 18.07 21.83 -26.75
CA ASP B 215 17.46 21.23 -25.57
C ASP B 215 17.16 19.76 -25.81
N LEU B 216 16.55 19.45 -26.96
CA LEU B 216 16.17 18.06 -27.19
C LEU B 216 17.39 17.16 -27.40
N GLU B 217 18.42 17.65 -28.09
CA GLU B 217 19.65 16.86 -28.28
C GLU B 217 20.30 16.57 -26.93
N SER B 218 20.40 17.59 -26.07
CA SER B 218 20.92 17.36 -24.73
C SER B 218 20.14 16.28 -24.02
N LEU B 219 18.81 16.31 -24.12
CA LEU B 219 18.02 15.24 -23.52
C LEU B 219 18.44 13.88 -24.08
N GLY B 220 18.68 13.81 -25.40
CA GLY B 220 19.13 12.55 -25.98
C GLY B 220 20.40 12.03 -25.33
N TYR B 221 21.38 12.92 -25.10
CA TYR B 221 22.59 12.50 -24.41
C TYR B 221 22.30 12.09 -22.97
N VAL B 222 21.35 12.74 -22.32
CA VAL B 222 20.98 12.34 -20.96
C VAL B 222 20.43 10.92 -20.95
N LEU B 223 19.58 10.59 -21.92
CA LEU B 223 19.00 9.26 -21.96
C LEU B 223 20.07 8.21 -22.22
N MET B 224 20.97 8.46 -23.18
CA MET B 224 22.03 7.49 -23.40
C MET B 224 22.94 7.39 -22.18
N TYR B 225 23.12 8.49 -21.46
CA TYR B 225 23.88 8.46 -20.20
C TYR B 225 23.22 7.51 -19.21
N PHE B 226 21.89 7.58 -19.08
CA PHE B 226 21.18 6.63 -18.21
C PHE B 226 21.36 5.19 -18.69
N ASN B 227 21.40 4.99 -20.02
CA ASN B 227 21.54 3.63 -20.54
C ASN B 227 22.94 3.06 -20.28
N LEU B 228 23.96 3.90 -20.40
CA LEU B 228 25.34 3.41 -20.40
C LEU B 228 26.00 3.45 -19.03
N GLY B 229 25.56 4.33 -18.14
CA GLY B 229 26.26 4.59 -16.91
C GLY B 229 27.26 5.72 -17.00
N SER B 230 27.71 6.05 -18.21
CA SER B 230 28.61 7.17 -18.45
C SER B 230 28.68 7.39 -19.95
N LEU B 231 29.09 8.59 -20.35
CA LEU B 231 29.25 8.88 -21.76
C LEU B 231 30.72 8.79 -22.17
N PRO B 232 31.01 8.43 -23.42
CA PRO B 232 32.42 8.19 -23.80
C PRO B 232 33.29 9.44 -23.76
N TRP B 233 32.72 10.63 -23.66
CA TRP B 233 33.50 11.85 -23.49
C TRP B 233 33.54 12.28 -22.03
N GLN B 234 33.09 11.41 -21.12
CA GLN B 234 33.15 11.66 -19.69
C GLN B 234 34.48 11.18 -19.13
N GLY B 235 34.94 11.85 -18.07
CA GLY B 235 36.14 11.44 -17.38
C GLY B 235 37.41 11.51 -18.19
N LEU B 236 37.55 12.52 -19.04
CA LEU B 236 38.79 12.75 -19.78
C LEU B 236 39.66 13.74 -19.00
N LYS B 237 40.96 13.48 -18.95
CA LYS B 237 41.88 14.25 -18.12
C LYS B 237 42.55 15.36 -18.91
N ALA B 238 42.83 16.46 -18.22
CA ALA B 238 43.50 17.61 -18.81
C ALA B 238 43.85 18.59 -17.69
N ALA B 239 44.84 19.45 -17.91
CA ALA B 239 45.23 20.40 -16.86
C ALA B 239 44.36 21.70 -16.88
N THR B 240 44.51 22.48 -17.94
CA THR B 240 43.74 23.71 -18.04
C THR B 240 42.27 23.36 -18.34
N LYS B 241 41.28 24.15 -17.88
CA LYS B 241 39.88 23.81 -18.21
C LYS B 241 39.70 23.81 -19.74
N ARG B 242 40.36 24.73 -20.43
CA ARG B 242 40.20 24.82 -21.87
C ARG B 242 40.58 23.51 -22.55
N GLN B 243 41.69 22.90 -22.15
CA GLN B 243 42.10 21.64 -22.75
C GLN B 243 41.05 20.55 -22.53
N LYS B 244 40.49 20.47 -21.32
CA LYS B 244 39.46 19.47 -21.08
C LYS B 244 38.25 19.70 -21.99
N TYR B 245 37.81 20.96 -22.09
CA TYR B 245 36.71 21.26 -23.00
C TYR B 245 37.04 20.82 -24.42
N GLU B 246 38.29 21.00 -24.84
CA GLU B 246 38.71 20.59 -26.18
C GLU B 246 38.63 19.07 -26.34
N ARG B 247 39.13 18.32 -25.36
CA ARG B 247 39.03 16.87 -25.42
C ARG B 247 37.57 16.43 -25.52
N ILE B 248 36.71 16.99 -24.67
CA ILE B 248 35.30 16.62 -24.67
C ILE B 248 34.69 16.90 -26.03
N SER B 249 34.89 18.12 -26.54
CA SER B 249 34.33 18.49 -27.83
C SER B 249 34.79 17.55 -28.93
N GLU B 250 36.09 17.30 -29.02
CA GLU B 250 36.60 16.45 -30.09
C GLU B 250 36.04 15.03 -29.99
N LYS B 251 36.02 14.47 -28.77
CA LYS B 251 35.48 13.12 -28.60
C LYS B 251 34.01 13.05 -28.98
N LYS B 252 33.23 14.06 -28.56
CA LYS B 252 31.80 14.05 -28.88
C LYS B 252 31.55 14.17 -30.37
N MET B 253 32.31 15.04 -31.05
CA MET B 253 32.07 15.24 -32.48
C MET B 253 32.66 14.13 -33.33
N SER B 254 33.61 13.37 -32.81
CA SER B 254 34.19 12.26 -33.56
C SER B 254 33.56 10.92 -33.23
N THR B 255 32.56 10.88 -32.34
CA THR B 255 31.87 9.66 -31.97
C THR B 255 30.55 9.60 -32.73
N PRO B 256 30.43 8.83 -33.81
CA PRO B 256 29.14 8.76 -34.50
C PRO B 256 28.04 8.21 -33.60
N ILE B 257 26.81 8.68 -33.86
CA ILE B 257 25.67 8.28 -33.05
C ILE B 257 25.51 6.76 -33.06
N GLU B 258 25.86 6.11 -34.16
CA GLU B 258 25.70 4.67 -34.26
C GLU B 258 26.68 3.94 -33.36
N VAL B 259 27.85 4.54 -33.10
CA VAL B 259 28.78 3.97 -32.13
C VAL B 259 28.31 4.27 -30.71
N LEU B 260 27.88 5.50 -30.46
CA LEU B 260 27.39 5.86 -29.14
C LEU B 260 26.27 4.94 -28.68
N CYS B 261 25.34 4.63 -29.58
CA CYS B 261 24.13 3.90 -29.24
C CYS B 261 24.24 2.41 -29.53
N LYS B 262 25.42 1.93 -29.91
CA LYS B 262 25.61 0.52 -30.21
C LYS B 262 25.11 -0.36 -29.06
N GLY B 263 24.32 -1.37 -29.40
CA GLY B 263 23.82 -2.31 -28.42
C GLY B 263 22.55 -1.89 -27.70
N TYR B 264 21.92 -0.79 -28.10
CA TYR B 264 20.68 -0.34 -27.51
C TYR B 264 19.66 -0.12 -28.61
N PRO B 265 18.36 -0.10 -28.27
CA PRO B 265 17.33 0.03 -29.31
C PRO B 265 17.61 1.18 -30.26
N SER B 266 17.37 0.93 -31.56
CA SER B 266 17.66 1.91 -32.59
C SER B 266 16.96 3.24 -32.36
N GLU B 267 15.88 3.26 -31.56
CA GLU B 267 15.12 4.48 -31.35
C GLU B 267 15.98 5.59 -30.74
N PHE B 268 16.97 5.25 -29.93
CA PHE B 268 17.81 6.29 -29.33
C PHE B 268 18.66 6.97 -30.40
N ALA B 269 19.20 6.19 -31.33
CA ALA B 269 19.93 6.76 -32.45
C ALA B 269 19.02 7.57 -33.36
N THR B 270 17.83 7.04 -33.65
CA THR B 270 16.87 7.81 -34.46
C THR B 270 16.55 9.14 -33.79
N TYR B 271 16.34 9.13 -32.48
CA TYR B 271 16.09 10.36 -31.74
C TYR B 271 17.23 11.35 -31.93
N LEU B 272 18.47 10.91 -31.67
CA LEU B 272 19.59 11.83 -31.73
C LEU B 272 19.80 12.36 -33.15
N ASN B 273 19.68 11.50 -34.15
CA ASN B 273 19.81 11.95 -35.54
C ASN B 273 18.73 12.97 -35.89
N PHE B 274 17.49 12.71 -35.47
CA PHE B 274 16.42 13.67 -35.73
C PHE B 274 16.74 15.02 -35.11
N CYS B 275 17.21 15.03 -33.87
CA CYS B 275 17.53 16.30 -33.22
C CYS B 275 18.67 17.01 -33.92
N ARG B 276 19.70 16.26 -34.33
CA ARG B 276 20.83 16.86 -35.02
C ARG B 276 20.47 17.37 -36.41
N SER B 277 19.40 16.84 -37.01
CA SER B 277 19.01 17.26 -38.35
C SER B 277 18.06 18.45 -38.36
N LEU B 278 17.60 18.90 -37.21
CA LEU B 278 16.69 20.05 -37.16
C LEU B 278 17.43 21.32 -37.55
N ARG B 279 16.74 22.21 -38.26
CA ARG B 279 17.27 23.52 -38.57
C ARG B 279 17.16 24.45 -37.35
N PHE B 280 17.91 25.55 -37.41
CA PHE B 280 18.03 26.43 -36.25
C PHE B 280 16.67 26.82 -35.68
N ASP B 281 15.74 27.24 -36.54
CA ASP B 281 14.45 27.74 -36.09
C ASP B 281 13.31 26.75 -36.32
N ASP B 282 13.61 25.49 -36.65
CA ASP B 282 12.57 24.48 -36.78
C ASP B 282 11.84 24.28 -35.46
N LYS B 283 10.52 24.11 -35.54
CA LYS B 283 9.77 23.62 -34.40
C LYS B 283 9.90 22.09 -34.35
N PRO B 284 10.43 21.52 -33.28
CA PRO B 284 10.55 20.06 -33.23
C PRO B 284 9.19 19.39 -33.29
N ASP B 285 9.17 18.18 -33.86
CA ASP B 285 7.98 17.33 -33.85
C ASP B 285 8.03 16.48 -32.59
N TYR B 286 7.60 17.09 -31.47
CA TYR B 286 7.68 16.42 -30.18
C TYR B 286 6.88 15.13 -30.16
N SER B 287 5.71 15.11 -30.80
CA SER B 287 4.88 13.92 -30.77
C SER B 287 5.52 12.76 -31.51
N TYR B 288 6.26 13.04 -32.60
CA TYR B 288 7.00 12.00 -33.28
C TYR B 288 8.02 11.33 -32.35
N LEU B 289 8.76 12.13 -31.60
CA LEU B 289 9.77 11.59 -30.68
C LEU B 289 9.12 10.77 -29.56
N ARG B 290 8.07 11.34 -28.95
CA ARG B 290 7.34 10.58 -27.94
C ARG B 290 6.85 9.27 -28.50
N GLN B 291 6.37 9.27 -29.75
CA GLN B 291 5.83 8.05 -30.34
C GLN B 291 6.92 7.02 -30.61
N LEU B 292 8.10 7.48 -31.05
CA LEU B 292 9.25 6.59 -31.14
C LEU B 292 9.38 5.78 -29.86
N PHE B 293 9.55 6.50 -28.75
CA PHE B 293 9.83 5.81 -27.50
C PHE B 293 8.61 5.02 -27.01
N ARG B 294 7.40 5.48 -27.28
CA ARG B 294 6.22 4.76 -26.80
C ARG B 294 6.03 3.44 -27.53
N ASN B 295 6.22 3.44 -28.84
CA ASN B 295 6.15 2.18 -29.59
C ASN B 295 7.19 1.20 -29.09
N LEU B 296 8.44 1.65 -28.96
CA LEU B 296 9.46 0.79 -28.39
C LEU B 296 8.98 0.24 -27.04
N PHE B 297 8.49 1.13 -26.18
CA PHE B 297 8.01 0.75 -24.86
C PHE B 297 6.98 -0.37 -24.95
N HIS B 298 6.07 -0.28 -25.91
CA HIS B 298 4.98 -1.23 -26.03
C HIS B 298 5.41 -2.56 -26.67
N ARG B 299 6.62 -2.66 -27.20
CA ARG B 299 7.04 -3.95 -27.76
C ARG B 299 7.79 -4.84 -26.77
N GLN B 300 8.00 -4.43 -25.52
CA GLN B 300 8.88 -5.17 -24.62
C GLN B 300 8.19 -6.24 -23.79
N GLY B 301 6.88 -6.17 -23.63
CA GLY B 301 6.21 -7.06 -22.70
C GLY B 301 6.39 -6.68 -21.25
N PHE B 302 6.57 -5.39 -20.98
CA PHE B 302 6.61 -4.90 -19.60
C PHE B 302 5.27 -5.11 -18.93
N SER B 303 5.30 -5.15 -17.61
CA SER B 303 4.11 -4.82 -16.83
C SER B 303 3.93 -3.31 -16.86
N TYR B 304 2.68 -2.86 -17.01
CA TYR B 304 2.39 -1.44 -17.16
C TYR B 304 2.01 -0.77 -15.85
N ASP B 305 2.50 -1.29 -14.73
CA ASP B 305 2.48 -0.53 -13.49
C ASP B 305 3.56 0.55 -13.57
N TYR B 306 3.22 1.75 -13.10
CA TYR B 306 4.09 2.91 -13.25
C TYR B 306 5.05 2.96 -12.06
N VAL B 307 6.12 2.18 -12.16
CA VAL B 307 7.08 2.02 -11.07
C VAL B 307 8.49 2.20 -11.63
N PHE B 308 9.25 3.12 -11.01
CA PHE B 308 10.62 3.38 -11.40
C PHE B 308 11.58 2.43 -10.67
N ASP B 309 12.78 2.28 -11.23
CA ASP B 309 13.77 1.37 -10.68
C ASP B 309 13.99 1.62 -9.19
N TRP B 310 14.07 2.89 -8.78
CA TRP B 310 14.45 3.19 -7.41
C TRP B 310 13.38 2.80 -6.38
N ASN B 311 12.14 2.58 -6.82
CA ASN B 311 11.09 2.08 -5.92
C ASN B 311 10.95 0.56 -6.01
N MET B 312 11.97 -0.12 -6.53
CA MET B 312 11.99 -1.57 -6.61
C MET B 312 13.23 -2.17 -5.94
N LEU B 313 13.82 -1.44 -4.99
CA LEU B 313 15.03 -1.89 -4.31
C LEU B 313 14.83 -2.02 -2.81
N LYS B 314 14.22 -1.04 -2.17
CA LYS B 314 14.06 -1.06 -0.72
C LYS B 314 15.43 -1.07 -0.03
N GLY C 26 39.00 2.42 -5.59
CA GLY C 26 39.52 1.08 -5.44
C GLY C 26 39.02 0.13 -6.52
N ASN C 27 39.41 -1.13 -6.42
CA ASN C 27 38.88 -2.14 -7.33
C ASN C 27 37.39 -2.37 -7.08
N ARG C 28 37.04 -2.69 -5.84
CA ARG C 28 35.70 -3.14 -5.48
C ARG C 28 34.74 -2.01 -5.15
N TYR C 29 35.17 -0.75 -5.20
CA TYR C 29 34.26 0.34 -4.86
C TYR C 29 34.60 1.57 -5.71
N ARG C 30 33.57 2.20 -6.28
CA ARG C 30 33.70 3.50 -6.93
C ARG C 30 33.29 4.58 -5.94
N LEU C 31 34.11 5.60 -5.80
CA LEU C 31 33.80 6.68 -4.88
C LEU C 31 32.86 7.69 -5.54
N GLY C 32 31.86 8.13 -4.78
CA GLY C 32 30.93 9.13 -5.26
C GLY C 32 31.11 10.47 -4.56
N ARG C 33 30.03 11.24 -4.46
CA ARG C 33 30.12 12.59 -3.95
C ARG C 33 30.18 12.61 -2.42
N LYS C 34 30.85 13.63 -1.90
CA LYS C 34 30.92 13.84 -0.46
C LYS C 34 29.58 14.30 0.08
N ILE C 35 29.20 13.80 1.26
CA ILE C 35 27.90 14.12 1.85
C ILE C 35 28.02 14.71 3.24
N GLY C 36 29.21 14.71 3.83
CA GLY C 36 29.39 15.32 5.13
C GLY C 36 30.66 14.80 5.80
N SER C 37 30.68 14.92 7.13
CA SER C 37 31.79 14.47 7.94
C SER C 37 31.28 13.91 9.25
N GLY C 38 31.92 12.86 9.74
CA GLY C 38 31.64 12.30 11.04
C GLY C 38 32.52 12.93 12.10
N SER C 39 32.60 12.26 13.24
CA SER C 39 33.47 12.75 14.32
C SER C 39 34.90 12.88 13.84
N PHE C 40 35.40 11.91 13.07
CA PHE C 40 36.77 11.96 12.56
C PHE C 40 36.79 11.25 11.20
N GLY C 41 36.77 12.04 10.14
CA GLY C 41 36.86 11.55 8.77
C GLY C 41 35.79 12.15 7.90
N ASP C 42 35.86 11.82 6.61
CA ASP C 42 34.90 12.34 5.64
C ASP C 42 33.98 11.23 5.14
N ILE C 43 32.72 11.60 4.86
CA ILE C 43 31.69 10.67 4.46
C ILE C 43 31.33 10.93 3.00
N TYR C 44 31.25 9.86 2.21
CA TYR C 44 30.92 9.91 0.80
C TYR C 44 29.87 8.85 0.48
N LEU C 45 29.17 9.06 -0.62
CA LEU C 45 28.44 7.98 -1.26
C LEU C 45 29.38 7.17 -2.15
N GLY C 46 29.03 5.91 -2.37
CA GLY C 46 29.86 5.08 -3.23
C GLY C 46 29.06 3.94 -3.82
N THR C 47 29.71 3.24 -4.75
CA THR C 47 29.11 2.09 -5.41
C THR C 47 29.95 0.86 -5.11
N ASP C 48 29.36 -0.10 -4.41
CA ASP C 48 29.87 -1.47 -4.34
C ASP C 48 29.56 -2.12 -5.68
N ILE C 49 30.59 -2.29 -6.50
CA ILE C 49 30.41 -2.74 -7.88
C ILE C 49 30.13 -4.24 -7.91
N ALA C 50 30.76 -5.00 -7.01
CA ALA C 50 30.53 -6.43 -6.97
C ALA C 50 29.08 -6.74 -6.64
N ALA C 51 28.50 -6.00 -5.69
CA ALA C 51 27.11 -6.19 -5.30
C ALA C 51 26.15 -5.35 -6.14
N GLY C 52 26.66 -4.42 -6.94
CA GLY C 52 25.80 -3.49 -7.64
C GLY C 52 24.88 -2.78 -6.68
N GLU C 53 25.44 -2.21 -5.61
CA GLU C 53 24.65 -1.54 -4.59
C GLU C 53 25.31 -0.23 -4.22
N GLU C 54 24.51 0.76 -3.85
CA GLU C 54 25.07 1.98 -3.30
C GLU C 54 25.36 1.81 -1.82
N VAL C 55 26.50 2.32 -1.38
CA VAL C 55 26.95 2.20 0.00
C VAL C 55 27.39 3.60 0.47
N ALA C 56 27.70 3.69 1.76
CA ALA C 56 28.33 4.88 2.33
C ALA C 56 29.76 4.54 2.70
N ILE C 57 30.66 5.49 2.54
CA ILE C 57 32.10 5.25 2.70
C ILE C 57 32.69 6.35 3.57
N LYS C 58 33.43 5.94 4.60
CA LYS C 58 34.15 6.86 5.47
C LYS C 58 35.64 6.76 5.17
N LEU C 59 36.28 7.91 4.96
CA LEU C 59 37.68 8.00 4.60
C LEU C 59 38.46 8.74 5.67
N GLU C 60 39.67 8.24 5.94
CA GLU C 60 40.62 8.85 6.86
C GLU C 60 41.98 8.93 6.18
N CYS C 61 42.61 10.10 6.18
CA CYS C 61 43.94 10.21 5.61
C CYS C 61 44.91 9.29 6.38
N VAL C 62 45.61 8.42 5.65
CA VAL C 62 46.45 7.42 6.30
C VAL C 62 47.56 8.06 7.11
N LYS C 63 48.01 9.25 6.71
CA LYS C 63 49.06 9.95 7.43
C LYS C 63 48.51 10.91 8.47
N THR C 64 47.45 10.51 9.17
CA THR C 64 46.87 11.34 10.22
C THR C 64 47.68 11.21 11.50
N LYS C 65 47.66 12.27 12.31
CA LYS C 65 48.38 12.26 13.57
C LYS C 65 47.90 11.14 14.47
N HIS C 66 46.58 11.09 14.73
CA HIS C 66 45.97 10.10 15.62
C HIS C 66 45.00 9.26 14.80
N PRO C 67 45.44 8.14 14.25
CA PRO C 67 44.52 7.28 13.49
C PRO C 67 43.39 6.75 14.37
N GLN C 68 42.19 6.71 13.80
CA GLN C 68 40.99 6.35 14.55
C GLN C 68 40.04 5.42 13.81
N LEU C 69 40.11 5.32 12.48
CA LEU C 69 39.09 4.60 11.75
C LEU C 69 39.11 3.11 12.06
N HIS C 70 40.31 2.51 12.17
CA HIS C 70 40.41 1.09 12.46
C HIS C 70 39.80 0.76 13.82
N ILE C 71 40.10 1.57 14.83
CA ILE C 71 39.53 1.38 16.17
C ILE C 71 38.00 1.42 16.09
N GLU C 72 37.46 2.48 15.48
CA GLU C 72 36.02 2.59 15.35
C GLU C 72 35.44 1.36 14.64
N SER C 73 36.11 0.90 13.59
CA SER C 73 35.63 -0.28 12.87
C SER C 73 35.56 -1.47 13.79
N LYS C 74 36.54 -1.64 14.68
CA LYS C 74 36.46 -2.74 15.63
C LYS C 74 35.29 -2.57 16.60
N ILE C 75 34.97 -1.33 16.99
CA ILE C 75 33.79 -1.12 17.83
C ILE C 75 32.52 -1.51 17.09
N TYR C 76 32.38 -1.06 15.83
CA TYR C 76 31.24 -1.50 15.02
C TYR C 76 31.14 -3.01 14.98
N LYS C 77 32.27 -3.69 14.80
CA LYS C 77 32.23 -5.14 14.69
C LYS C 77 31.83 -5.76 16.03
N MET C 78 32.21 -5.13 17.13
CA MET C 78 31.77 -5.62 18.43
C MET C 78 30.26 -5.54 18.59
N MET C 79 29.62 -4.59 17.90
CA MET C 79 28.17 -4.38 17.97
C MET C 79 27.38 -5.21 16.95
N GLN C 80 28.05 -5.87 16.01
CA GLN C 80 27.36 -6.43 14.85
C GLN C 80 26.25 -7.38 15.26
N GLY C 81 25.15 -7.33 14.50
CA GLY C 81 24.01 -8.20 14.74
C GLY C 81 22.94 -7.62 15.61
N GLY C 82 23.23 -6.57 16.38
CA GLY C 82 22.22 -5.96 17.21
C GLY C 82 21.18 -5.22 16.39
N VAL C 83 19.98 -5.09 16.97
CA VAL C 83 18.92 -4.34 16.32
C VAL C 83 19.39 -2.91 16.09
N GLY C 84 19.20 -2.41 14.87
CA GLY C 84 19.55 -1.04 14.57
C GLY C 84 21.03 -0.74 14.59
N ILE C 85 21.88 -1.75 14.44
CA ILE C 85 23.31 -1.56 14.34
C ILE C 85 23.68 -1.72 12.87
N PRO C 86 24.30 -0.71 12.23
CA PRO C 86 24.69 -0.87 10.83
C PRO C 86 25.80 -1.89 10.67
N THR C 87 25.85 -2.49 9.47
CA THR C 87 26.89 -3.44 9.12
C THR C 87 28.04 -2.73 8.41
N ILE C 88 29.27 -3.20 8.68
CA ILE C 88 30.48 -2.52 8.24
C ILE C 88 31.39 -3.50 7.51
N ARG C 89 32.30 -2.94 6.70
CA ARG C 89 33.42 -3.69 6.15
C ARG C 89 34.63 -2.75 6.15
N TRP C 90 35.60 -3.01 7.03
CA TRP C 90 36.84 -2.24 7.02
C TRP C 90 37.78 -2.85 5.99
N CYS C 91 38.08 -2.07 4.94
CA CYS C 91 38.92 -2.55 3.85
C CYS C 91 40.39 -2.22 4.04
N GLY C 92 40.74 -1.46 5.06
CA GLY C 92 42.13 -1.07 5.26
C GLY C 92 42.52 0.13 4.43
N ALA C 93 43.74 0.13 3.90
CA ALA C 93 44.28 1.29 3.21
C ALA C 93 44.21 1.10 1.69
N GLU C 94 43.70 2.12 1.01
CA GLU C 94 43.79 2.25 -0.43
C GLU C 94 44.34 3.65 -0.73
N GLY C 95 45.37 3.72 -1.55
CA GLY C 95 45.99 5.00 -1.83
C GLY C 95 46.37 5.71 -0.54
N ASP C 96 45.98 6.97 -0.43
CA ASP C 96 46.29 7.80 0.71
C ASP C 96 45.22 7.75 1.81
N TYR C 97 44.32 6.76 1.78
CA TYR C 97 43.19 6.77 2.69
C TYR C 97 42.93 5.39 3.27
N ASN C 98 42.67 5.34 4.57
CA ASN C 98 41.98 4.22 5.18
C ASN C 98 40.49 4.35 4.92
N VAL C 99 39.85 3.21 4.66
CA VAL C 99 38.50 3.16 4.12
C VAL C 99 37.63 2.26 5.00
N MET C 100 36.44 2.73 5.33
CA MET C 100 35.42 1.91 5.97
C MET C 100 34.14 2.01 5.15
N VAL C 101 33.51 0.87 4.87
CA VAL C 101 32.30 0.82 4.06
C VAL C 101 31.13 0.39 4.92
N MET C 102 30.02 1.13 4.84
CA MET C 102 28.80 0.85 5.59
C MET C 102 27.62 0.71 4.63
N GLU C 103 26.69 -0.17 5.01
CA GLU C 103 25.43 -0.27 4.30
C GLU C 103 24.75 1.10 4.27
N LEU C 104 24.13 1.42 3.14
CA LEU C 104 23.46 2.70 3.01
C LEU C 104 22.24 2.75 3.93
N LEU C 105 22.08 3.88 4.60
CA LEU C 105 20.94 4.13 5.48
C LEU C 105 20.21 5.39 5.02
N GLY C 106 19.10 5.67 5.69
CA GLY C 106 18.24 6.77 5.31
C GLY C 106 18.56 8.07 6.03
N PRO C 107 17.59 8.98 6.08
CA PRO C 107 17.83 10.29 6.68
C PRO C 107 18.04 10.19 8.19
N SER C 108 18.69 11.22 8.73
CA SER C 108 18.87 11.32 10.17
C SER C 108 17.62 11.89 10.82
N LEU C 109 17.54 11.74 12.14
CA LEU C 109 16.41 12.32 12.87
C LEU C 109 16.43 13.84 12.83
N GLU C 110 17.59 14.47 12.63
CA GLU C 110 17.63 15.91 12.45
C GLU C 110 17.05 16.30 11.09
N ASP C 111 17.45 15.59 10.04
CA ASP C 111 16.85 15.80 8.73
C ASP C 111 15.33 15.73 8.80
N LEU C 112 14.82 14.67 9.43
CA LEU C 112 13.37 14.46 9.48
C LEU C 112 12.71 15.47 10.41
N PHE C 113 13.41 15.90 11.46
CA PHE C 113 12.89 16.96 12.32
C PHE C 113 12.68 18.24 11.53
N ASN C 114 13.67 18.62 10.71
CA ASN C 114 13.51 19.80 9.86
C ASN C 114 12.43 19.58 8.81
N PHE C 115 12.32 18.37 8.27
CA PHE C 115 11.26 18.07 7.33
C PHE C 115 9.88 18.26 7.94
N CYS C 116 9.74 18.00 9.24
CA CYS C 116 8.49 18.20 9.95
C CYS C 116 8.38 19.59 10.58
N SER C 117 9.14 20.57 10.07
CA SER C 117 9.09 21.94 10.57
C SER C 117 9.47 22.01 12.06
N ARG C 118 10.38 21.14 12.48
CA ARG C 118 11.00 21.23 13.81
C ARG C 118 9.96 21.07 14.92
N LYS C 119 9.07 20.10 14.76
CA LYS C 119 8.11 19.74 15.81
C LYS C 119 7.66 18.31 15.55
N PHE C 120 7.81 17.45 16.56
CA PHE C 120 7.30 16.09 16.52
C PHE C 120 6.09 15.96 17.44
N SER C 121 5.09 15.19 17.01
CA SER C 121 3.97 14.88 17.87
C SER C 121 4.41 14.00 19.03
N LEU C 122 3.59 13.97 20.08
CA LEU C 122 3.91 13.14 21.24
C LEU C 122 4.06 11.67 20.84
N LYS C 123 3.19 11.19 19.95
CA LYS C 123 3.27 9.80 19.52
C LYS C 123 4.65 9.47 18.95
N THR C 124 5.12 10.31 18.01
CA THR C 124 6.42 10.07 17.40
C THR C 124 7.54 10.13 18.42
N VAL C 125 7.47 11.12 19.34
CA VAL C 125 8.50 11.24 20.36
C VAL C 125 8.57 9.98 21.21
N LEU C 126 7.40 9.41 21.56
CA LEU C 126 7.40 8.25 22.45
C LEU C 126 7.86 6.97 21.73
N LEU C 127 7.45 6.79 20.47
CA LEU C 127 7.95 5.66 19.69
C LEU C 127 9.48 5.72 19.57
N LEU C 128 9.99 6.90 19.20
CA LEU C 128 11.43 7.09 19.14
C LEU C 128 12.08 6.81 20.48
N ALA C 129 11.46 7.28 21.57
CA ALA C 129 12.04 7.07 22.89
C ALA C 129 12.23 5.59 23.18
N ASP C 130 11.22 4.77 22.86
CA ASP C 130 11.37 3.35 23.15
C ASP C 130 12.53 2.76 22.35
N GLN C 131 12.60 3.07 21.05
CA GLN C 131 13.69 2.50 20.26
C GLN C 131 15.05 2.98 20.76
N MET C 132 15.16 4.26 21.09
CA MET C 132 16.46 4.84 21.39
C MET C 132 16.96 4.38 22.76
N ILE C 133 16.06 4.29 23.75
CA ILE C 133 16.45 3.73 25.03
C ILE C 133 17.01 2.33 24.84
N SER C 134 16.32 1.51 24.03
CA SER C 134 16.80 0.13 23.90
C SER C 134 18.11 0.07 23.11
N ARG C 135 18.27 0.93 22.11
CA ARG C 135 19.52 0.98 21.35
C ARG C 135 20.70 1.31 22.27
N ILE C 136 20.55 2.36 23.09
CA ILE C 136 21.61 2.74 24.01
C ILE C 136 21.89 1.60 24.98
N GLU C 137 20.83 0.97 25.49
CA GLU C 137 21.05 -0.18 26.37
C GLU C 137 21.88 -1.26 25.70
N TYR C 138 21.63 -1.51 24.41
CA TYR C 138 22.41 -2.54 23.72
C TYR C 138 23.89 -2.16 23.68
N ILE C 139 24.18 -0.90 23.30
CA ILE C 139 25.58 -0.47 23.29
C ILE C 139 26.21 -0.69 24.67
N HIS C 140 25.49 -0.30 25.73
CA HIS C 140 26.03 -0.45 27.08
C HIS C 140 26.23 -1.92 27.42
N SER C 141 25.35 -2.80 26.96
CA SER C 141 25.51 -4.21 27.21
C SER C 141 26.74 -4.76 26.52
N LYS C 142 27.21 -4.12 25.45
CA LYS C 142 28.47 -4.51 24.83
C LYS C 142 29.68 -3.76 25.41
N ASN C 143 29.55 -3.16 26.59
CA ASN C 143 30.66 -2.62 27.38
C ASN C 143 31.14 -1.25 26.90
N PHE C 144 30.37 -0.54 26.08
CA PHE C 144 30.76 0.77 25.58
C PHE C 144 29.71 1.82 25.93
N ILE C 145 30.16 3.07 26.03
CA ILE C 145 29.29 4.23 26.08
C ILE C 145 29.51 5.04 24.80
N HIS C 146 28.43 5.66 24.31
CA HIS C 146 28.48 6.31 23.01
C HIS C 146 29.10 7.70 23.11
N ARG C 147 28.64 8.51 24.05
CA ARG C 147 29.22 9.81 24.39
C ARG C 147 28.95 10.88 23.34
N ASP C 148 28.08 10.63 22.37
CA ASP C 148 27.73 11.65 21.38
C ASP C 148 26.27 11.44 20.94
N VAL C 149 25.38 11.29 21.90
CA VAL C 149 23.96 11.07 21.60
C VAL C 149 23.34 12.38 21.12
N LYS C 150 22.89 12.40 19.87
CA LYS C 150 22.29 13.58 19.28
C LYS C 150 21.53 13.16 18.04
N PRO C 151 20.57 13.98 17.58
CA PRO C 151 19.73 13.56 16.45
C PRO C 151 20.49 13.21 15.19
N ASP C 152 21.63 13.87 14.92
CA ASP C 152 22.39 13.59 13.71
C ASP C 152 22.94 12.17 13.67
N ASN C 153 23.07 11.51 14.83
CA ASN C 153 23.67 10.18 14.90
C ASN C 153 22.64 9.07 14.96
N PHE C 154 21.37 9.36 14.64
CA PHE C 154 20.34 8.36 14.51
C PHE C 154 19.75 8.47 13.11
N LEU C 155 19.83 7.37 12.35
CA LEU C 155 19.39 7.32 10.96
C LEU C 155 18.32 6.28 10.79
N MET C 156 17.29 6.59 9.99
CA MET C 156 16.27 5.61 9.68
C MET C 156 16.78 4.64 8.63
N GLY C 157 16.28 3.41 8.68
CA GLY C 157 16.58 2.42 7.67
C GLY C 157 15.94 2.75 6.34
N LEU C 158 16.25 1.93 5.35
CA LEU C 158 15.73 2.09 4.00
C LEU C 158 14.67 1.03 3.69
N GLY C 159 13.76 1.40 2.81
CA GLY C 159 12.77 0.46 2.30
C GLY C 159 11.93 -0.10 3.44
N LYS C 160 11.87 -1.44 3.51
CA LYS C 160 11.09 -2.13 4.51
C LYS C 160 11.65 -1.97 5.92
N LYS C 161 12.86 -1.41 6.04
CA LYS C 161 13.46 -1.11 7.33
C LYS C 161 13.28 0.37 7.69
N GLY C 162 12.37 1.05 6.98
CA GLY C 162 12.19 2.48 7.14
C GLY C 162 11.68 2.92 8.50
N ASN C 163 11.12 1.99 9.28
CA ASN C 163 10.63 2.32 10.61
C ASN C 163 11.63 2.02 11.71
N LEU C 164 12.82 1.54 11.38
CA LEU C 164 13.82 1.16 12.37
C LEU C 164 14.84 2.28 12.53
N VAL C 165 15.10 2.66 13.77
CA VAL C 165 16.08 3.69 14.09
C VAL C 165 17.43 3.02 14.33
N TYR C 166 18.42 3.37 13.52
CA TYR C 166 19.80 2.94 13.67
C TYR C 166 20.60 4.04 14.39
N ILE C 167 21.64 3.62 15.10
CA ILE C 167 22.60 4.54 15.71
C ILE C 167 23.92 4.40 14.96
N ILE C 168 24.61 5.52 14.75
CA ILE C 168 25.87 5.55 14.02
C ILE C 168 26.92 6.31 14.81
N ASP C 169 28.17 6.17 14.34
CA ASP C 169 29.31 6.97 14.78
C ASP C 169 29.77 6.58 16.18
N PHE C 170 30.80 5.73 16.23
CA PHE C 170 31.46 5.36 17.48
C PHE C 170 32.84 5.98 17.60
N GLY C 171 33.08 7.09 16.88
CA GLY C 171 34.39 7.71 16.90
C GLY C 171 34.75 8.29 18.26
N LEU C 172 33.74 8.65 19.05
CA LEU C 172 33.95 9.14 20.41
C LEU C 172 33.58 8.13 21.48
N ALA C 173 33.20 6.91 21.09
CA ALA C 173 32.79 5.91 22.05
C ALA C 173 33.98 5.46 22.89
N LYS C 174 33.67 4.89 24.06
CA LYS C 174 34.69 4.50 25.01
C LYS C 174 34.21 3.27 25.77
N LYS C 175 35.13 2.35 26.02
CA LYS C 175 34.83 1.20 26.85
C LYS C 175 34.76 1.64 28.31
N TYR C 176 33.64 1.34 28.98
CA TYR C 176 33.41 1.79 30.34
C TYR C 176 33.56 0.68 31.37
N ARG C 177 33.68 -0.58 30.95
CA ARG C 177 33.85 -1.67 31.91
C ARG C 177 34.61 -2.80 31.23
N ASP C 178 35.29 -3.60 32.04
CA ASP C 178 36.03 -4.75 31.53
C ASP C 178 35.06 -5.82 31.03
N ALA C 179 35.37 -6.41 29.89
CA ALA C 179 34.47 -7.39 29.30
C ALA C 179 34.29 -8.60 30.21
N ARG C 180 35.37 -9.05 30.84
CA ARG C 180 35.32 -10.26 31.66
C ARG C 180 34.78 -9.96 33.07
N THR C 181 35.37 -8.98 33.75
CA THR C 181 35.05 -8.73 35.15
C THR C 181 33.90 -7.73 35.33
N HIS C 182 33.58 -6.95 34.31
CA HIS C 182 32.63 -5.84 34.43
C HIS C 182 33.10 -4.78 35.42
N GLN C 183 34.40 -4.71 35.64
CA GLN C 183 34.97 -3.65 36.48
C GLN C 183 34.82 -2.31 35.80
N HIS C 184 34.09 -1.41 36.44
CA HIS C 184 33.84 -0.08 35.88
C HIS C 184 35.12 0.76 35.90
N ILE C 185 35.24 1.63 34.91
CA ILE C 185 36.41 2.51 34.83
C ILE C 185 36.36 3.49 36.02
N PRO C 186 37.49 4.06 36.43
CA PRO C 186 37.50 4.88 37.64
C PRO C 186 36.92 6.28 37.43
N TYR C 187 36.42 6.84 38.53
CA TYR C 187 35.99 8.23 38.55
C TYR C 187 37.17 9.16 38.31
N ARG C 188 36.96 10.15 37.44
CA ARG C 188 37.97 11.14 37.12
C ARG C 188 37.29 12.46 36.83
N GLU C 189 38.04 13.54 36.99
CA GLU C 189 37.59 14.89 36.69
C GLU C 189 38.53 15.52 35.66
N ASN C 190 38.27 16.78 35.34
CA ASN C 190 39.10 17.56 34.42
C ASN C 190 39.08 16.98 33.01
N LYS C 191 37.96 16.39 32.60
CA LYS C 191 37.84 15.87 31.24
C LYS C 191 37.27 16.93 30.33
N ASN C 192 37.83 17.04 29.13
CA ASN C 192 37.30 17.95 28.13
C ASN C 192 36.01 17.40 27.54
N LEU C 193 35.15 18.31 27.12
CA LEU C 193 33.88 17.91 26.51
C LEU C 193 34.17 17.28 25.16
N THR C 194 33.77 16.01 25.01
CA THR C 194 33.99 15.24 23.78
C THR C 194 32.62 14.91 23.20
N GLY C 195 32.03 15.88 22.52
CA GLY C 195 30.71 15.71 21.95
C GLY C 195 30.07 17.07 21.72
N THR C 196 28.76 17.04 21.53
CA THR C 196 28.00 18.26 21.31
C THR C 196 27.67 18.91 22.64
N ALA C 197 27.77 20.25 22.67
CA ALA C 197 27.47 20.97 23.90
C ALA C 197 25.97 21.00 24.17
N ARG C 198 25.16 21.09 23.13
CA ARG C 198 23.71 21.26 23.30
C ARG C 198 23.10 20.12 24.09
N TYR C 199 23.52 18.89 23.83
CA TYR C 199 22.90 17.71 24.44
C TYR C 199 23.77 17.10 25.54
N ALA C 200 24.89 17.73 25.89
CA ALA C 200 25.76 17.18 26.91
C ALA C 200 25.07 17.20 28.28
N SER C 201 25.40 16.20 29.10
CA SER C 201 24.90 16.14 30.47
C SER C 201 25.57 17.22 31.32
N ILE C 202 24.93 17.55 32.44
CA ILE C 202 25.50 18.54 33.36
C ILE C 202 26.86 18.08 33.86
N ASN C 203 26.99 16.79 34.21
CA ASN C 203 28.28 16.31 34.71
C ASN C 203 29.34 16.35 33.63
N THR C 204 28.96 16.22 32.35
CA THR C 204 29.93 16.38 31.27
C THR C 204 30.45 17.81 31.23
N HIS C 205 29.56 18.79 31.37
CA HIS C 205 29.99 20.19 31.45
C HIS C 205 30.96 20.42 32.61
N LEU C 206 30.76 19.71 33.73
CA LEU C 206 31.64 19.86 34.87
C LEU C 206 32.94 19.08 34.75
N GLY C 207 33.17 18.40 33.64
CA GLY C 207 34.41 17.69 33.45
C GLY C 207 34.47 16.32 34.09
N ILE C 208 33.35 15.75 34.48
CA ILE C 208 33.32 14.43 35.08
C ILE C 208 33.43 13.38 33.98
N GLU C 209 34.19 12.32 34.25
CA GLU C 209 34.25 11.20 33.32
C GLU C 209 32.83 10.71 33.01
N GLN C 210 32.54 10.56 31.72
CA GLN C 210 31.21 10.14 31.30
C GLN C 210 30.99 8.65 31.56
N SER C 211 29.74 8.29 31.79
CA SER C 211 29.33 6.92 31.99
C SER C 211 27.92 6.74 31.40
N ARG C 212 27.30 5.60 31.71
CA ARG C 212 26.02 5.25 31.09
C ARG C 212 24.96 6.33 31.35
N ARG C 213 24.91 6.84 32.58
CA ARG C 213 23.93 7.84 32.95
C ARG C 213 23.96 9.02 32.00
N ASP C 214 25.14 9.36 31.47
CA ASP C 214 25.27 10.55 30.64
C ASP C 214 24.69 10.32 29.24
N ASP C 215 24.89 9.12 28.67
CA ASP C 215 24.20 8.79 27.44
C ASP C 215 22.70 8.95 27.62
N LEU C 216 22.16 8.44 28.72
CA LEU C 216 20.70 8.52 28.88
C LEU C 216 20.23 9.95 29.11
N GLU C 217 20.98 10.74 29.88
CA GLU C 217 20.59 12.14 30.08
C GLU C 217 20.60 12.90 28.77
N SER C 218 21.64 12.71 27.95
CA SER C 218 21.66 13.31 26.63
C SER C 218 20.41 12.93 25.85
N LEU C 219 20.02 11.64 25.89
CA LEU C 219 18.78 11.26 25.22
C LEU C 219 17.60 12.07 25.74
N GLY C 220 17.55 12.28 27.06
CA GLY C 220 16.47 13.08 27.62
C GLY C 220 16.41 14.47 27.00
N TYR C 221 17.56 15.14 26.87
CA TYR C 221 17.57 16.45 26.23
C TYR C 221 17.16 16.34 24.77
N VAL C 222 17.51 15.25 24.09
CA VAL C 222 17.08 15.07 22.70
C VAL C 222 15.56 15.01 22.64
N LEU C 223 14.93 14.26 23.54
CA LEU C 223 13.48 14.13 23.52
C LEU C 223 12.80 15.47 23.79
N MET C 224 13.29 16.22 24.79
CA MET C 224 12.69 17.53 25.02
C MET C 224 12.95 18.48 23.85
N TYR C 225 14.09 18.33 23.18
CA TYR C 225 14.34 19.09 21.96
C TYR C 225 13.30 18.79 20.90
N PHE C 226 12.96 17.52 20.70
CA PHE C 226 11.89 17.17 19.77
C PHE C 226 10.55 17.76 20.20
N ASN C 227 10.29 17.82 21.51
CA ASN C 227 9.01 18.36 21.98
C ASN C 227 8.93 19.86 21.77
N LEU C 228 10.01 20.58 22.00
CA LEU C 228 9.99 22.04 22.05
C LEU C 228 10.35 22.72 20.74
N GLY C 229 11.13 22.07 19.88
CA GLY C 229 11.69 22.71 18.72
C GLY C 229 13.05 23.33 18.95
N SER C 230 13.39 23.59 20.21
CA SER C 230 14.71 24.11 20.57
C SER C 230 14.85 24.01 22.07
N LEU C 231 16.10 24.01 22.54
CA LEU C 231 16.34 23.97 23.97
C LEU C 231 16.68 25.36 24.49
N PRO C 232 16.39 25.66 25.76
CA PRO C 232 16.58 27.02 26.27
C PRO C 232 18.04 27.49 26.29
N TRP C 233 19.00 26.58 26.12
CA TRP C 233 20.40 26.96 26.04
C TRP C 233 20.90 27.05 24.59
N GLN C 234 19.99 27.07 23.63
CA GLN C 234 20.34 27.33 22.24
C GLN C 234 20.36 28.82 21.96
N GLY C 235 21.18 29.20 20.98
CA GLY C 235 21.25 30.59 20.55
C GLY C 235 21.82 31.54 21.59
N LEU C 236 22.82 31.09 22.35
CA LEU C 236 23.56 31.97 23.25
C LEU C 236 24.80 32.49 22.54
N LYS C 237 25.09 33.77 22.74
CA LYS C 237 26.15 34.44 22.02
C LYS C 237 27.40 34.58 22.88
N ALA C 238 28.56 34.36 22.25
CA ALA C 238 29.85 34.62 22.87
C ALA C 238 30.93 34.43 21.83
N ALA C 239 32.02 35.20 21.97
CA ALA C 239 33.12 35.14 21.02
C ALA C 239 33.86 33.81 21.13
N THR C 240 34.66 33.65 22.17
CA THR C 240 35.37 32.40 22.41
C THR C 240 34.40 31.23 22.38
N LYS C 241 34.82 30.13 21.74
CA LYS C 241 34.03 28.91 21.79
C LYS C 241 33.89 28.42 23.23
N ARG C 242 35.00 28.43 23.98
CA ARG C 242 34.95 28.07 25.39
C ARG C 242 33.89 28.89 26.13
N GLN C 243 33.82 30.19 25.85
CA GLN C 243 32.83 31.04 26.50
C GLN C 243 31.41 30.57 26.18
N LYS C 244 31.17 30.17 24.92
CA LYS C 244 29.85 29.66 24.57
C LYS C 244 29.53 28.37 25.32
N TYR C 245 30.52 27.47 25.43
CA TYR C 245 30.30 26.27 26.23
C TYR C 245 30.00 26.62 27.68
N GLU C 246 30.61 27.68 28.20
CA GLU C 246 30.36 28.08 29.58
C GLU C 246 28.95 28.65 29.74
N ARG C 247 28.50 29.47 28.78
CA ARG C 247 27.14 30.00 28.86
C ARG C 247 26.11 28.88 28.76
N ILE C 248 26.31 27.95 27.81
CA ILE C 248 25.44 26.78 27.74
C ILE C 248 25.41 26.06 29.08
N SER C 249 26.59 25.80 29.64
CA SER C 249 26.65 25.11 30.93
C SER C 249 25.83 25.84 31.99
N GLU C 250 26.03 27.15 32.10
CA GLU C 250 25.36 27.94 33.13
C GLU C 250 23.85 27.93 32.94
N LYS C 251 23.39 28.16 31.71
CA LYS C 251 21.95 28.15 31.45
C LYS C 251 21.35 26.78 31.75
N LYS C 252 22.07 25.72 31.38
CA LYS C 252 21.57 24.38 31.61
C LYS C 252 21.45 24.08 33.09
N MET C 253 22.41 24.52 33.90
CA MET C 253 22.34 24.28 35.34
C MET C 253 21.39 25.23 36.07
N SER C 254 21.05 26.37 35.47
CA SER C 254 20.14 27.32 36.10
C SER C 254 18.70 27.11 35.65
N THR C 255 18.45 26.17 34.74
CA THR C 255 17.10 25.86 34.29
C THR C 255 16.64 24.59 34.98
N PRO C 256 15.81 24.66 36.02
CA PRO C 256 15.33 23.43 36.64
C PRO C 256 14.53 22.58 35.65
N ILE C 257 14.59 21.26 35.87
CA ILE C 257 13.95 20.31 34.97
C ILE C 257 12.46 20.61 34.85
N GLU C 258 11.83 21.01 35.95
CA GLU C 258 10.39 21.28 35.91
C GLU C 258 10.09 22.51 35.07
N VAL C 259 11.03 23.45 34.96
CA VAL C 259 10.87 24.58 34.05
C VAL C 259 11.10 24.14 32.61
N LEU C 260 12.16 23.36 32.37
CA LEU C 260 12.45 22.88 31.03
C LEU C 260 11.26 22.11 30.45
N CYS C 261 10.63 21.27 31.25
CA CYS C 261 9.59 20.36 30.79
C CYS C 261 8.18 20.89 31.00
N LYS C 262 8.04 22.14 31.43
CA LYS C 262 6.72 22.69 31.71
C LYS C 262 5.83 22.61 30.47
N GLY C 263 4.57 22.23 30.69
CA GLY C 263 3.62 22.10 29.61
C GLY C 263 3.70 20.79 28.86
N TYR C 264 4.50 19.85 29.31
CA TYR C 264 4.60 18.53 28.71
C TYR C 264 4.43 17.48 29.77
N PRO C 265 4.07 16.25 29.39
CA PRO C 265 3.81 15.20 30.38
C PRO C 265 4.96 15.07 31.37
N SER C 266 4.60 14.85 32.64
CA SER C 266 5.58 14.78 33.71
C SER C 266 6.62 13.68 33.46
N GLU C 267 6.31 12.70 32.62
CA GLU C 267 7.23 11.58 32.40
C GLU C 267 8.58 12.04 31.89
N PHE C 268 8.61 13.13 31.13
CA PHE C 268 9.90 13.62 30.62
C PHE C 268 10.75 14.17 31.75
N ALA C 269 10.13 14.88 32.69
CA ALA C 269 10.85 15.37 33.86
C ALA C 269 11.26 14.22 34.77
N THR C 270 10.38 13.23 34.95
CA THR C 270 10.76 12.05 35.74
C THR C 270 11.96 11.35 35.13
N TYR C 271 11.97 11.19 33.81
CA TYR C 271 13.11 10.59 33.12
C TYR C 271 14.38 11.36 33.41
N LEU C 272 14.37 12.68 33.17
CA LEU C 272 15.59 13.45 33.34
C LEU C 272 16.06 13.45 34.80
N ASN C 273 15.12 13.56 35.74
CA ASN C 273 15.49 13.50 37.15
C ASN C 273 16.12 12.16 37.50
N PHE C 274 15.55 11.07 36.98
CA PHE C 274 16.11 9.75 37.24
C PHE C 274 17.54 9.67 36.72
N CYS C 275 17.77 10.17 35.50
CA CYS C 275 19.12 10.10 34.94
C CYS C 275 20.10 10.95 35.72
N ARG C 276 19.70 12.16 36.12
CA ARG C 276 20.60 13.04 36.85
C ARG C 276 20.91 12.52 38.25
N SER C 277 20.11 11.60 38.77
CA SER C 277 20.31 11.08 40.12
C SER C 277 21.16 9.81 40.17
N LEU C 278 21.53 9.25 39.02
CA LEU C 278 22.33 8.03 39.01
C LEU C 278 23.74 8.30 39.51
N ARG C 279 24.28 7.34 40.26
CA ARG C 279 25.69 7.38 40.63
C ARG C 279 26.56 7.21 39.38
N PHE C 280 27.84 7.52 39.55
CA PHE C 280 28.80 7.41 38.46
C PHE C 280 28.76 6.03 37.80
N ASP C 281 28.81 4.97 38.61
CA ASP C 281 28.88 3.60 38.09
C ASP C 281 27.58 2.82 38.23
N ASP C 282 26.46 3.49 38.51
CA ASP C 282 25.17 2.80 38.55
C ASP C 282 24.82 2.22 37.18
N LYS C 283 24.24 1.03 37.19
CA LYS C 283 23.58 0.50 36.01
C LYS C 283 22.17 1.09 35.91
N PRO C 284 21.84 1.83 34.85
CA PRO C 284 20.49 2.40 34.75
C PRO C 284 19.43 1.30 34.70
N ASP C 285 18.25 1.63 35.22
CA ASP C 285 17.09 0.75 35.11
C ASP C 285 16.37 1.08 33.81
N TYR C 286 16.87 0.51 32.71
CA TYR C 286 16.34 0.83 31.39
C TYR C 286 14.86 0.48 31.29
N SER C 287 14.44 -0.63 31.89
CA SER C 287 13.05 -1.06 31.76
C SER C 287 12.11 -0.11 32.49
N TYR C 288 12.53 0.46 33.62
CA TYR C 288 11.72 1.47 34.28
C TYR C 288 11.49 2.66 33.36
N LEU C 289 12.57 3.12 32.71
CA LEU C 289 12.46 4.28 31.82
C LEU C 289 11.57 3.98 30.63
N ARG C 290 11.74 2.80 30.01
CA ARG C 290 10.84 2.41 28.93
C ARG C 290 9.39 2.37 29.41
N GLN C 291 9.17 1.87 30.63
CA GLN C 291 7.81 1.69 31.12
C GLN C 291 7.12 3.03 31.37
N LEU C 292 7.86 4.03 31.88
CA LEU C 292 7.31 5.37 32.00
C LEU C 292 6.62 5.79 30.71
N PHE C 293 7.39 5.80 29.62
CA PHE C 293 6.90 6.31 28.35
C PHE C 293 5.86 5.37 27.75
N ARG C 294 5.97 4.07 28.02
CA ARG C 294 4.98 3.12 27.49
C ARG C 294 3.61 3.38 28.12
N ASN C 295 3.57 3.56 29.44
CA ASN C 295 2.30 3.83 30.10
C ASN C 295 1.71 5.16 29.62
N LEU C 296 2.53 6.22 29.59
CA LEU C 296 2.07 7.48 29.03
C LEU C 296 1.49 7.26 27.63
N PHE C 297 2.24 6.56 26.78
CA PHE C 297 1.79 6.26 25.42
C PHE C 297 0.41 5.62 25.43
N HIS C 298 0.18 4.69 26.34
CA HIS C 298 -1.08 3.96 26.37
C HIS C 298 -2.24 4.74 26.97
N ARG C 299 -2.00 5.90 27.57
CA ARG C 299 -3.10 6.69 28.09
C ARG C 299 -3.65 7.74 27.13
N GLN C 300 -3.12 7.86 25.91
CA GLN C 300 -3.49 8.98 25.04
C GLN C 300 -4.67 8.71 24.12
N GLY C 301 -5.02 7.45 23.88
CA GLY C 301 -6.01 7.15 22.87
C GLY C 301 -5.49 7.26 21.46
N PHE C 302 -4.20 7.03 21.25
CA PHE C 302 -3.64 6.98 19.91
C PHE C 302 -4.22 5.79 19.13
N SER C 303 -4.17 5.90 17.81
CA SER C 303 -4.20 4.71 16.98
C SER C 303 -2.83 4.04 17.07
N TYR C 304 -2.82 2.71 17.15
CA TYR C 304 -1.58 1.97 17.37
C TYR C 304 -0.99 1.44 16.06
N ASP C 305 -1.24 2.12 14.94
CA ASP C 305 -0.43 1.90 13.75
C ASP C 305 0.92 2.55 13.93
N TYR C 306 1.97 1.87 13.48
CA TYR C 306 3.34 2.31 13.73
C TYR C 306 3.76 3.25 12.61
N VAL C 307 3.38 4.53 12.76
CA VAL C 307 3.58 5.53 11.73
C VAL C 307 4.19 6.78 12.37
N PHE C 308 5.31 7.23 11.82
CA PHE C 308 5.97 8.43 12.29
C PHE C 308 5.41 9.67 11.59
N ASP C 309 5.63 10.83 12.21
CA ASP C 309 5.08 12.06 11.64
C ASP C 309 5.46 12.22 10.17
N TRP C 310 6.72 11.98 9.83
CA TRP C 310 7.20 12.33 8.49
C TRP C 310 6.56 11.48 7.40
N ASN C 311 5.93 10.36 7.75
CA ASN C 311 5.18 9.55 6.80
C ASN C 311 3.70 9.87 6.78
N MET C 312 3.32 11.03 7.33
CA MET C 312 1.93 11.48 7.40
C MET C 312 1.72 12.86 6.77
N LEU C 313 2.59 13.28 5.84
CA LEU C 313 2.48 14.62 5.29
C LEU C 313 2.22 14.53 3.77
N ARG D 28 27.14 -25.98 -2.78
CA ARG D 28 26.71 -24.70 -2.26
C ARG D 28 25.19 -24.63 -2.15
N TYR D 29 24.53 -25.79 -2.24
CA TYR D 29 23.09 -25.86 -2.24
C TYR D 29 22.61 -27.00 -1.34
N ARG D 30 21.52 -26.75 -0.63
CA ARG D 30 20.79 -27.77 0.11
C ARG D 30 19.50 -28.09 -0.65
N LEU D 31 19.17 -29.36 -0.76
CA LEU D 31 17.99 -29.76 -1.51
C LEU D 31 16.77 -29.80 -0.60
N GLY D 32 15.66 -29.27 -1.11
CA GLY D 32 14.41 -29.28 -0.37
C GLY D 32 13.40 -30.22 -0.98
N ARG D 33 12.11 -29.92 -0.83
CA ARG D 33 11.08 -30.84 -1.25
C ARG D 33 10.82 -30.75 -2.75
N LYS D 34 10.44 -31.88 -3.33
CA LYS D 34 10.10 -31.93 -4.74
C LYS D 34 8.76 -31.24 -4.99
N ILE D 35 8.67 -30.53 -6.11
CA ILE D 35 7.48 -29.73 -6.41
C ILE D 35 6.86 -30.07 -7.77
N GLY D 36 7.54 -30.89 -8.57
CA GLY D 36 6.95 -31.29 -9.83
C GLY D 36 8.00 -31.83 -10.80
N SER D 37 7.66 -31.75 -12.09
CA SER D 37 8.52 -32.21 -13.16
C SER D 37 8.42 -31.26 -14.34
N GLY D 38 9.55 -31.04 -15.01
CA GLY D 38 9.59 -30.27 -16.24
C GLY D 38 9.43 -31.16 -17.46
N SER D 39 9.84 -30.62 -18.61
CA SER D 39 9.80 -31.40 -19.84
C SER D 39 10.58 -32.70 -19.71
N PHE D 40 11.62 -32.74 -18.87
CA PHE D 40 12.32 -33.99 -18.60
C PHE D 40 12.67 -34.17 -17.13
N GLY D 41 13.49 -33.29 -16.58
CA GLY D 41 14.02 -33.47 -15.24
C GLY D 41 12.98 -33.24 -14.15
N ASP D 42 13.44 -33.39 -12.90
CA ASP D 42 12.58 -33.21 -11.74
C ASP D 42 12.89 -31.88 -11.05
N ILE D 43 11.86 -31.26 -10.50
CA ILE D 43 11.96 -29.93 -9.92
C ILE D 43 11.81 -30.03 -8.40
N TYR D 44 12.68 -29.32 -7.69
CA TYR D 44 12.69 -29.28 -6.23
C TYR D 44 12.84 -27.84 -5.78
N LEU D 45 12.43 -27.58 -4.54
CA LEU D 45 12.87 -26.38 -3.86
C LEU D 45 14.25 -26.61 -3.26
N GLY D 46 14.98 -25.53 -3.07
CA GLY D 46 16.32 -25.65 -2.50
C GLY D 46 16.76 -24.37 -1.82
N THR D 47 17.90 -24.46 -1.15
CA THR D 47 18.51 -23.34 -0.46
C THR D 47 19.89 -23.08 -1.06
N ASP D 48 20.07 -21.90 -1.64
CA ASP D 48 21.38 -21.34 -1.93
C ASP D 48 21.95 -20.87 -0.59
N ILE D 49 22.90 -21.65 -0.06
CA ILE D 49 23.43 -21.41 1.28
C ILE D 49 24.29 -20.15 1.29
N ALA D 50 25.12 -19.97 0.25
CA ALA D 50 26.00 -18.81 0.21
C ALA D 50 25.20 -17.52 0.21
N ALA D 51 24.11 -17.48 -0.55
CA ALA D 51 23.27 -16.29 -0.62
C ALA D 51 22.17 -16.27 0.44
N GLY D 52 21.97 -17.37 1.16
CA GLY D 52 20.86 -17.45 2.09
C GLY D 52 19.54 -17.16 1.38
N GLU D 53 19.29 -17.85 0.28
CA GLU D 53 18.08 -17.63 -0.51
C GLU D 53 17.45 -18.95 -0.89
N GLU D 54 16.13 -18.97 -0.98
CA GLU D 54 15.47 -20.15 -1.54
C GLU D 54 15.47 -20.06 -3.06
N VAL D 55 15.76 -21.18 -3.71
CA VAL D 55 15.87 -21.27 -5.15
C VAL D 55 15.05 -22.48 -5.62
N ALA D 56 14.95 -22.61 -6.94
CA ALA D 56 14.38 -23.80 -7.55
C ALA D 56 15.50 -24.57 -8.24
N ILE D 57 15.42 -25.89 -8.20
CA ILE D 57 16.50 -26.75 -8.66
C ILE D 57 15.91 -27.83 -9.58
N LYS D 58 16.52 -27.98 -10.76
CA LYS D 58 16.14 -29.02 -11.70
C LYS D 58 17.25 -30.07 -11.73
N LEU D 59 16.87 -31.34 -11.59
CA LEU D 59 17.79 -32.45 -11.53
C LEU D 59 17.55 -33.39 -12.72
N GLU D 60 18.66 -33.89 -13.26
CA GLU D 60 18.65 -34.89 -14.33
C GLU D 60 19.58 -36.03 -13.95
N CYS D 61 19.09 -37.26 -14.03
CA CYS D 61 19.95 -38.41 -13.75
C CYS D 61 21.11 -38.45 -14.75
N VAL D 62 22.34 -38.45 -14.24
CA VAL D 62 23.51 -38.38 -15.11
C VAL D 62 23.59 -39.59 -16.03
N LYS D 63 23.11 -40.75 -15.59
CA LYS D 63 23.15 -41.95 -16.42
C LYS D 63 21.84 -42.11 -17.20
N THR D 64 21.47 -41.08 -17.93
CA THR D 64 20.25 -41.06 -18.72
C THR D 64 20.56 -41.36 -20.18
N LYS D 65 19.55 -41.87 -20.89
CA LYS D 65 19.72 -42.23 -22.29
C LYS D 65 20.12 -41.02 -23.12
N HIS D 66 19.31 -39.97 -23.07
CA HIS D 66 19.52 -38.74 -23.84
C HIS D 66 19.71 -37.59 -22.87
N PRO D 67 20.95 -37.27 -22.48
CA PRO D 67 21.15 -36.12 -21.59
C PRO D 67 20.68 -34.83 -22.25
N GLN D 68 20.03 -33.98 -21.47
CA GLN D 68 19.36 -32.81 -22.02
C GLN D 68 19.51 -31.53 -21.19
N LEU D 69 19.87 -31.61 -19.92
CA LEU D 69 19.85 -30.42 -19.06
C LEU D 69 20.89 -29.39 -19.49
N HIS D 70 22.08 -29.85 -19.89
CA HIS D 70 23.14 -28.93 -20.29
C HIS D 70 22.71 -28.09 -21.50
N ILE D 71 22.10 -28.74 -22.49
CA ILE D 71 21.61 -28.03 -23.68
C ILE D 71 20.60 -26.96 -23.27
N GLU D 72 19.59 -27.35 -22.48
CA GLU D 72 18.58 -26.38 -22.04
C GLU D 72 19.23 -25.21 -21.32
N SER D 73 20.21 -25.50 -20.45
CA SER D 73 20.88 -24.42 -19.74
C SER D 73 21.54 -23.46 -20.72
N LYS D 74 22.14 -23.99 -21.80
CA LYS D 74 22.72 -23.09 -22.79
C LYS D 74 21.66 -22.23 -23.47
N ILE D 75 20.47 -22.79 -23.71
CA ILE D 75 19.40 -21.95 -24.28
C ILE D 75 19.01 -20.85 -23.31
N TYR D 76 18.81 -21.20 -22.03
CA TYR D 76 18.53 -20.16 -21.04
C TYR D 76 19.58 -19.07 -21.06
N LYS D 77 20.86 -19.45 -21.18
CA LYS D 77 21.92 -18.45 -21.13
C LYS D 77 21.87 -17.55 -22.37
N MET D 78 21.48 -18.10 -23.51
CA MET D 78 21.30 -17.25 -24.69
C MET D 78 20.15 -16.26 -24.49
N MET D 79 19.17 -16.59 -23.66
CA MET D 79 18.03 -15.71 -23.41
C MET D 79 18.27 -14.72 -22.27
N GLN D 80 19.34 -14.88 -21.51
CA GLN D 80 19.49 -14.14 -20.26
C GLN D 80 19.43 -12.63 -20.49
N GLY D 81 18.82 -11.93 -19.54
CA GLY D 81 18.70 -10.49 -19.59
C GLY D 81 17.41 -9.98 -20.20
N GLY D 82 16.69 -10.82 -20.94
CA GLY D 82 15.43 -10.41 -21.51
C GLY D 82 14.35 -10.23 -20.46
N VAL D 83 13.37 -9.39 -20.79
CA VAL D 83 12.23 -9.19 -19.90
C VAL D 83 11.54 -10.53 -19.68
N GLY D 84 11.29 -10.86 -18.42
CA GLY D 84 10.58 -12.09 -18.11
C GLY D 84 11.33 -13.36 -18.43
N ILE D 85 12.65 -13.31 -18.53
CA ILE D 85 13.49 -14.49 -18.71
C ILE D 85 14.11 -14.83 -17.36
N PRO D 86 13.90 -16.03 -16.83
CA PRO D 86 14.53 -16.37 -15.54
C PRO D 86 16.03 -16.49 -15.68
N THR D 87 16.74 -16.19 -14.59
CA THR D 87 18.19 -16.36 -14.53
C THR D 87 18.51 -17.70 -13.91
N ILE D 88 19.45 -18.43 -14.52
CA ILE D 88 19.80 -19.78 -14.08
C ILE D 88 21.29 -19.86 -13.81
N ARG D 89 21.76 -21.06 -13.44
CA ARG D 89 23.15 -21.24 -13.04
C ARG D 89 23.45 -22.74 -13.16
N TRP D 90 24.07 -23.13 -14.27
CA TRP D 90 24.42 -24.53 -14.52
C TRP D 90 25.53 -24.95 -13.57
N CYS D 91 25.18 -25.74 -12.55
CA CYS D 91 26.16 -26.19 -11.57
C CYS D 91 26.96 -27.41 -12.03
N GLY D 92 26.61 -28.00 -13.17
CA GLY D 92 27.32 -29.18 -13.62
C GLY D 92 26.83 -30.43 -12.92
N ALA D 93 27.76 -31.33 -12.62
CA ALA D 93 27.42 -32.62 -12.03
C ALA D 93 27.69 -32.62 -10.54
N GLU D 94 26.82 -33.31 -9.81
CA GLU D 94 26.96 -33.54 -8.38
C GLU D 94 26.38 -34.92 -8.10
N GLY D 95 27.19 -35.80 -7.56
CA GLY D 95 26.72 -37.16 -7.32
C GLY D 95 26.20 -37.77 -8.59
N ASP D 96 24.99 -38.34 -8.54
CA ASP D 96 24.39 -39.00 -9.68
C ASP D 96 23.52 -38.06 -10.52
N TYR D 97 23.68 -36.74 -10.37
CA TYR D 97 22.74 -35.81 -10.99
C TYR D 97 23.46 -34.63 -11.63
N ASN D 98 23.02 -34.27 -12.82
CA ASN D 98 23.27 -32.93 -13.36
C ASN D 98 22.26 -31.97 -12.73
N VAL D 99 22.72 -30.77 -12.40
CA VAL D 99 21.98 -29.82 -11.58
C VAL D 99 21.90 -28.49 -12.30
N MET D 100 20.70 -27.90 -12.34
CA MET D 100 20.53 -26.53 -12.79
C MET D 100 19.74 -25.77 -11.72
N VAL D 101 20.22 -24.57 -11.37
CA VAL D 101 19.60 -23.76 -10.32
C VAL D 101 19.01 -22.50 -10.95
N MET D 102 17.76 -22.21 -10.60
CA MET D 102 17.02 -21.05 -11.10
C MET D 102 16.53 -20.22 -9.94
N GLU D 103 16.49 -18.90 -10.16
CA GLU D 103 15.85 -17.99 -9.21
C GLU D 103 14.42 -18.43 -8.94
N LEU D 104 14.00 -18.32 -7.69
CA LEU D 104 12.64 -18.72 -7.34
C LEU D 104 11.63 -17.77 -7.97
N LEU D 105 10.57 -18.35 -8.53
CA LEU D 105 9.47 -17.61 -9.13
C LEU D 105 8.17 -18.02 -8.47
N GLY D 106 7.09 -17.33 -8.85
CA GLY D 106 5.80 -17.52 -8.21
C GLY D 106 4.94 -18.55 -8.92
N PRO D 107 3.64 -18.50 -8.69
CA PRO D 107 2.74 -19.52 -9.28
C PRO D 107 2.63 -19.36 -10.79
N SER D 108 2.23 -20.45 -11.43
CA SER D 108 2.00 -20.46 -12.86
C SER D 108 0.63 -19.88 -13.19
N LEU D 109 0.42 -19.59 -14.47
CA LEU D 109 -0.88 -19.08 -14.90
C LEU D 109 -1.97 -20.14 -14.75
N GLU D 110 -1.61 -21.42 -14.76
CA GLU D 110 -2.61 -22.46 -14.49
C GLU D 110 -3.00 -22.46 -13.02
N ASP D 111 -2.02 -22.38 -12.12
CA ASP D 111 -2.31 -22.25 -10.69
C ASP D 111 -3.27 -21.10 -10.45
N LEU D 112 -2.97 -19.93 -11.01
CA LEU D 112 -3.79 -18.75 -10.77
C LEU D 112 -5.13 -18.84 -11.46
N PHE D 113 -5.18 -19.52 -12.61
CA PHE D 113 -6.45 -19.75 -13.28
C PHE D 113 -7.38 -20.57 -12.39
N ASN D 114 -6.85 -21.63 -11.76
CA ASN D 114 -7.65 -22.40 -10.83
C ASN D 114 -8.00 -21.59 -9.58
N PHE D 115 -7.06 -20.75 -9.12
CA PHE D 115 -7.36 -19.88 -7.99
C PHE D 115 -8.52 -18.95 -8.30
N CYS D 116 -8.66 -18.54 -9.57
CA CYS D 116 -9.78 -17.72 -10.00
C CYS D 116 -10.97 -18.54 -10.49
N SER D 117 -11.04 -19.81 -10.10
CA SER D 117 -12.16 -20.68 -10.47
C SER D 117 -12.30 -20.81 -11.98
N ARG D 118 -11.17 -20.79 -12.69
CA ARG D 118 -11.13 -21.11 -14.11
C ARG D 118 -11.94 -20.12 -14.93
N LYS D 119 -11.84 -18.84 -14.59
CA LYS D 119 -12.35 -17.76 -15.43
C LYS D 119 -11.50 -16.53 -15.19
N PHE D 120 -10.95 -15.97 -16.27
CA PHE D 120 -10.28 -14.68 -16.24
C PHE D 120 -11.16 -13.64 -16.89
N SER D 121 -11.17 -12.44 -16.33
CA SER D 121 -11.88 -11.33 -16.94
C SER D 121 -11.20 -10.93 -18.24
N LEU D 122 -11.93 -10.21 -19.09
CA LEU D 122 -11.35 -9.77 -20.35
C LEU D 122 -10.11 -8.92 -20.10
N LYS D 123 -10.15 -8.04 -19.09
CA LYS D 123 -9.00 -7.20 -18.77
C LYS D 123 -7.75 -8.04 -18.52
N THR D 124 -7.86 -9.05 -17.65
CA THR D 124 -6.70 -9.89 -17.34
C THR D 124 -6.22 -10.64 -18.57
N VAL D 125 -7.15 -11.16 -19.38
CA VAL D 125 -6.75 -11.88 -20.59
C VAL D 125 -5.96 -10.98 -21.52
N LEU D 126 -6.38 -9.71 -21.64
CA LEU D 126 -5.70 -8.81 -22.58
C LEU D 126 -4.34 -8.36 -22.05
N LEU D 127 -4.24 -8.10 -20.74
CA LEU D 127 -2.93 -7.79 -20.17
C LEU D 127 -1.95 -8.95 -20.38
N LEU D 128 -2.40 -10.16 -20.05
CA LEU D 128 -1.58 -11.35 -20.27
C LEU D 128 -1.20 -11.47 -21.73
N ALA D 129 -2.16 -11.26 -22.64
CA ALA D 129 -1.86 -11.40 -24.06
C ALA D 129 -0.75 -10.45 -24.48
N ASP D 130 -0.81 -9.19 -24.01
CA ASP D 130 0.24 -8.26 -24.40
C ASP D 130 1.60 -8.71 -23.90
N GLN D 131 1.69 -9.18 -22.66
CA GLN D 131 3.00 -9.66 -22.19
C GLN D 131 3.47 -10.89 -22.96
N MET D 132 2.57 -11.83 -23.22
CA MET D 132 2.97 -13.15 -23.73
C MET D 132 3.38 -13.06 -25.20
N ILE D 133 2.66 -12.27 -26.01
CA ILE D 133 3.10 -12.08 -27.40
C ILE D 133 4.53 -11.58 -27.42
N SER D 134 4.86 -10.63 -26.54
CA SER D 134 6.20 -10.06 -26.54
C SER D 134 7.25 -11.03 -26.01
N ARG D 135 6.88 -11.89 -25.04
CA ARG D 135 7.82 -12.93 -24.62
C ARG D 135 8.20 -13.80 -25.81
N ILE D 136 7.17 -14.27 -26.53
CA ILE D 136 7.42 -15.15 -27.67
C ILE D 136 8.24 -14.43 -28.73
N GLU D 137 7.92 -13.15 -29.00
CA GLU D 137 8.73 -12.41 -29.96
C GLU D 137 10.19 -12.34 -29.52
N TYR D 138 10.44 -12.15 -28.23
CA TYR D 138 11.82 -12.10 -27.75
C TYR D 138 12.53 -13.43 -28.02
N ILE D 139 11.88 -14.54 -27.64
CA ILE D 139 12.46 -15.86 -27.89
C ILE D 139 12.80 -16.01 -29.37
N HIS D 140 11.87 -15.62 -30.24
CA HIS D 140 12.09 -15.74 -31.67
C HIS D 140 13.24 -14.85 -32.12
N SER D 141 13.37 -13.67 -31.53
CA SER D 141 14.48 -12.78 -31.87
C SER D 141 15.81 -13.38 -31.47
N LYS D 142 15.83 -14.29 -30.49
CA LYS D 142 17.04 -15.01 -30.13
C LYS D 142 17.18 -16.32 -30.90
N ASN D 143 16.47 -16.50 -32.00
CA ASN D 143 16.65 -17.57 -32.98
C ASN D 143 16.06 -18.90 -32.56
N PHE D 144 15.18 -18.94 -31.56
CA PHE D 144 14.59 -20.19 -31.10
C PHE D 144 13.07 -20.10 -31.16
N ILE D 145 12.43 -21.26 -31.30
CA ILE D 145 11.00 -21.40 -31.10
C ILE D 145 10.79 -22.26 -29.86
N HIS D 146 9.73 -21.95 -29.11
CA HIS D 146 9.55 -22.57 -27.81
C HIS D 146 8.92 -23.96 -27.93
N ARG D 147 7.84 -24.08 -28.69
CA ARG D 147 7.20 -25.34 -29.05
C ARG D 147 6.46 -26.00 -27.89
N ASP D 148 6.26 -25.30 -26.77
CA ASP D 148 5.47 -25.87 -25.68
C ASP D 148 4.75 -24.72 -24.94
N VAL D 149 4.11 -23.85 -25.71
CA VAL D 149 3.38 -22.72 -25.13
C VAL D 149 2.13 -23.25 -24.44
N LYS D 150 2.07 -23.06 -23.12
CA LYS D 150 0.93 -23.52 -22.34
C LYS D 150 0.95 -22.79 -21.00
N PRO D 151 -0.20 -22.73 -20.31
CA PRO D 151 -0.26 -21.93 -19.07
C PRO D 151 0.74 -22.36 -18.01
N ASP D 152 1.06 -23.65 -17.93
CA ASP D 152 1.98 -24.14 -16.91
C ASP D 152 3.39 -23.58 -17.09
N ASN D 153 3.74 -23.11 -18.29
CA ASN D 153 5.09 -22.65 -18.57
C ASN D 153 5.20 -21.13 -18.47
N PHE D 154 4.21 -20.46 -17.88
CA PHE D 154 4.27 -19.04 -17.59
C PHE D 154 4.08 -18.86 -16.09
N LEU D 155 5.06 -18.25 -15.44
CA LEU D 155 5.08 -18.07 -13.99
C LEU D 155 5.15 -16.58 -13.65
N MET D 156 4.41 -16.14 -12.65
CA MET D 156 4.52 -14.76 -12.19
C MET D 156 5.76 -14.58 -11.33
N GLY D 157 6.32 -13.37 -11.37
CA GLY D 157 7.43 -13.03 -10.51
C GLY D 157 7.00 -12.91 -9.05
N LEU D 158 7.99 -12.71 -8.19
CA LEU D 158 7.78 -12.56 -6.76
C LEU D 158 7.96 -11.12 -6.34
N GLY D 159 7.29 -10.74 -5.26
CA GLY D 159 7.51 -9.44 -4.65
C GLY D 159 7.23 -8.31 -5.61
N LYS D 160 8.24 -7.45 -5.80
CA LYS D 160 8.09 -6.29 -6.65
C LYS D 160 7.88 -6.67 -8.12
N LYS D 161 8.19 -7.91 -8.48
CA LYS D 161 7.99 -8.41 -9.84
C LYS D 161 6.73 -9.25 -9.97
N GLY D 162 5.79 -9.12 -9.02
CA GLY D 162 4.60 -9.95 -9.03
C GLY D 162 3.68 -9.72 -10.20
N ASN D 163 3.84 -8.61 -10.92
CA ASN D 163 3.01 -8.32 -12.09
C ASN D 163 3.67 -8.73 -13.41
N LEU D 164 4.86 -9.32 -13.38
CA LEU D 164 5.59 -9.67 -14.59
C LEU D 164 5.43 -11.16 -14.88
N VAL D 165 5.08 -11.47 -16.13
CA VAL D 165 4.93 -12.86 -16.58
C VAL D 165 6.26 -13.34 -17.14
N TYR D 166 6.81 -14.39 -16.52
CA TYR D 166 7.99 -15.08 -16.99
C TYR D 166 7.59 -16.32 -17.79
N ILE D 167 8.46 -16.71 -18.71
CA ILE D 167 8.32 -17.97 -19.44
C ILE D 167 9.43 -18.91 -19.00
N ILE D 168 9.12 -20.20 -18.88
CA ILE D 168 10.08 -21.21 -18.45
C ILE D 168 10.05 -22.37 -19.42
N ASP D 169 11.05 -23.25 -19.25
CA ASP D 169 11.13 -24.56 -19.89
C ASP D 169 11.45 -24.45 -21.38
N PHE D 170 12.73 -24.61 -21.71
CA PHE D 170 13.19 -24.66 -23.09
C PHE D 170 13.60 -26.07 -23.49
N GLY D 171 13.10 -27.09 -22.77
CA GLY D 171 13.48 -28.46 -23.06
C GLY D 171 13.04 -28.94 -24.42
N LEU D 172 11.98 -28.37 -24.97
CA LEU D 172 11.50 -28.70 -26.30
C LEU D 172 11.81 -27.63 -27.32
N ALA D 173 12.50 -26.56 -26.94
CA ALA D 173 12.80 -25.47 -27.85
C ALA D 173 13.81 -25.93 -28.91
N LYS D 174 13.80 -25.23 -30.04
CA LYS D 174 14.63 -25.61 -31.17
C LYS D 174 15.03 -24.35 -31.92
N LYS D 175 16.28 -24.32 -32.40
CA LYS D 175 16.74 -23.22 -33.23
C LYS D 175 16.09 -23.32 -34.62
N TYR D 176 15.48 -22.22 -35.06
CA TYR D 176 14.80 -22.19 -36.35
C TYR D 176 15.56 -21.40 -37.42
N ARG D 177 16.63 -20.70 -37.06
CA ARG D 177 17.42 -19.97 -38.04
C ARG D 177 18.85 -19.83 -37.54
N ASP D 178 19.77 -19.66 -38.49
CA ASP D 178 21.17 -19.48 -38.15
C ASP D 178 21.37 -18.11 -37.49
N ALA D 179 22.19 -18.10 -36.43
CA ALA D 179 22.41 -16.86 -35.68
C ALA D 179 23.06 -15.79 -36.55
N ARG D 180 24.00 -16.18 -37.41
CA ARG D 180 24.73 -15.20 -38.21
C ARG D 180 23.94 -14.78 -39.44
N THR D 181 23.50 -15.75 -40.25
CA THR D 181 22.87 -15.44 -41.52
C THR D 181 21.36 -15.29 -41.41
N HIS D 182 20.75 -15.80 -40.34
CA HIS D 182 19.30 -15.82 -40.18
C HIS D 182 18.62 -16.67 -41.25
N GLN D 183 19.35 -17.58 -41.88
CA GLN D 183 18.73 -18.49 -42.84
C GLN D 183 17.85 -19.48 -42.09
N HIS D 184 16.59 -19.56 -42.50
N HIS D 184 16.59 -19.58 -42.49
CA HIS D 184 15.61 -20.43 -41.86
CA HIS D 184 15.64 -20.42 -41.79
C HIS D 184 15.98 -21.90 -42.07
C HIS D 184 15.87 -21.89 -42.10
N ILE D 185 15.52 -22.74 -41.15
CA ILE D 185 15.70 -24.18 -41.28
C ILE D 185 14.78 -24.67 -42.39
N PRO D 186 15.02 -25.85 -42.97
CA PRO D 186 14.20 -26.28 -44.10
C PRO D 186 12.81 -26.73 -43.66
N TYR D 187 11.85 -26.54 -44.55
CA TYR D 187 10.50 -27.04 -44.35
C TYR D 187 10.52 -28.57 -44.41
N ARG D 188 9.77 -29.20 -43.49
CA ARG D 188 9.75 -30.65 -43.42
C ARG D 188 8.35 -31.13 -43.04
N GLU D 189 8.09 -32.40 -43.34
CA GLU D 189 6.80 -33.03 -43.12
C GLU D 189 7.01 -34.30 -42.29
N ASN D 190 5.90 -34.94 -41.92
CA ASN D 190 5.90 -36.21 -41.19
C ASN D 190 6.73 -36.10 -39.91
N LYS D 191 6.35 -35.15 -39.07
CA LYS D 191 7.05 -34.87 -37.82
C LYS D 191 6.19 -35.27 -36.65
N ASN D 192 6.82 -35.82 -35.62
CA ASN D 192 6.10 -36.22 -34.42
C ASN D 192 5.68 -34.99 -33.62
N LEU D 193 4.53 -35.10 -32.97
CA LEU D 193 4.06 -34.04 -32.08
C LEU D 193 4.89 -34.07 -30.80
N THR D 194 5.45 -32.92 -30.43
CA THR D 194 6.30 -32.84 -29.23
C THR D 194 5.66 -32.07 -28.09
N GLY D 195 4.91 -31.00 -28.36
CA GLY D 195 4.29 -30.21 -27.33
C GLY D 195 3.02 -30.88 -26.81
N THR D 196 2.20 -30.09 -26.15
CA THR D 196 0.93 -30.59 -25.63
C THR D 196 -0.10 -30.61 -26.74
N ALA D 197 -0.91 -31.67 -26.78
CA ALA D 197 -1.91 -31.79 -27.84
C ALA D 197 -3.01 -30.75 -27.71
N ARG D 198 -3.38 -30.40 -26.47
CA ARG D 198 -4.48 -29.46 -26.27
C ARG D 198 -4.22 -28.12 -26.96
N TYR D 199 -2.97 -27.64 -26.89
CA TYR D 199 -2.63 -26.32 -27.42
C TYR D 199 -1.83 -26.37 -28.71
N ALA D 200 -1.62 -27.55 -29.28
CA ALA D 200 -0.82 -27.67 -30.50
C ALA D 200 -1.51 -26.99 -31.68
N SER D 201 -0.69 -26.46 -32.59
CA SER D 201 -1.20 -25.85 -33.81
C SER D 201 -1.77 -26.91 -34.75
N ILE D 202 -2.60 -26.46 -35.69
CA ILE D 202 -3.19 -27.36 -36.66
C ILE D 202 -2.09 -28.04 -37.47
N ASN D 203 -1.09 -27.27 -37.89
CA ASN D 203 -0.03 -27.83 -38.72
C ASN D 203 0.84 -28.83 -37.95
N THR D 204 0.95 -28.69 -36.64
CA THR D 204 1.68 -29.67 -35.85
C THR D 204 0.98 -31.03 -35.89
N HIS D 205 -0.35 -31.03 -35.76
CA HIS D 205 -1.11 -32.27 -35.90
C HIS D 205 -0.86 -32.90 -37.25
N LEU D 206 -0.66 -32.10 -38.29
CA LEU D 206 -0.42 -32.61 -39.64
C LEU D 206 1.02 -33.03 -39.86
N GLY D 207 1.87 -32.93 -38.84
CA GLY D 207 3.25 -33.38 -38.96
C GLY D 207 4.21 -32.38 -39.56
N ILE D 208 3.81 -31.11 -39.69
CA ILE D 208 4.69 -30.10 -40.24
C ILE D 208 5.68 -29.63 -39.19
N GLU D 209 6.92 -29.40 -39.62
CA GLU D 209 7.94 -28.81 -38.75
C GLU D 209 7.42 -27.49 -38.18
N GLN D 210 7.56 -27.33 -36.87
CA GLN D 210 7.07 -26.12 -36.21
C GLN D 210 7.97 -24.92 -36.51
N SER D 211 7.35 -23.74 -36.50
CA SER D 211 8.05 -22.48 -36.68
C SER D 211 7.35 -21.43 -35.83
N ARG D 212 7.68 -20.16 -36.05
CA ARG D 212 7.19 -19.08 -35.19
C ARG D 212 5.66 -19.04 -35.16
N ARG D 213 5.03 -19.21 -36.33
CA ARG D 213 3.58 -19.16 -36.42
C ARG D 213 2.93 -20.10 -35.42
N ASP D 214 3.57 -21.24 -35.15
CA ASP D 214 2.96 -22.25 -34.29
C ASP D 214 2.99 -21.84 -32.83
N ASP D 215 4.10 -21.25 -32.38
CA ASP D 215 4.10 -20.67 -31.04
C ASP D 215 2.95 -19.68 -30.89
N LEU D 216 2.75 -18.81 -31.88
CA LEU D 216 1.71 -17.79 -31.73
C LEU D 216 0.31 -18.41 -31.77
N GLU D 217 0.10 -19.41 -32.63
CA GLU D 217 -1.21 -20.07 -32.68
C GLU D 217 -1.52 -20.75 -31.35
N SER D 218 -0.54 -21.46 -30.79
CA SER D 218 -0.73 -22.05 -29.48
C SER D 218 -1.12 -21.00 -28.46
N LEU D 219 -0.45 -19.84 -28.47
CA LEU D 219 -0.86 -18.77 -27.56
C LEU D 219 -2.33 -18.41 -27.78
N GLY D 220 -2.77 -18.35 -29.04
CA GLY D 220 -4.17 -18.07 -29.30
C GLY D 220 -5.11 -19.05 -28.61
N TYR D 221 -4.78 -20.34 -28.68
CA TYR D 221 -5.61 -21.32 -27.99
C TYR D 221 -5.54 -21.13 -26.48
N VAL D 222 -4.38 -20.73 -25.95
CA VAL D 222 -4.28 -20.47 -24.51
C VAL D 222 -5.22 -19.33 -24.11
N LEU D 223 -5.24 -18.26 -24.89
CA LEU D 223 -6.10 -17.13 -24.55
C LEU D 223 -7.57 -17.52 -24.58
N MET D 224 -7.99 -18.26 -25.62
CA MET D 224 -9.39 -18.69 -25.64
C MET D 224 -9.68 -19.66 -24.50
N TYR D 225 -8.68 -20.45 -24.10
CA TYR D 225 -8.82 -21.31 -22.93
C TYR D 225 -9.10 -20.48 -21.67
N PHE D 226 -8.37 -19.38 -21.50
CA PHE D 226 -8.65 -18.48 -20.38
C PHE D 226 -10.04 -17.88 -20.47
N ASN D 227 -10.51 -17.60 -21.69
CA ASN D 227 -11.85 -17.01 -21.83
C ASN D 227 -12.94 -18.02 -21.50
N LEU D 228 -12.77 -19.27 -21.90
CA LEU D 228 -13.84 -20.26 -21.85
C LEU D 228 -13.84 -21.11 -20.59
N GLY D 229 -12.70 -21.29 -19.94
CA GLY D 229 -12.55 -22.24 -18.87
C GLY D 229 -12.11 -23.62 -19.32
N SER D 230 -12.31 -23.94 -20.60
CA SER D 230 -11.85 -25.19 -21.20
C SER D 230 -12.01 -25.07 -22.70
N LEU D 231 -11.27 -25.89 -23.43
CA LEU D 231 -11.40 -25.85 -24.87
C LEU D 231 -12.33 -26.97 -25.36
N PRO D 232 -13.02 -26.79 -26.48
CA PRO D 232 -14.03 -27.77 -26.89
C PRO D 232 -13.47 -29.14 -27.22
N TRP D 233 -12.16 -29.29 -27.40
CA TRP D 233 -11.55 -30.59 -27.59
C TRP D 233 -10.95 -31.12 -26.29
N GLN D 234 -11.20 -30.45 -25.18
CA GLN D 234 -10.80 -30.88 -23.86
C GLN D 234 -11.87 -31.75 -23.22
N GLY D 235 -11.44 -32.68 -22.37
CA GLY D 235 -12.38 -33.47 -21.61
C GLY D 235 -13.31 -34.33 -22.43
N LEU D 236 -12.80 -34.96 -23.48
CA LEU D 236 -13.59 -35.88 -24.28
C LEU D 236 -13.47 -37.30 -23.74
N LYS D 237 -14.60 -37.97 -23.62
CA LYS D 237 -14.61 -39.36 -23.16
C LYS D 237 -13.98 -40.26 -24.22
N ALA D 238 -13.31 -41.30 -23.75
CA ALA D 238 -12.54 -42.16 -24.65
C ALA D 238 -12.30 -43.51 -23.98
N ALA D 239 -11.75 -44.44 -24.76
CA ALA D 239 -11.34 -45.74 -24.28
C ALA D 239 -9.81 -45.89 -24.26
N THR D 240 -9.18 -45.80 -25.42
CA THR D 240 -7.73 -45.88 -25.54
C THR D 240 -7.13 -44.48 -25.49
N LYS D 241 -5.85 -44.42 -25.08
CA LYS D 241 -5.10 -43.18 -25.22
C LYS D 241 -4.96 -42.77 -26.68
N ARG D 242 -4.65 -43.74 -27.54
CA ARG D 242 -4.61 -43.49 -28.98
C ARG D 242 -5.92 -42.84 -29.43
N GLN D 243 -7.04 -43.40 -28.99
CA GLN D 243 -8.33 -42.78 -29.32
C GLN D 243 -8.44 -41.39 -28.71
N LYS D 244 -7.71 -41.13 -27.62
CA LYS D 244 -7.71 -39.80 -27.03
C LYS D 244 -7.07 -38.79 -27.97
N TYR D 245 -5.81 -39.03 -28.37
CA TYR D 245 -5.19 -38.11 -29.33
C TYR D 245 -6.01 -38.00 -30.60
N GLU D 246 -6.50 -39.14 -31.09
CA GLU D 246 -7.29 -39.15 -32.32
C GLU D 246 -8.48 -38.20 -32.21
N ARG D 247 -9.27 -38.34 -31.14
CA ARG D 247 -10.48 -37.56 -31.00
C ARG D 247 -10.21 -36.10 -30.66
N ILE D 248 -9.14 -35.82 -29.89
CA ILE D 248 -8.74 -34.44 -29.68
C ILE D 248 -8.43 -33.76 -31.01
N SER D 249 -7.57 -34.40 -31.81
CA SER D 249 -7.19 -33.83 -33.10
C SER D 249 -8.42 -33.59 -33.97
N GLU D 250 -9.27 -34.62 -34.10
CA GLU D 250 -10.43 -34.50 -34.97
C GLU D 250 -11.36 -33.39 -34.50
N LYS D 251 -11.63 -33.32 -33.20
CA LYS D 251 -12.48 -32.26 -32.68
C LYS D 251 -11.87 -30.89 -32.95
N LYS D 252 -10.55 -30.75 -32.77
CA LYS D 252 -9.91 -29.46 -33.01
C LYS D 252 -10.05 -29.04 -34.46
N MET D 253 -9.90 -29.98 -35.38
CA MET D 253 -9.94 -29.65 -36.79
C MET D 253 -11.36 -29.50 -37.33
N SER D 254 -12.36 -30.01 -36.62
CA SER D 254 -13.74 -29.84 -37.03
C SER D 254 -14.40 -28.65 -36.34
N THR D 255 -13.67 -27.92 -35.49
CA THR D 255 -14.19 -26.75 -34.81
C THR D 255 -13.67 -25.50 -35.51
N PRO D 256 -14.46 -24.84 -36.34
CA PRO D 256 -13.99 -23.58 -36.96
C PRO D 256 -13.71 -22.51 -35.91
N ILE D 257 -12.77 -21.63 -36.25
CA ILE D 257 -12.37 -20.58 -35.32
C ILE D 257 -13.57 -19.74 -34.91
N GLU D 258 -14.48 -19.47 -35.85
CA GLU D 258 -15.64 -18.64 -35.53
C GLU D 258 -16.55 -19.32 -34.52
N VAL D 259 -16.62 -20.66 -34.55
CA VAL D 259 -17.38 -21.39 -33.53
C VAL D 259 -16.63 -21.35 -32.20
N LEU D 260 -15.32 -21.59 -32.23
CA LEU D 260 -14.53 -21.57 -31.01
C LEU D 260 -14.67 -20.23 -30.28
N CYS D 261 -14.65 -19.13 -31.02
CA CYS D 261 -14.61 -17.80 -30.45
C CYS D 261 -15.97 -17.14 -30.36
N LYS D 262 -17.06 -17.86 -30.64
CA LYS D 262 -18.38 -17.26 -30.60
C LYS D 262 -18.66 -16.69 -29.22
N GLY D 263 -19.27 -15.50 -29.19
CA GLY D 263 -19.61 -14.84 -27.95
C GLY D 263 -18.50 -14.07 -27.30
N TYR D 264 -17.36 -13.93 -27.97
CA TYR D 264 -16.23 -13.16 -27.46
C TYR D 264 -15.77 -12.18 -28.53
N PRO D 265 -15.05 -11.13 -28.13
CA PRO D 265 -14.64 -10.12 -29.11
C PRO D 265 -14.00 -10.75 -30.33
N SER D 266 -14.34 -10.21 -31.51
CA SER D 266 -13.85 -10.74 -32.77
C SER D 266 -12.34 -10.77 -32.84
N GLU D 267 -11.66 -9.97 -32.02
CA GLU D 267 -10.21 -9.89 -32.08
C GLU D 267 -9.54 -11.24 -31.84
N PHE D 268 -10.15 -12.11 -31.02
CA PHE D 268 -9.54 -13.41 -30.77
C PHE D 268 -9.58 -14.28 -32.02
N ALA D 269 -10.69 -14.26 -32.74
CA ALA D 269 -10.79 -14.98 -34.00
C ALA D 269 -9.86 -14.38 -35.05
N THR D 270 -9.78 -13.05 -35.11
CA THR D 270 -8.84 -12.41 -36.03
C THR D 270 -7.42 -12.84 -35.73
N TYR D 271 -7.06 -12.90 -34.45
CA TYR D 271 -5.73 -13.35 -34.05
C TYR D 271 -5.48 -14.77 -34.56
N LEU D 272 -6.38 -15.71 -34.25
CA LEU D 272 -6.13 -17.10 -34.63
C LEU D 272 -6.10 -17.27 -36.14
N ASN D 273 -7.00 -16.60 -36.87
CA ASN D 273 -6.98 -16.69 -38.32
C ASN D 273 -5.68 -16.12 -38.88
N PHE D 274 -5.20 -15.00 -38.33
CA PHE D 274 -3.94 -14.46 -38.79
C PHE D 274 -2.80 -15.45 -38.59
N CYS D 275 -2.76 -16.10 -37.43
CA CYS D 275 -1.69 -17.06 -37.17
C CYS D 275 -1.78 -18.26 -38.09
N ARG D 276 -2.98 -18.81 -38.30
CA ARG D 276 -3.11 -19.98 -39.17
C ARG D 276 -2.81 -19.67 -40.63
N SER D 277 -2.80 -18.39 -41.00
CA SER D 277 -2.54 -18.00 -42.38
C SER D 277 -1.07 -17.69 -42.65
N LEU D 278 -0.22 -17.66 -41.62
CA LEU D 278 1.19 -17.41 -41.83
C LEU D 278 1.85 -18.59 -42.54
N ARG D 279 2.80 -18.29 -43.41
CA ARG D 279 3.57 -19.33 -44.06
C ARG D 279 4.70 -19.79 -43.15
N PHE D 280 5.24 -20.98 -43.47
CA PHE D 280 6.19 -21.65 -42.59
C PHE D 280 7.27 -20.71 -42.09
N ASP D 281 7.88 -19.94 -43.00
CA ASP D 281 9.01 -19.09 -42.66
C ASP D 281 8.66 -17.61 -42.61
N ASP D 282 7.38 -17.25 -42.62
CA ASP D 282 7.00 -15.85 -42.46
C ASP D 282 7.43 -15.33 -41.10
N LYS D 283 7.90 -14.09 -41.07
CA LYS D 283 8.09 -13.40 -39.80
C LYS D 283 6.75 -12.84 -39.36
N PRO D 284 6.21 -13.26 -38.21
CA PRO D 284 4.91 -12.72 -37.78
C PRO D 284 4.98 -11.22 -37.57
N ASP D 285 3.85 -10.55 -37.80
CA ASP D 285 3.71 -9.13 -37.50
C ASP D 285 3.22 -9.01 -36.06
N TYR D 286 4.18 -9.10 -35.13
CA TYR D 286 3.83 -9.12 -33.72
C TYR D 286 3.10 -7.84 -33.31
N SER D 287 3.52 -6.70 -33.85
CA SER D 287 2.92 -5.44 -33.45
C SER D 287 1.47 -5.34 -33.91
N TYR D 288 1.14 -5.89 -35.07
CA TYR D 288 -0.26 -5.94 -35.49
C TYR D 288 -1.10 -6.71 -34.48
N LEU D 289 -0.59 -7.87 -34.04
CA LEU D 289 -1.34 -8.69 -33.11
C LEU D 289 -1.50 -7.99 -31.77
N ARG D 290 -0.42 -7.39 -31.26
CA ARG D 290 -0.53 -6.60 -30.03
C ARG D 290 -1.57 -5.48 -30.18
N GLN D 291 -1.58 -4.82 -31.34
CA GLN D 291 -2.47 -3.68 -31.54
C GLN D 291 -3.93 -4.10 -31.58
N LEU D 292 -4.23 -5.26 -32.16
CA LEU D 292 -5.59 -5.78 -32.07
C LEU D 292 -6.11 -5.72 -30.63
N PHE D 293 -5.40 -6.38 -29.73
CA PHE D 293 -5.84 -6.51 -28.36
C PHE D 293 -5.74 -5.19 -27.60
N ARG D 294 -4.80 -4.31 -27.95
CA ARG D 294 -4.73 -3.03 -27.27
C ARG D 294 -5.90 -2.12 -27.65
N ASN D 295 -6.27 -2.09 -28.93
CA ASN D 295 -7.42 -1.30 -29.32
C ASN D 295 -8.68 -1.82 -28.63
N LEU D 296 -8.88 -3.14 -28.68
CA LEU D 296 -10.00 -3.73 -27.93
C LEU D 296 -9.94 -3.28 -26.47
N PHE D 297 -8.76 -3.41 -25.85
CA PHE D 297 -8.57 -3.03 -24.45
C PHE D 297 -9.03 -1.61 -24.20
N HIS D 298 -8.70 -0.70 -25.12
CA HIS D 298 -8.99 0.71 -24.95
C HIS D 298 -10.45 1.07 -25.25
N ARG D 299 -11.24 0.14 -25.78
CA ARG D 299 -12.65 0.43 -26.01
C ARG D 299 -13.57 0.02 -24.86
N GLN D 300 -13.05 -0.55 -23.77
CA GLN D 300 -13.92 -1.14 -22.74
C GLN D 300 -14.31 -0.18 -21.63
N GLY D 301 -13.57 0.90 -21.42
CA GLY D 301 -13.79 1.73 -20.26
C GLY D 301 -13.25 1.15 -18.97
N PHE D 302 -12.19 0.34 -19.05
CA PHE D 302 -11.52 -0.15 -17.87
C PHE D 302 -10.87 1.00 -17.10
N SER D 303 -10.66 0.77 -15.81
CA SER D 303 -9.63 1.51 -15.09
C SER D 303 -8.27 0.96 -15.51
N TYR D 304 -7.31 1.85 -15.72
CA TYR D 304 -6.00 1.44 -16.23
C TYR D 304 -4.98 1.25 -15.11
N ASP D 305 -5.44 0.87 -13.92
CA ASP D 305 -4.53 0.32 -12.93
C ASP D 305 -4.18 -1.10 -13.33
N TYR D 306 -2.91 -1.45 -13.17
CA TYR D 306 -2.40 -2.73 -13.66
C TYR D 306 -2.58 -3.79 -12.58
N VAL D 307 -3.78 -4.37 -12.54
CA VAL D 307 -4.17 -5.32 -11.51
C VAL D 307 -4.79 -6.54 -12.16
N PHE D 308 -4.28 -7.72 -11.85
CA PHE D 308 -4.82 -8.97 -12.35
C PHE D 308 -5.94 -9.47 -11.45
N ASP D 309 -6.78 -10.35 -12.01
CA ASP D 309 -7.93 -10.88 -11.28
C ASP D 309 -7.53 -11.45 -9.92
N TRP D 310 -6.42 -12.21 -9.87
CA TRP D 310 -6.10 -12.93 -8.66
C TRP D 310 -5.67 -12.02 -7.51
N ASN D 311 -5.31 -10.77 -7.80
CA ASN D 311 -5.00 -9.81 -6.75
C ASN D 311 -6.20 -8.94 -6.40
N MET D 312 -7.41 -9.39 -6.78
CA MET D 312 -8.65 -8.68 -6.49
C MET D 312 -9.66 -9.57 -5.76
N LEU D 313 -9.19 -10.62 -5.09
CA LEU D 313 -10.08 -11.57 -4.44
C LEU D 313 -9.88 -11.65 -2.93
N LYS D 314 -8.63 -11.60 -2.46
CA LYS D 314 -8.38 -11.62 -1.03
C LYS D 314 -7.73 -10.32 -0.58
N ARG E 28 -16.07 34.01 2.62
CA ARG E 28 -14.88 33.16 2.60
C ARG E 28 -15.26 31.69 2.46
N TYR E 29 -16.55 31.38 2.61
CA TYR E 29 -17.04 30.02 2.53
C TYR E 29 -18.23 29.95 1.57
N ARG E 30 -18.31 28.84 0.83
CA ARG E 30 -19.42 28.57 -0.07
C ARG E 30 -20.22 27.40 0.50
N LEU E 31 -21.48 27.64 0.80
CA LEU E 31 -22.29 26.59 1.43
C LEU E 31 -22.67 25.52 0.41
N GLY E 32 -22.58 24.26 0.83
CA GLY E 32 -22.96 23.15 -0.01
C GLY E 32 -24.24 22.50 0.49
N ARG E 33 -24.39 21.21 0.22
CA ARG E 33 -25.64 20.53 0.52
C ARG E 33 -25.74 20.18 2.01
N LYS E 34 -26.97 20.15 2.51
CA LYS E 34 -27.22 19.77 3.89
C LYS E 34 -26.97 18.27 4.06
N ILE E 35 -26.38 17.89 5.19
CA ILE E 35 -26.01 16.51 5.45
C ILE E 35 -26.59 15.96 6.74
N GLY E 36 -27.22 16.79 7.57
CA GLY E 36 -27.84 16.29 8.78
C GLY E 36 -28.09 17.41 9.77
N SER E 37 -28.19 17.02 11.04
CA SER E 37 -28.43 17.94 12.14
C SER E 37 -27.61 17.52 13.34
N GLY E 38 -27.09 18.50 14.07
CA GLY E 38 -26.41 18.25 15.32
C GLY E 38 -27.34 18.30 16.50
N SER E 39 -26.76 18.47 17.69
CA SER E 39 -27.56 18.60 18.90
C SER E 39 -28.57 19.74 18.78
N PHE E 40 -28.26 20.79 18.01
CA PHE E 40 -29.22 21.86 17.78
C PHE E 40 -29.20 22.35 16.33
N GLY E 41 -28.06 22.82 15.86
CA GLY E 41 -27.97 23.46 14.55
C GLY E 41 -28.04 22.47 13.40
N ASP E 42 -27.94 23.02 12.18
CA ASP E 42 -27.98 22.21 10.97
C ASP E 42 -26.57 22.10 10.38
N ILE E 43 -26.28 20.94 9.79
CA ILE E 43 -24.95 20.62 9.28
C ILE E 43 -24.98 20.59 7.76
N TYR E 44 -23.98 21.21 7.14
CA TYR E 44 -23.82 21.29 5.70
C TYR E 44 -22.38 20.98 5.34
N LEU E 45 -22.19 20.59 4.08
CA LEU E 45 -20.86 20.64 3.50
C LEU E 45 -20.60 22.04 2.96
N GLY E 46 -19.33 22.39 2.87
CA GLY E 46 -18.98 23.71 2.34
C GLY E 46 -17.58 23.71 1.77
N THR E 47 -17.26 24.81 1.10
CA THR E 47 -15.94 25.01 0.52
C THR E 47 -15.29 26.23 1.16
N ASP E 48 -14.18 25.99 1.84
CA ASP E 48 -13.26 27.06 2.21
C ASP E 48 -12.51 27.49 0.95
N ILE E 49 -12.89 28.68 0.44
CA ILE E 49 -12.36 29.17 -0.82
C ILE E 49 -10.90 29.55 -0.67
N ALA E 50 -10.55 30.20 0.44
CA ALA E 50 -9.18 30.68 0.62
C ALA E 50 -8.19 29.52 0.58
N ALA E 51 -8.51 28.42 1.24
CA ALA E 51 -7.65 27.24 1.26
C ALA E 51 -7.96 26.27 0.14
N GLY E 52 -9.06 26.46 -0.59
CA GLY E 52 -9.50 25.49 -1.56
C GLY E 52 -9.67 24.11 -0.96
N GLU E 53 -10.43 24.03 0.14
CA GLU E 53 -10.63 22.77 0.84
C GLU E 53 -12.10 22.61 1.18
N GLU E 54 -12.59 21.37 1.19
CA GLU E 54 -13.94 21.13 1.68
C GLU E 54 -13.94 21.03 3.20
N VAL E 55 -14.96 21.64 3.81
CA VAL E 55 -15.11 21.68 5.25
C VAL E 55 -16.56 21.32 5.59
N ALA E 56 -16.82 21.19 6.88
CA ALA E 56 -18.18 21.01 7.39
C ALA E 56 -18.60 22.28 8.11
N ILE E 57 -19.88 22.63 8.01
CA ILE E 57 -20.38 23.91 8.48
C ILE E 57 -21.64 23.68 9.31
N LYS E 58 -21.67 24.25 10.51
CA LYS E 58 -22.82 24.19 11.39
C LYS E 58 -23.46 25.57 11.46
N LEU E 59 -24.78 25.61 11.26
CA LEU E 59 -25.54 26.85 11.20
C LEU E 59 -26.54 26.90 12.33
N GLU E 60 -26.69 28.09 12.91
CA GLU E 60 -27.67 28.39 13.95
C GLU E 60 -28.42 29.65 13.56
N CYS E 61 -29.74 29.62 13.64
CA CYS E 61 -30.53 30.82 13.35
C CYS E 61 -30.15 31.92 14.33
N VAL E 62 -29.74 33.08 13.80
CA VAL E 62 -29.30 34.18 14.65
C VAL E 62 -30.44 34.66 15.55
N LYS E 63 -31.68 34.51 15.10
CA LYS E 63 -32.84 34.91 15.90
C LYS E 63 -33.40 33.75 16.71
N THR E 64 -32.55 32.82 17.14
CA THR E 64 -33.01 31.66 17.89
C THR E 64 -33.38 32.04 19.32
N LYS E 65 -34.26 31.26 19.92
CA LYS E 65 -34.69 31.51 21.29
C LYS E 65 -33.53 31.37 22.26
N HIS E 66 -32.87 30.21 22.24
CA HIS E 66 -31.75 29.92 23.15
C HIS E 66 -30.49 29.70 22.34
N PRO E 67 -29.70 30.74 22.09
CA PRO E 67 -28.46 30.56 21.32
C PRO E 67 -27.47 29.65 22.04
N GLN E 68 -26.80 28.80 21.27
CA GLN E 68 -25.89 27.79 21.80
C GLN E 68 -24.60 27.65 21.01
N LEU E 69 -24.54 28.09 19.76
CA LEU E 69 -23.39 27.78 18.91
C LEU E 69 -22.12 28.43 19.42
N HIS E 70 -22.20 29.68 19.88
CA HIS E 70 -21.02 30.37 20.40
C HIS E 70 -20.46 29.64 21.62
N ILE E 71 -21.34 29.25 22.53
CA ILE E 71 -20.93 28.49 23.72
C ILE E 71 -20.20 27.22 23.31
N GLU E 72 -20.84 26.43 22.43
CA GLU E 72 -20.22 25.19 21.96
C GLU E 72 -18.86 25.46 21.34
N SER E 73 -18.75 26.53 20.54
CA SER E 73 -17.47 26.85 19.93
C SER E 73 -16.41 27.10 20.99
N LYS E 74 -16.80 27.76 22.08
CA LYS E 74 -15.85 27.96 23.17
C LYS E 74 -15.44 26.63 23.81
N ILE E 75 -16.37 25.68 23.90
CA ILE E 75 -15.99 24.37 24.43
C ILE E 75 -14.99 23.68 23.49
N TYR E 76 -15.28 23.68 22.18
CA TYR E 76 -14.32 23.13 21.23
C TYR E 76 -12.95 23.77 21.40
N LYS E 77 -12.89 25.09 21.58
CA LYS E 77 -11.61 25.76 21.70
C LYS E 77 -10.89 25.36 22.99
N MET E 78 -11.63 25.12 24.07
CA MET E 78 -10.96 24.64 25.28
C MET E 78 -10.36 23.25 25.07
N MET E 79 -10.94 22.45 24.17
CA MET E 79 -10.44 21.10 23.90
C MET E 79 -9.34 21.06 22.86
N GLN E 80 -9.06 22.17 22.18
CA GLN E 80 -8.22 22.12 20.99
C GLN E 80 -6.85 21.52 21.31
N GLY E 81 -6.32 20.76 20.34
CA GLY E 81 -5.02 20.16 20.45
C GLY E 81 -5.02 18.74 20.99
N GLY E 82 -6.09 18.30 21.64
CA GLY E 82 -6.15 16.95 22.12
C GLY E 82 -6.27 15.95 20.98
N VAL E 83 -5.82 14.72 21.26
CA VAL E 83 -5.95 13.64 20.29
C VAL E 83 -7.43 13.43 19.97
N GLY E 84 -7.74 13.37 18.68
CA GLY E 84 -9.10 13.10 18.26
C GLY E 84 -10.07 14.22 18.55
N ILE E 85 -9.59 15.43 18.75
CA ILE E 85 -10.44 16.61 18.92
C ILE E 85 -10.43 17.38 17.61
N PRO E 86 -11.58 17.57 16.96
CA PRO E 86 -11.57 18.35 15.71
C PRO E 86 -11.27 19.82 15.97
N THR E 87 -10.68 20.46 14.97
CA THR E 87 -10.42 21.90 15.02
C THR E 87 -11.55 22.64 14.32
N ILE E 88 -11.97 23.76 14.91
CA ILE E 88 -13.09 24.52 14.39
C ILE E 88 -12.68 25.97 14.13
N ARG E 89 -13.64 26.79 13.73
CA ARG E 89 -13.42 28.23 13.58
C ARG E 89 -14.78 28.90 13.65
N TRP E 90 -15.01 29.69 14.69
CA TRP E 90 -16.28 30.38 14.88
C TRP E 90 -16.24 31.69 14.10
N CYS E 91 -17.00 31.76 13.00
CA CYS E 91 -17.00 32.93 12.14
C CYS E 91 -17.96 34.00 12.60
N GLY E 92 -18.77 33.74 13.62
CA GLY E 92 -19.75 34.70 14.08
C GLY E 92 -20.98 34.66 13.20
N ALA E 93 -21.60 35.81 12.96
CA ALA E 93 -22.84 35.87 12.21
C ALA E 93 -22.60 36.36 10.79
N GLU E 94 -23.23 35.68 9.84
CA GLU E 94 -23.42 36.16 8.48
C GLU E 94 -24.88 35.95 8.11
N GLY E 95 -25.47 36.97 7.48
CA GLY E 95 -26.89 36.91 7.15
C GLY E 95 -27.71 36.58 8.38
N ASP E 96 -28.59 35.60 8.25
CA ASP E 96 -29.48 35.18 9.32
C ASP E 96 -28.90 34.06 10.18
N TYR E 97 -27.60 33.81 10.10
CA TYR E 97 -27.04 32.61 10.74
C TYR E 97 -25.73 32.90 11.45
N ASN E 98 -25.59 32.35 12.66
CA ASN E 98 -24.28 32.13 13.24
C ASN E 98 -23.68 30.86 12.64
N VAL E 99 -22.38 30.90 12.38
CA VAL E 99 -21.69 29.90 11.58
C VAL E 99 -20.49 29.38 12.35
N MET E 100 -20.33 28.06 12.37
CA MET E 100 -19.12 27.42 12.88
C MET E 100 -18.58 26.50 11.81
N VAL E 101 -17.27 26.57 11.55
CA VAL E 101 -16.62 25.79 10.51
C VAL E 101 -15.69 24.79 11.16
N MET E 102 -15.79 23.52 10.74
CA MET E 102 -14.97 22.44 11.25
C MET E 102 -14.25 21.75 10.09
N GLU E 103 -13.04 21.29 10.38
CA GLU E 103 -12.31 20.44 9.45
C GLU E 103 -13.16 19.23 9.07
N LEU E 104 -13.09 18.85 7.80
CA LEU E 104 -13.88 17.71 7.34
C LEU E 104 -13.35 16.42 7.95
N LEU E 105 -14.27 15.57 8.40
CA LEU E 105 -13.96 14.26 8.96
C LEU E 105 -14.71 13.19 8.17
N GLY E 106 -14.43 11.93 8.52
CA GLY E 106 -14.96 10.80 7.81
C GLY E 106 -16.26 10.29 8.40
N PRO E 107 -16.60 9.03 8.10
CA PRO E 107 -17.88 8.48 8.56
C PRO E 107 -17.91 8.29 10.06
N SER E 108 -19.12 8.21 10.59
CA SER E 108 -19.33 7.93 12.00
C SER E 108 -19.24 6.43 12.26
N LEU E 109 -19.12 6.07 13.53
CA LEU E 109 -19.10 4.67 13.90
C LEU E 109 -20.43 3.99 13.62
N GLU E 110 -21.54 4.74 13.58
CA GLU E 110 -22.82 4.16 13.19
C GLU E 110 -22.84 3.84 11.69
N ASP E 111 -22.36 4.78 10.87
CA ASP E 111 -22.20 4.53 9.44
C ASP E 111 -21.40 3.25 9.20
N LEU E 112 -20.25 3.14 9.86
CA LEU E 112 -19.38 2.00 9.63
C LEU E 112 -19.96 0.72 10.23
N PHE E 113 -20.69 0.85 11.34
CA PHE E 113 -21.38 -0.30 11.91
C PHE E 113 -22.37 -0.87 10.90
N ASN E 114 -23.16 0.00 10.27
CA ASN E 114 -24.07 -0.48 9.23
C ASN E 114 -23.32 -1.02 8.02
N PHE E 115 -22.19 -0.38 7.66
CA PHE E 115 -21.37 -0.88 6.58
C PHE E 115 -20.86 -2.29 6.86
N CYS E 116 -20.62 -2.61 8.13
CA CYS E 116 -20.21 -3.95 8.54
C CYS E 116 -21.39 -4.83 8.91
N SER E 117 -22.59 -4.50 8.43
CA SER E 117 -23.79 -5.29 8.67
C SER E 117 -24.09 -5.41 10.16
N ARG E 118 -23.78 -4.35 10.91
CA ARG E 118 -24.19 -4.22 12.31
C ARG E 118 -23.60 -5.34 13.17
N LYS E 119 -22.33 -5.66 12.92
CA LYS E 119 -21.60 -6.60 13.76
C LYS E 119 -20.11 -6.28 13.67
N PHE E 120 -19.50 -5.94 14.79
CA PHE E 120 -18.07 -5.71 14.89
C PHE E 120 -17.40 -6.91 15.56
N SER E 121 -16.23 -7.28 15.06
CA SER E 121 -15.44 -8.31 15.70
C SER E 121 -14.94 -7.82 17.06
N LEU E 122 -14.56 -8.78 17.91
CA LEU E 122 -14.03 -8.42 19.22
C LEU E 122 -12.80 -7.53 19.08
N LYS E 123 -11.94 -7.82 18.11
CA LYS E 123 -10.74 -6.99 17.90
C LYS E 123 -11.12 -5.54 17.70
N THR E 124 -12.04 -5.27 16.77
CA THR E 124 -12.44 -3.89 16.50
C THR E 124 -13.09 -3.25 17.72
N VAL E 125 -13.93 -4.00 18.44
CA VAL E 125 -14.58 -3.45 19.62
C VAL E 125 -13.54 -3.02 20.65
N LEU E 126 -12.48 -3.82 20.82
CA LEU E 126 -11.49 -3.51 21.86
C LEU E 126 -10.59 -2.35 21.45
N LEU E 127 -10.18 -2.29 20.18
CA LEU E 127 -9.42 -1.13 19.70
C LEU E 127 -10.22 0.15 19.91
N LEU E 128 -11.48 0.14 19.45
CA LEU E 128 -12.36 1.28 19.65
C LEU E 128 -12.48 1.62 21.13
N ALA E 129 -12.62 0.60 21.98
CA ALA E 129 -12.78 0.85 23.41
C ALA E 129 -11.58 1.60 23.97
N ASP E 130 -10.36 1.21 23.59
CA ASP E 130 -9.20 1.90 24.12
C ASP E 130 -9.22 3.37 23.71
N GLN E 131 -9.49 3.63 22.42
CA GLN E 131 -9.50 5.03 21.98
C GLN E 131 -10.60 5.82 22.68
N MET E 132 -11.78 5.23 22.83
CA MET E 132 -12.93 5.99 23.32
C MET E 132 -12.82 6.27 24.81
N ILE E 133 -12.35 5.29 25.59
CA ILE E 133 -12.09 5.57 26.99
C ILE E 133 -11.14 6.73 27.12
N SER E 134 -10.07 6.76 26.31
CA SER E 134 -9.11 7.85 26.46
C SER E 134 -9.68 9.19 25.98
N ARG E 135 -10.52 9.20 24.93
CA ARG E 135 -11.17 10.44 24.52
C ARG E 135 -11.98 11.03 25.67
N ILE E 136 -12.83 10.19 26.26
CA ILE E 136 -13.69 10.66 27.34
C ILE E 136 -12.83 11.16 28.50
N GLU E 137 -11.76 10.44 28.83
CA GLU E 137 -10.87 10.92 29.89
C GLU E 137 -10.32 12.30 29.55
N TYR E 138 -9.94 12.54 28.29
CA TYR E 138 -9.41 13.85 27.94
C TYR E 138 -10.45 14.94 28.16
N ILE E 139 -11.67 14.72 27.66
CA ILE E 139 -12.74 15.69 27.88
C ILE E 139 -12.91 15.96 29.37
N HIS E 140 -12.92 14.91 30.18
CA HIS E 140 -13.09 15.09 31.63
C HIS E 140 -11.91 15.86 32.22
N SER E 141 -10.70 15.64 31.72
CA SER E 141 -9.55 16.38 32.20
C SER E 141 -9.64 17.85 31.86
N LYS E 142 -10.40 18.21 30.83
CA LYS E 142 -10.66 19.62 30.53
C LYS E 142 -11.91 20.14 31.22
N ASN E 143 -12.41 19.45 32.25
CA ASN E 143 -13.44 19.91 33.17
C ASN E 143 -14.87 19.79 32.64
N PHE E 144 -15.09 19.03 31.57
CA PHE E 144 -16.42 18.89 30.99
C PHE E 144 -16.84 17.42 30.94
N ILE E 145 -18.14 17.20 30.96
CA ILE E 145 -18.74 15.91 30.64
C ILE E 145 -19.51 16.07 29.33
N HIS E 146 -19.50 15.00 28.52
CA HIS E 146 -20.05 15.08 27.18
C HIS E 146 -21.56 14.95 27.18
N ARG E 147 -22.09 13.93 27.87
CA ARG E 147 -23.52 13.73 28.11
C ARG E 147 -24.28 13.28 26.88
N ASP E 148 -23.60 12.90 25.80
CA ASP E 148 -24.29 12.36 24.62
C ASP E 148 -23.39 11.35 23.92
N VAL E 149 -22.83 10.41 24.69
CA VAL E 149 -21.95 9.39 24.14
C VAL E 149 -22.78 8.40 23.33
N LYS E 150 -22.55 8.34 22.03
CA LYS E 150 -23.27 7.44 21.15
C LYS E 150 -22.48 7.29 19.85
N PRO E 151 -22.71 6.21 19.10
CA PRO E 151 -21.88 5.98 17.91
C PRO E 151 -21.92 7.11 16.90
N ASP E 152 -23.04 7.83 16.78
CA ASP E 152 -23.13 8.91 15.81
C ASP E 152 -22.16 10.05 16.10
N ASN E 153 -21.68 10.17 17.34
CA ASN E 153 -20.83 11.28 17.73
C ASN E 153 -19.35 10.91 17.74
N PHE E 154 -18.99 9.78 17.11
CA PHE E 154 -17.59 9.42 16.91
C PHE E 154 -17.36 9.24 15.42
N LEU E 155 -16.44 10.03 14.86
CA LEU E 155 -16.16 10.04 13.43
C LEU E 155 -14.69 9.69 13.18
N MET E 156 -14.44 8.87 12.16
CA MET E 156 -13.07 8.55 11.79
C MET E 156 -12.45 9.69 11.02
N GLY E 157 -11.13 9.82 11.16
CA GLY E 157 -10.38 10.80 10.39
C GLY E 157 -10.33 10.42 8.92
N LEU E 158 -9.75 11.32 8.13
CA LEU E 158 -9.60 11.14 6.71
C LEU E 158 -8.15 10.82 6.36
N GLY E 159 -7.97 10.09 5.26
CA GLY E 159 -6.64 9.86 4.74
C GLY E 159 -5.73 9.16 5.73
N LYS E 160 -4.59 9.79 6.00
CA LYS E 160 -3.60 9.21 6.91
C LYS E 160 -4.09 9.12 8.33
N LYS E 161 -5.18 9.83 8.68
CA LYS E 161 -5.78 9.76 10.00
C LYS E 161 -7.02 8.88 10.03
N GLY E 162 -7.18 8.00 9.04
CA GLY E 162 -8.35 7.15 8.95
C GLY E 162 -8.49 6.15 10.08
N ASN E 163 -7.43 5.93 10.85
CA ASN E 163 -7.48 5.02 11.99
C ASN E 163 -7.74 5.71 13.31
N LEU E 164 -7.91 7.03 13.32
CA LEU E 164 -8.10 7.80 14.55
C LEU E 164 -9.58 8.10 14.75
N VAL E 165 -10.07 7.83 15.96
CA VAL E 165 -11.47 8.10 16.31
C VAL E 165 -11.55 9.50 16.93
N TYR E 166 -12.32 10.36 16.28
CA TYR E 166 -12.63 11.70 16.79
C TYR E 166 -13.98 11.70 17.49
N ILE E 167 -14.14 12.62 18.44
CA ILE E 167 -15.41 12.87 19.10
C ILE E 167 -15.91 14.24 18.65
N ILE E 168 -17.23 14.36 18.47
CA ILE E 168 -17.84 15.60 18.03
C ILE E 168 -19.03 15.94 18.91
N ASP E 169 -19.50 17.17 18.76
CA ASP E 169 -20.76 17.64 19.32
C ASP E 169 -20.67 17.84 20.83
N PHE E 170 -20.43 19.09 21.24
CA PHE E 170 -20.44 19.48 22.65
C PHE E 170 -21.66 20.33 22.99
N GLY E 171 -22.71 20.25 22.17
CA GLY E 171 -23.90 21.06 22.40
C GLY E 171 -24.62 20.71 23.68
N LEU E 172 -24.46 19.49 24.17
CA LEU E 172 -25.05 19.06 25.43
C LEU E 172 -24.02 18.94 26.54
N ALA E 173 -22.76 19.29 26.28
CA ALA E 173 -21.72 19.17 27.29
C ALA E 173 -21.93 20.17 28.42
N LYS E 174 -21.32 19.85 29.56
CA LYS E 174 -21.50 20.65 30.77
C LYS E 174 -20.23 20.61 31.58
N LYS E 175 -19.86 21.75 32.16
CA LYS E 175 -18.74 21.80 33.10
C LYS E 175 -19.16 21.15 34.41
N TYR E 176 -18.36 20.19 34.87
CA TYR E 176 -18.68 19.45 36.09
C TYR E 176 -17.81 19.85 37.28
N ARG E 177 -16.78 20.66 37.08
CA ARG E 177 -15.93 21.11 38.18
C ARG E 177 -15.32 22.45 37.82
N ASP E 178 -14.96 23.21 38.85
CA ASP E 178 -14.32 24.51 38.65
C ASP E 178 -12.93 24.33 38.07
N ALA E 179 -12.59 25.16 37.08
CA ALA E 179 -11.30 25.01 36.42
C ALA E 179 -10.15 25.23 37.38
N ARG E 180 -10.28 26.20 38.29
CA ARG E 180 -9.19 26.54 39.20
C ARG E 180 -9.17 25.60 40.40
N THR E 181 -10.30 25.46 41.09
CA THR E 181 -10.34 24.71 42.35
C THR E 181 -10.64 23.23 42.16
N HIS E 182 -11.17 22.83 41.01
CA HIS E 182 -11.63 21.46 40.78
C HIS E 182 -12.78 21.07 41.71
N GLN E 183 -13.51 22.07 42.22
CA GLN E 183 -14.69 21.81 43.03
C GLN E 183 -15.79 21.22 42.16
N HIS E 184 -16.19 19.98 42.47
CA HIS E 184 -17.22 19.30 41.70
C HIS E 184 -18.56 19.99 41.89
N ILE E 185 -19.36 19.98 40.82
CA ILE E 185 -20.69 20.61 40.86
C ILE E 185 -21.55 19.86 41.87
N PRO E 186 -22.61 20.47 42.39
CA PRO E 186 -23.39 19.82 43.45
C PRO E 186 -24.26 18.68 42.93
N TYR E 187 -24.52 17.74 43.83
CA TYR E 187 -25.48 16.67 43.56
C TYR E 187 -26.89 17.25 43.43
N ARG E 188 -27.61 16.83 42.40
CA ARG E 188 -28.95 17.32 42.14
C ARG E 188 -29.80 16.18 41.62
N GLU E 189 -31.12 16.31 41.82
CA GLU E 189 -32.07 15.34 41.31
C GLU E 189 -33.11 16.05 40.45
N ASN E 190 -34.11 15.31 40.00
CA ASN E 190 -35.17 15.87 39.15
C ASN E 190 -34.61 16.58 37.94
N LYS E 191 -33.76 15.89 37.19
CA LYS E 191 -33.25 16.39 35.93
C LYS E 191 -33.84 15.60 34.77
N ASN E 192 -34.22 16.31 33.71
CA ASN E 192 -34.68 15.66 32.50
C ASN E 192 -33.51 15.05 31.73
N LEU E 193 -33.82 14.00 30.96
CA LEU E 193 -32.82 13.30 30.19
C LEU E 193 -32.29 14.19 29.08
N THR E 194 -30.96 14.39 29.07
CA THR E 194 -30.28 15.20 28.07
C THR E 194 -29.36 14.30 27.25
N GLY E 195 -29.94 13.60 26.28
CA GLY E 195 -29.18 12.69 25.45
C GLY E 195 -30.09 11.66 24.83
N THR E 196 -29.48 10.61 24.30
CA THR E 196 -30.23 9.53 23.69
C THR E 196 -30.66 8.55 24.78
N ALA E 197 -31.90 8.08 24.67
CA ALA E 197 -32.43 7.15 25.68
C ALA E 197 -31.74 5.80 25.59
N ARG E 198 -31.40 5.37 24.37
CA ARG E 198 -30.83 4.03 24.19
C ARG E 198 -29.55 3.86 25.00
N TYR E 199 -28.70 4.90 25.05
CA TYR E 199 -27.40 4.80 25.69
C TYR E 199 -27.31 5.52 27.03
N ALA E 200 -28.42 6.07 27.52
CA ALA E 200 -28.37 6.81 28.78
C ALA E 200 -28.07 5.88 29.95
N SER E 201 -27.38 6.42 30.95
CA SER E 201 -27.12 5.68 32.16
C SER E 201 -28.41 5.47 32.95
N ILE E 202 -28.40 4.46 33.82
CA ILE E 202 -29.56 4.18 34.66
C ILE E 202 -29.88 5.38 35.54
N ASN E 203 -28.86 6.00 36.14
CA ASN E 203 -29.11 7.15 37.02
C ASN E 203 -29.65 8.34 36.24
N THR E 204 -29.33 8.46 34.96
CA THR E 204 -29.92 9.52 34.14
C THR E 204 -31.43 9.32 34.01
N HIS E 205 -31.87 8.08 33.79
CA HIS E 205 -33.30 7.80 33.76
C HIS E 205 -33.96 8.20 35.08
N LEU E 206 -33.26 8.05 36.20
CA LEU E 206 -33.79 8.38 37.51
C LEU E 206 -33.72 9.86 37.84
N GLY E 207 -33.27 10.70 36.91
CA GLY E 207 -33.24 12.13 37.12
C GLY E 207 -32.05 12.66 37.89
N ILE E 208 -31.00 11.86 38.06
CA ILE E 208 -29.81 12.30 38.77
C ILE E 208 -28.95 13.15 37.85
N GLU E 209 -28.36 14.20 38.40
CA GLU E 209 -27.38 15.00 37.66
C GLU E 209 -26.26 14.09 37.14
N GLN E 210 -25.96 14.24 35.85
CA GLN E 210 -24.92 13.41 35.24
C GLN E 210 -23.53 13.87 35.66
N SER E 211 -22.60 12.92 35.69
CA SER E 211 -21.20 13.18 35.99
C SER E 211 -20.35 12.21 35.15
N ARG E 212 -19.05 12.13 35.47
CA ARG E 212 -18.12 11.37 34.64
C ARG E 212 -18.55 9.90 34.51
N ARG E 213 -18.99 9.32 35.63
CA ARG E 213 -19.40 7.92 35.63
C ARG E 213 -20.44 7.65 34.55
N ASP E 214 -21.28 8.64 34.25
CA ASP E 214 -22.37 8.42 33.31
C ASP E 214 -21.87 8.39 31.87
N ASP E 215 -20.93 9.27 31.53
CA ASP E 215 -20.28 9.14 30.23
C ASP E 215 -19.70 7.74 30.05
N LEU E 216 -19.00 7.25 31.08
CA LEU E 216 -18.36 5.94 30.92
C LEU E 216 -19.40 4.82 30.83
N GLU E 217 -20.47 4.90 31.62
CA GLU E 217 -21.51 3.86 31.53
C GLU E 217 -22.14 3.85 30.14
N SER E 218 -22.46 5.04 29.60
CA SER E 218 -22.98 5.10 28.25
C SER E 218 -22.01 4.43 27.27
N LEU E 219 -20.72 4.71 27.40
CA LEU E 219 -19.76 4.02 26.53
C LEU E 219 -19.90 2.51 26.66
N GLY E 220 -20.08 2.02 27.90
CA GLY E 220 -20.29 0.59 28.07
C GLY E 220 -21.45 0.06 27.26
N TYR E 221 -22.57 0.78 27.29
CA TYR E 221 -23.71 0.36 26.47
C TYR E 221 -23.40 0.43 24.98
N VAL E 222 -22.60 1.40 24.55
CA VAL E 222 -22.21 1.46 23.15
C VAL E 222 -21.41 0.22 22.77
N LEU E 223 -20.47 -0.18 23.62
CA LEU E 223 -19.65 -1.34 23.31
C LEU E 223 -20.49 -2.61 23.23
N MET E 224 -21.40 -2.81 24.19
CA MET E 224 -22.26 -3.99 24.09
C MET E 224 -23.17 -3.91 22.87
N TYR E 225 -23.57 -2.70 22.48
CA TYR E 225 -24.32 -2.51 21.25
C TYR E 225 -23.52 -2.99 20.04
N PHE E 226 -22.24 -2.64 19.98
CA PHE E 226 -21.39 -3.15 18.90
C PHE E 226 -21.28 -4.66 18.95
N ASN E 227 -21.23 -5.25 20.15
CA ASN E 227 -21.11 -6.70 20.24
C ASN E 227 -22.37 -7.41 19.78
N LEU E 228 -23.54 -6.86 20.12
CA LEU E 228 -24.80 -7.58 19.95
C LEU E 228 -25.50 -7.28 18.64
N GLY E 229 -25.24 -6.12 18.04
CA GLY E 229 -26.02 -5.65 16.92
C GLY E 229 -27.21 -4.80 17.30
N SER E 230 -27.70 -4.95 18.53
CA SER E 230 -28.78 -4.14 19.07
C SER E 230 -28.84 -4.43 20.57
N LEU E 231 -29.42 -3.51 21.29
CA LEU E 231 -29.55 -3.69 22.72
C LEU E 231 -30.92 -4.23 23.08
N PRO E 232 -31.05 -4.95 24.19
CA PRO E 232 -32.34 -5.60 24.50
C PRO E 232 -33.48 -4.62 24.74
N TRP E 233 -33.19 -3.33 24.91
CA TRP E 233 -34.24 -2.33 25.02
C TRP E 233 -34.49 -1.60 23.69
N GLN E 234 -33.91 -2.10 22.60
CA GLN E 234 -34.21 -1.62 21.27
C GLN E 234 -35.37 -2.41 20.67
N GLY E 235 -36.11 -1.75 19.78
CA GLY E 235 -37.17 -2.45 19.06
C GLY E 235 -38.29 -2.96 19.94
N LEU E 236 -38.70 -2.19 20.93
CA LEU E 236 -39.84 -2.54 21.74
C LEU E 236 -41.10 -1.92 21.13
N LYS E 237 -42.17 -2.69 21.10
CA LYS E 237 -43.41 -2.21 20.49
C LYS E 237 -44.00 -1.08 21.33
N ALA E 238 -44.46 -0.03 20.64
CA ALA E 238 -45.04 1.14 21.29
C ALA E 238 -45.56 2.09 20.21
N ALA E 239 -46.73 2.66 20.42
CA ALA E 239 -47.25 3.50 19.36
C ALA E 239 -47.05 4.98 19.62
N THR E 240 -46.68 5.38 20.81
CA THR E 240 -46.44 6.81 21.06
C THR E 240 -45.00 7.09 21.54
N LYS E 241 -44.48 8.32 21.44
CA LYS E 241 -43.09 8.58 21.90
C LYS E 241 -42.95 8.30 23.43
N ARG E 242 -43.90 8.80 24.19
CA ARG E 242 -43.91 8.65 25.64
C ARG E 242 -43.81 7.18 26.05
N GLN E 243 -44.67 6.34 25.48
CA GLN E 243 -44.67 4.93 25.83
C GLN E 243 -43.35 4.27 25.46
N LYS E 244 -42.78 4.66 24.31
CA LYS E 244 -41.49 4.11 23.92
C LYS E 244 -40.43 4.42 24.97
N TYR E 245 -40.37 5.68 25.42
CA TYR E 245 -39.40 6.02 26.47
C TYR E 245 -39.65 5.20 27.72
N GLU E 246 -40.90 5.13 28.16
CA GLU E 246 -41.21 4.37 29.37
C GLU E 246 -40.72 2.93 29.24
N ARG E 247 -40.98 2.30 28.10
CA ARG E 247 -40.60 0.89 27.94
C ARG E 247 -39.09 0.74 27.86
N ILE E 248 -38.40 1.65 27.19
CA ILE E 248 -36.93 1.59 27.16
C ILE E 248 -36.38 1.66 28.58
N SER E 249 -36.83 2.67 29.35
CA SER E 249 -36.35 2.82 30.71
C SER E 249 -36.60 1.56 31.53
N GLU E 250 -37.83 1.05 31.48
CA GLU E 250 -38.19 -0.11 32.28
C GLU E 250 -37.37 -1.34 31.89
N LYS E 251 -37.21 -1.59 30.59
CA LYS E 251 -36.42 -2.74 30.15
C LYS E 251 -34.96 -2.59 30.58
N LYS E 252 -34.39 -1.40 30.45
CA LYS E 252 -33.00 -1.19 30.85
C LYS E 252 -32.82 -1.46 32.34
N MET E 253 -33.78 -1.02 33.15
CA MET E 253 -33.73 -1.22 34.59
C MET E 253 -34.09 -2.64 35.02
N SER E 254 -34.75 -3.41 34.15
CA SER E 254 -35.11 -4.78 34.46
C SER E 254 -34.13 -5.80 33.88
N THR E 255 -33.12 -5.35 33.13
CA THR E 255 -32.15 -6.25 32.53
C THR E 255 -30.84 -6.22 33.31
N PRO E 256 -30.56 -7.22 34.17
CA PRO E 256 -29.27 -7.22 34.86
C PRO E 256 -28.10 -7.30 33.90
N ILE E 257 -26.98 -6.71 34.31
CA ILE E 257 -25.79 -6.67 33.47
C ILE E 257 -25.33 -8.07 33.08
N GLU E 258 -25.50 -9.06 33.96
CA GLU E 258 -25.10 -10.42 33.63
C GLU E 258 -25.92 -10.97 32.47
N VAL E 259 -27.20 -10.60 32.39
CA VAL E 259 -28.04 -11.04 31.27
C VAL E 259 -27.65 -10.28 30.00
N LEU E 260 -27.47 -8.96 30.11
CA LEU E 260 -27.08 -8.17 28.95
C LEU E 260 -25.82 -8.70 28.31
N CYS E 261 -24.82 -9.08 29.12
CA CYS E 261 -23.50 -9.44 28.63
C CYS E 261 -23.31 -10.95 28.48
N LYS E 262 -24.37 -11.74 28.64
CA LYS E 262 -24.22 -13.19 28.56
C LYS E 262 -23.64 -13.60 27.22
N GLY E 263 -22.68 -14.51 27.24
CA GLY E 263 -22.08 -15.02 26.03
C GLY E 263 -20.94 -14.18 25.49
N TYR E 264 -20.50 -13.16 26.21
CA TYR E 264 -19.39 -12.32 25.82
C TYR E 264 -18.39 -12.23 26.96
N PRO E 265 -17.14 -11.87 26.67
CA PRO E 265 -16.12 -11.85 27.72
C PRO E 265 -16.59 -11.07 28.95
N SER E 266 -16.28 -11.63 30.12
CA SER E 266 -16.72 -11.04 31.38
C SER E 266 -16.25 -9.60 31.55
N GLU E 267 -15.22 -9.17 30.80
CA GLU E 267 -14.70 -7.83 30.96
C GLU E 267 -15.75 -6.76 30.71
N PHE E 268 -16.72 -7.02 29.81
CA PHE E 268 -17.74 -6.03 29.53
C PHE E 268 -18.67 -5.85 30.73
N ALA E 269 -19.05 -6.95 31.38
CA ALA E 269 -19.86 -6.86 32.59
C ALA E 269 -19.08 -6.22 33.72
N THR E 270 -17.80 -6.57 33.88
CA THR E 270 -16.97 -5.93 34.89
C THR E 270 -16.91 -4.42 34.65
N TYR E 271 -16.73 -4.02 33.39
CA TYR E 271 -16.71 -2.60 33.06
C TYR E 271 -18.00 -1.92 33.50
N LEU E 272 -19.15 -2.47 33.06
CA LEU E 272 -20.42 -1.81 33.35
C LEU E 272 -20.70 -1.78 34.85
N ASN E 273 -20.41 -2.86 35.56
CA ASN E 273 -20.60 -2.88 37.00
C ASN E 273 -19.72 -1.84 37.69
N PHE E 274 -18.47 -1.71 37.24
CA PHE E 274 -17.58 -0.70 37.81
C PHE E 274 -18.16 0.69 37.61
N CYS E 275 -18.66 0.98 36.40
CA CYS E 275 -19.23 2.30 36.16
C CYS E 275 -20.48 2.54 37.00
N ARG E 276 -21.32 1.52 37.14
CA ARG E 276 -22.54 1.66 37.95
C ARG E 276 -22.22 1.88 39.42
N SER E 277 -21.06 1.42 39.88
CA SER E 277 -20.71 1.51 41.29
C SER E 277 -19.99 2.80 41.66
N LEU E 278 -19.65 3.63 40.68
CA LEU E 278 -18.98 4.89 40.97
C LEU E 278 -19.92 5.84 41.69
N ARG E 279 -19.36 6.64 42.60
CA ARG E 279 -20.13 7.66 43.27
C ARG E 279 -20.16 8.94 42.43
N PHE E 280 -21.12 9.81 42.76
CA PHE E 280 -21.42 10.97 41.91
C PHE E 280 -20.15 11.73 41.52
N ASP E 281 -19.30 12.04 42.49
CA ASP E 281 -18.12 12.86 42.24
C ASP E 281 -16.82 12.05 42.20
N ASP E 282 -16.91 10.73 42.14
CA ASP E 282 -15.70 9.93 42.01
C ASP E 282 -14.97 10.23 40.71
N LYS E 283 -13.65 10.27 40.78
CA LYS E 283 -12.84 10.26 39.57
C LYS E 283 -12.70 8.82 39.10
N PRO E 284 -13.17 8.46 37.91
CA PRO E 284 -13.03 7.07 37.45
C PRO E 284 -11.57 6.68 37.31
N ASP E 285 -11.31 5.38 37.52
CA ASP E 285 -9.99 4.81 37.28
C ASP E 285 -9.92 4.38 35.82
N TYR E 286 -9.63 5.35 34.95
CA TYR E 286 -9.64 5.10 33.51
C TYR E 286 -8.63 4.02 33.14
N SER E 287 -7.46 4.04 33.78
CA SER E 287 -6.41 3.09 33.44
C SER E 287 -6.81 1.67 33.81
N TYR E 288 -7.56 1.50 34.89
CA TYR E 288 -8.08 0.17 35.23
C TYR E 288 -8.97 -0.38 34.12
N LEU E 289 -9.88 0.45 33.60
CA LEU E 289 -10.80 0.00 32.56
C LEU E 289 -10.04 -0.32 31.28
N ARG E 290 -9.15 0.59 30.87
CA ARG E 290 -8.30 0.32 29.71
C ARG E 290 -7.56 -0.99 29.89
N GLN E 291 -7.06 -1.25 31.10
CA GLN E 291 -6.28 -2.45 31.35
C GLN E 291 -7.14 -3.70 31.25
N LEU E 292 -8.38 -3.63 31.76
CA LEU E 292 -9.33 -4.72 31.54
C LEU E 292 -9.33 -5.12 30.07
N PHE E 293 -9.66 -4.15 29.21
CA PHE E 293 -9.83 -4.50 27.80
C PHE E 293 -8.51 -4.84 27.13
N ARG E 294 -7.38 -4.29 27.60
CA ARG E 294 -6.10 -4.60 26.96
C ARG E 294 -5.65 -6.02 27.30
N ASN E 295 -5.82 -6.45 28.55
CA ASN E 295 -5.50 -7.83 28.91
C ASN E 295 -6.36 -8.79 28.10
N LEU E 296 -7.67 -8.53 28.05
CA LEU E 296 -8.53 -9.36 27.20
C LEU E 296 -7.99 -9.40 25.78
N PHE E 297 -7.68 -8.21 25.23
CA PHE E 297 -7.15 -8.11 23.88
C PHE E 297 -5.92 -8.99 23.69
N HIS E 298 -5.03 -9.02 24.69
CA HIS E 298 -3.78 -9.74 24.58
C HIS E 298 -3.93 -11.25 24.78
N ARG E 299 -5.11 -11.73 25.19
CA ARG E 299 -5.28 -13.17 25.33
C ARG E 299 -5.86 -13.86 24.09
N GLN E 300 -6.16 -13.12 23.01
CA GLN E 300 -6.91 -13.71 21.91
C GLN E 300 -6.04 -14.34 20.82
N GLY E 301 -4.76 -13.98 20.73
CA GLY E 301 -3.97 -14.42 19.61
C GLY E 301 -4.25 -13.69 18.32
N PHE E 302 -4.67 -12.43 18.42
CA PHE E 302 -4.83 -11.58 17.25
C PHE E 302 -3.49 -11.33 16.57
N SER E 303 -3.55 -10.99 15.29
CA SER E 303 -2.47 -10.24 14.67
C SER E 303 -2.57 -8.80 15.14
N TYR E 304 -1.42 -8.20 15.45
CA TYR E 304 -1.41 -6.85 16.03
C TYR E 304 -1.17 -5.78 14.97
N ASP E 305 -1.59 -6.02 13.73
CA ASP E 305 -1.75 -4.94 12.77
C ASP E 305 -3.02 -4.18 13.10
N TYR E 306 -2.95 -2.85 13.00
CA TYR E 306 -4.04 -1.98 13.46
C TYR E 306 -5.01 -1.76 12.31
N VAL E 307 -5.93 -2.72 12.15
CA VAL E 307 -6.88 -2.75 11.04
C VAL E 307 -8.28 -2.98 11.59
N PHE E 308 -9.20 -2.08 11.25
CA PHE E 308 -10.60 -2.22 11.66
C PHE E 308 -11.38 -3.08 10.67
N ASP E 309 -12.51 -3.60 11.14
CA ASP E 309 -13.33 -4.48 10.31
C ASP E 309 -13.65 -3.85 8.95
N TRP E 310 -14.01 -2.57 8.94
CA TRP E 310 -14.50 -1.97 7.69
C TRP E 310 -13.39 -1.82 6.65
N ASN E 311 -12.13 -1.91 7.06
CA ASN E 311 -11.01 -1.89 6.11
C ASN E 311 -10.54 -3.30 5.73
N MET E 312 -11.39 -4.30 5.95
CA MET E 312 -11.09 -5.67 5.56
C MET E 312 -12.17 -6.23 4.64
N LEU E 313 -12.95 -5.34 4.02
CA LEU E 313 -13.98 -5.70 3.04
C LEU E 313 -13.68 -4.85 1.82
N LYS E 314 -13.02 -5.44 0.84
CA LYS E 314 -12.59 -4.68 -0.33
C LYS E 314 -13.20 -5.25 -1.61
N ASN F 27 -20.52 -33.21 -6.27
CA ASN F 27 -21.77 -32.71 -6.84
C ASN F 27 -21.72 -31.19 -6.99
N ARG F 28 -21.46 -30.50 -5.87
CA ARG F 28 -21.36 -29.06 -5.86
C ARG F 28 -19.90 -28.57 -5.83
N TYR F 29 -18.96 -29.45 -6.16
CA TYR F 29 -17.55 -29.12 -6.11
C TYR F 29 -16.83 -29.83 -7.25
N ARG F 30 -15.80 -29.19 -7.79
CA ARG F 30 -14.91 -29.81 -8.76
C ARG F 30 -13.58 -30.09 -8.09
N LEU F 31 -13.08 -31.31 -8.24
CA LEU F 31 -11.82 -31.68 -7.61
C LEU F 31 -10.65 -31.21 -8.46
N GLY F 32 -9.65 -30.64 -7.80
CA GLY F 32 -8.46 -30.17 -8.49
C GLY F 32 -7.25 -31.04 -8.19
N ARG F 33 -6.06 -30.44 -8.20
CA ARG F 33 -4.83 -31.22 -8.09
C ARG F 33 -4.60 -31.63 -6.64
N LYS F 34 -3.98 -32.79 -6.47
CA LYS F 34 -3.63 -33.26 -5.14
C LYS F 34 -2.49 -32.41 -4.59
N ILE F 35 -2.57 -32.08 -3.30
CA ILE F 35 -1.59 -31.18 -2.69
C ILE F 35 -0.92 -31.78 -1.46
N GLY F 36 -1.34 -32.93 -0.97
CA GLY F 36 -0.65 -33.54 0.15
C GLY F 36 -1.53 -34.54 0.87
N SER F 37 -1.18 -34.77 2.13
CA SER F 37 -1.90 -35.68 3.00
C SER F 37 -1.94 -35.10 4.41
N GLY F 38 -3.06 -35.28 5.10
CA GLY F 38 -3.18 -34.91 6.49
C GLY F 38 -2.81 -36.08 7.39
N SER F 39 -3.23 -35.97 8.65
CA SER F 39 -3.02 -37.08 9.58
C SER F 39 -3.62 -38.37 9.03
N PHE F 40 -4.78 -38.26 8.38
CA PHE F 40 -5.38 -39.35 7.65
C PHE F 40 -6.19 -38.76 6.50
N GLY F 41 -6.06 -39.36 5.32
CA GLY F 41 -6.78 -38.93 4.13
C GLY F 41 -5.93 -38.09 3.20
N ASP F 42 -6.51 -37.74 2.06
CA ASP F 42 -5.81 -36.97 1.04
C ASP F 42 -6.36 -35.55 0.91
N ILE F 43 -5.47 -34.61 0.59
CA ILE F 43 -5.81 -33.20 0.47
C ILE F 43 -5.70 -32.80 -1.01
N TYR F 44 -6.70 -32.08 -1.49
CA TYR F 44 -6.77 -31.61 -2.87
C TYR F 44 -7.18 -30.14 -2.89
N LEU F 45 -6.87 -29.47 -3.99
CA LEU F 45 -7.55 -28.22 -4.30
C LEU F 45 -8.88 -28.53 -5.01
N GLY F 46 -9.81 -27.58 -4.90
CA GLY F 46 -11.10 -27.76 -5.54
C GLY F 46 -11.76 -26.43 -5.81
N THR F 47 -12.86 -26.50 -6.54
CA THR F 47 -13.67 -25.34 -6.87
C THR F 47 -15.07 -25.52 -6.30
N ASP F 48 -15.44 -24.63 -5.38
CA ASP F 48 -16.83 -24.42 -5.01
C ASP F 48 -17.47 -23.67 -6.17
N ILE F 49 -18.19 -24.44 -7.00
CA ILE F 49 -18.82 -23.91 -8.20
C ILE F 49 -19.86 -22.85 -7.84
N ALA F 50 -20.70 -23.16 -6.85
CA ALA F 50 -21.79 -22.26 -6.49
C ALA F 50 -21.27 -20.91 -6.03
N ALA F 51 -20.21 -20.90 -5.23
CA ALA F 51 -19.63 -19.66 -4.72
C ALA F 51 -18.58 -19.09 -5.66
N GLY F 52 -18.18 -19.83 -6.70
CA GLY F 52 -17.08 -19.40 -7.54
C GLY F 52 -15.84 -19.13 -6.72
N GLU F 53 -15.46 -20.08 -5.87
CA GLU F 53 -14.29 -19.89 -5.02
C GLU F 53 -13.44 -21.15 -5.02
N GLU F 54 -12.13 -20.98 -4.91
CA GLU F 54 -11.25 -22.13 -4.72
C GLU F 54 -11.24 -22.50 -3.25
N VAL F 55 -11.29 -23.80 -2.98
CA VAL F 55 -11.34 -24.35 -1.63
C VAL F 55 -10.31 -25.48 -1.53
N ALA F 56 -10.13 -25.97 -0.31
CA ALA F 56 -9.34 -27.16 -0.05
C ALA F 56 -10.27 -28.29 0.35
N ILE F 57 -9.95 -29.51 -0.07
CA ILE F 57 -10.85 -30.64 0.09
C ILE F 57 -10.08 -31.82 0.66
N LYS F 58 -10.62 -32.41 1.72
CA LYS F 58 -10.06 -33.60 2.35
C LYS F 58 -10.95 -34.80 2.03
N LEU F 59 -10.34 -35.87 1.53
CA LEU F 59 -11.05 -37.07 1.11
C LEU F 59 -10.63 -38.25 1.97
N GLU F 60 -11.62 -39.07 2.32
CA GLU F 60 -11.41 -40.31 3.06
C GLU F 60 -12.14 -41.42 2.32
N CYS F 61 -11.46 -42.52 2.06
CA CYS F 61 -12.11 -43.65 1.39
C CYS F 61 -13.28 -44.16 2.23
N VAL F 62 -14.46 -44.21 1.62
CA VAL F 62 -15.67 -44.59 2.36
C VAL F 62 -15.56 -46.00 2.93
N LYS F 63 -14.84 -46.89 2.25
CA LYS F 63 -14.68 -48.26 2.72
C LYS F 63 -13.40 -48.40 3.55
N THR F 64 -13.23 -47.54 4.54
CA THR F 64 -12.06 -47.56 5.40
C THR F 64 -12.39 -48.29 6.70
N LYS F 65 -11.40 -49.01 7.22
CA LYS F 65 -11.61 -49.78 8.45
C LYS F 65 -12.14 -48.90 9.57
N HIS F 66 -11.43 -47.81 9.87
CA HIS F 66 -11.79 -46.90 10.96
C HIS F 66 -12.12 -45.53 10.40
N PRO F 67 -13.39 -45.24 10.10
CA PRO F 67 -13.74 -43.91 9.60
C PRO F 67 -13.44 -42.84 10.64
N GLN F 68 -12.93 -41.70 10.15
CA GLN F 68 -12.45 -40.63 11.04
C GLN F 68 -12.83 -39.23 10.60
N LEU F 69 -13.19 -39.01 9.33
CA LEU F 69 -13.38 -37.65 8.83
C LEU F 69 -14.58 -36.96 9.48
N HIS F 70 -15.67 -37.70 9.67
CA HIS F 70 -16.87 -37.12 10.28
C HIS F 70 -16.57 -36.63 11.69
N ILE F 71 -15.85 -37.44 12.47
CA ILE F 71 -15.45 -37.07 13.83
C ILE F 71 -14.67 -35.76 13.79
N GLU F 72 -13.63 -35.70 12.97
CA GLU F 72 -12.83 -34.48 12.87
C GLU F 72 -13.69 -33.29 12.49
N SER F 73 -14.62 -33.48 11.55
CA SER F 73 -15.50 -32.38 11.16
C SER F 73 -16.28 -31.87 12.35
N LYS F 74 -16.73 -32.78 13.23
CA LYS F 74 -17.43 -32.35 14.44
C LYS F 74 -16.50 -31.56 15.35
N ILE F 75 -15.23 -31.94 15.42
CA ILE F 75 -14.30 -31.16 16.24
C ILE F 75 -14.13 -29.75 15.66
N TYR F 76 -13.93 -29.65 14.34
CA TYR F 76 -13.87 -28.34 13.72
C TYR F 76 -15.11 -27.51 14.04
N LYS F 77 -16.29 -28.13 13.99
CA LYS F 77 -17.52 -27.38 14.24
C LYS F 77 -17.60 -26.89 15.68
N MET F 78 -17.11 -27.66 16.64
CA MET F 78 -17.06 -27.13 18.01
C MET F 78 -16.10 -25.96 18.13
N MET F 79 -15.07 -25.88 17.28
CA MET F 79 -14.11 -24.79 17.32
C MET F 79 -14.56 -23.57 16.53
N GLN F 80 -15.64 -23.69 15.75
CA GLN F 80 -15.98 -22.67 14.77
C GLN F 80 -16.13 -21.30 15.42
N GLY F 81 -15.66 -20.27 14.71
CA GLY F 81 -15.77 -18.90 15.18
C GLY F 81 -14.56 -18.40 15.94
N GLY F 82 -13.70 -19.29 16.42
CA GLY F 82 -12.51 -18.85 17.13
C GLY F 82 -11.51 -18.19 16.20
N VAL F 83 -10.68 -17.33 16.80
CA VAL F 83 -9.61 -16.68 16.03
C VAL F 83 -8.69 -17.74 15.45
N GLY F 84 -8.42 -17.63 14.16
CA GLY F 84 -7.50 -18.54 13.50
C GLY F 84 -7.99 -19.97 13.40
N ILE F 85 -9.28 -20.20 13.49
CA ILE F 85 -9.88 -21.53 13.30
C ILE F 85 -10.48 -21.57 11.90
N PRO F 86 -10.06 -22.47 11.02
CA PRO F 86 -10.65 -22.53 9.68
C PRO F 86 -12.10 -22.96 9.71
N THR F 87 -12.85 -22.49 8.71
CA THR F 87 -14.24 -22.86 8.54
C THR F 87 -14.33 -24.03 7.56
N ILE F 88 -15.22 -24.98 7.86
CA ILE F 88 -15.37 -26.18 7.05
C ILE F 88 -16.85 -26.43 6.77
N ARG F 89 -17.08 -27.38 5.86
CA ARG F 89 -18.40 -27.87 5.51
C ARG F 89 -18.26 -29.38 5.26
N TRP F 90 -18.96 -30.17 6.07
CA TRP F 90 -18.92 -31.62 5.95
C TRP F 90 -20.01 -32.05 4.98
N CYS F 91 -19.60 -32.52 3.80
CA CYS F 91 -20.52 -32.81 2.71
C CYS F 91 -21.04 -34.25 2.74
N GLY F 92 -20.55 -35.08 3.65
CA GLY F 92 -20.96 -36.47 3.70
C GLY F 92 -20.20 -37.30 2.69
N ALA F 93 -20.85 -38.30 2.11
CA ALA F 93 -20.22 -39.23 1.18
C ALA F 93 -20.57 -38.87 -0.25
N GLU F 94 -19.57 -38.97 -1.13
CA GLU F 94 -19.77 -38.76 -2.56
C GLU F 94 -18.94 -39.80 -3.29
N GLY F 95 -19.61 -40.69 -4.01
CA GLY F 95 -18.91 -41.79 -4.64
C GLY F 95 -18.27 -42.69 -3.59
N ASP F 96 -16.99 -42.98 -3.78
CA ASP F 96 -16.24 -43.84 -2.86
C ASP F 96 -15.53 -43.06 -1.76
N TYR F 97 -15.93 -41.80 -1.54
CA TYR F 97 -15.20 -40.92 -0.63
C TYR F 97 -16.16 -40.12 0.23
N ASN F 98 -15.83 -40.02 1.52
CA ASN F 98 -16.32 -38.96 2.37
C ASN F 98 -15.49 -37.70 2.15
N VAL F 99 -16.17 -36.56 2.16
CA VAL F 99 -15.61 -35.29 1.70
C VAL F 99 -15.78 -34.25 2.80
N MET F 100 -14.71 -33.49 3.07
CA MET F 100 -14.77 -32.32 3.92
C MET F 100 -14.17 -31.15 3.17
N VAL F 101 -14.84 -30.00 3.17
CA VAL F 101 -14.39 -28.82 2.43
C VAL F 101 -13.98 -27.74 3.42
N MET F 102 -12.82 -27.14 3.20
CA MET F 102 -12.30 -26.07 4.04
C MET F 102 -12.00 -24.85 3.20
N GLU F 103 -12.19 -23.68 3.80
CA GLU F 103 -11.76 -22.44 3.17
C GLU F 103 -10.27 -22.52 2.84
N LEU F 104 -9.90 -21.97 1.69
CA LEU F 104 -8.51 -22.01 1.28
C LEU F 104 -7.66 -21.11 2.19
N LEU F 105 -6.51 -21.63 2.58
CA LEU F 105 -5.55 -20.91 3.42
C LEU F 105 -4.21 -20.84 2.70
N GLY F 106 -3.27 -20.12 3.30
CA GLY F 106 -1.98 -19.89 2.70
C GLY F 106 -0.92 -20.91 3.10
N PRO F 107 0.34 -20.56 2.95
CA PRO F 107 1.42 -21.52 3.24
C PRO F 107 1.53 -21.82 4.74
N SER F 108 2.15 -22.97 5.03
CA SER F 108 2.41 -23.34 6.40
C SER F 108 3.67 -22.65 6.91
N LEU F 109 3.86 -22.69 8.24
CA LEU F 109 5.07 -22.11 8.82
C LEU F 109 6.32 -22.87 8.42
N GLU F 110 6.20 -24.15 8.06
CA GLU F 110 7.37 -24.89 7.56
C GLU F 110 7.75 -24.39 6.16
N ASP F 111 6.75 -24.24 5.28
CA ASP F 111 6.99 -23.66 3.97
C ASP F 111 7.70 -22.32 4.10
N LEU F 112 7.19 -21.44 4.97
CA LEU F 112 7.76 -20.11 5.11
C LEU F 112 9.13 -20.15 5.79
N PHE F 113 9.33 -21.11 6.69
CA PHE F 113 10.65 -21.30 7.29
C PHE F 113 11.68 -21.64 6.22
N ASN F 114 11.33 -22.55 5.30
CA ASN F 114 12.24 -22.87 4.21
C ASN F 114 12.40 -21.66 3.27
N PHE F 115 11.32 -20.92 3.04
CA PHE F 115 11.43 -19.71 2.23
C PHE F 115 12.41 -18.72 2.84
N CYS F 116 12.50 -18.68 4.16
CA CYS F 116 13.45 -17.84 4.88
C CYS F 116 14.77 -18.55 5.15
N SER F 117 15.09 -19.61 4.39
CA SER F 117 16.34 -20.34 4.55
C SER F 117 16.51 -20.88 5.96
N ARG F 118 15.40 -21.26 6.58
CA ARG F 118 15.40 -21.99 7.85
C ARG F 118 16.04 -21.17 8.97
N LYS F 119 15.79 -19.86 8.96
CA LYS F 119 16.11 -19.01 10.10
C LYS F 119 15.04 -17.92 10.21
N PHE F 120 14.44 -17.81 11.39
CA PHE F 120 13.54 -16.72 11.72
C PHE F 120 14.23 -15.76 12.68
N SER F 121 13.99 -14.48 12.48
CA SER F 121 14.48 -13.48 13.43
C SER F 121 13.76 -13.61 14.76
N LEU F 122 14.36 -13.05 15.80
CA LEU F 122 13.74 -13.10 17.12
C LEU F 122 12.35 -12.46 17.08
N LYS F 123 12.22 -11.34 16.38
CA LYS F 123 10.93 -10.66 16.29
C LYS F 123 9.85 -11.61 15.77
N THR F 124 10.12 -12.28 14.64
CA THR F 124 9.14 -13.18 14.06
C THR F 124 8.82 -14.33 15.01
N VAL F 125 9.85 -14.90 15.65
CA VAL F 125 9.61 -16.00 16.58
C VAL F 125 8.69 -15.56 17.70
N LEU F 126 8.86 -14.34 18.20
CA LEU F 126 8.06 -13.91 19.34
C LEU F 126 6.62 -13.58 18.92
N LEU F 127 6.45 -12.96 17.76
CA LEU F 127 5.09 -12.72 17.25
C LEU F 127 4.36 -14.06 17.08
N LEU F 128 5.01 -15.02 16.43
CA LEU F 128 4.42 -16.34 16.27
C LEU F 128 4.11 -16.95 17.62
N ALA F 129 5.02 -16.84 18.58
CA ALA F 129 4.79 -17.42 19.90
C ALA F 129 3.53 -16.86 20.52
N ASP F 130 3.35 -15.54 20.43
CA ASP F 130 2.15 -14.95 21.03
C ASP F 130 0.89 -15.48 20.38
N GLN F 131 0.87 -15.59 19.04
CA GLN F 131 -0.34 -16.13 18.41
C GLN F 131 -0.56 -17.59 18.78
N MET F 132 0.51 -18.39 18.81
CA MET F 132 0.35 -19.84 18.92
C MET F 132 -0.04 -20.25 20.34
N ILE F 133 0.54 -19.59 21.36
CA ILE F 133 0.12 -19.88 22.73
C ILE F 133 -1.39 -19.66 22.88
N SER F 134 -1.90 -18.55 22.34
CA SER F 134 -3.31 -18.23 22.49
C SER F 134 -4.19 -19.17 21.66
N ARG F 135 -3.71 -19.55 20.47
CA ARG F 135 -4.45 -20.53 19.67
C ARG F 135 -4.62 -21.83 20.44
N ILE F 136 -3.54 -22.34 21.02
CA ILE F 136 -3.61 -23.57 21.79
C ILE F 136 -4.54 -23.38 22.99
N GLU F 137 -4.43 -22.24 23.68
CA GLU F 137 -5.34 -22.00 24.81
C GLU F 137 -6.79 -22.05 24.36
N TYR F 138 -7.08 -21.50 23.18
CA TYR F 138 -8.47 -21.55 22.69
C TYR F 138 -8.90 -22.99 22.48
N ILE F 139 -8.07 -23.80 21.84
CA ILE F 139 -8.41 -25.21 21.68
C ILE F 139 -8.70 -25.85 23.03
N HIS F 140 -7.86 -25.58 24.03
CA HIS F 140 -8.06 -26.17 25.34
C HIS F 140 -9.35 -25.69 26.00
N SER F 141 -9.72 -24.44 25.78
CA SER F 141 -10.96 -23.91 26.36
C SER F 141 -12.18 -24.61 25.80
N LYS F 142 -12.09 -25.17 24.60
CA LYS F 142 -13.16 -25.95 24.02
C LYS F 142 -13.05 -27.45 24.33
N ASN F 143 -12.26 -27.80 25.36
CA ASN F 143 -12.23 -29.13 25.96
C ASN F 143 -11.42 -30.14 25.17
N PHE F 144 -10.58 -29.71 24.24
CA PHE F 144 -9.77 -30.62 23.44
C PHE F 144 -8.29 -30.27 23.57
N ILE F 145 -7.46 -31.29 23.37
CA ILE F 145 -6.03 -31.10 23.18
C ILE F 145 -5.69 -31.51 21.75
N HIS F 146 -4.72 -30.82 21.15
CA HIS F 146 -4.45 -30.99 19.73
C HIS F 146 -3.58 -32.23 19.48
N ARG F 147 -2.49 -32.37 20.24
CA ARG F 147 -1.63 -33.56 20.24
C ARG F 147 -0.78 -33.71 18.99
N ASP F 148 -0.72 -32.70 18.13
CA ASP F 148 0.17 -32.76 16.96
C ASP F 148 0.65 -31.36 16.61
N VAL F 149 1.16 -30.64 17.61
CA VAL F 149 1.67 -29.29 17.42
C VAL F 149 2.97 -29.36 16.64
N LYS F 150 2.98 -28.78 15.44
CA LYS F 150 4.17 -28.78 14.59
C LYS F 150 3.99 -27.72 13.52
N PRO F 151 5.08 -27.25 12.91
CA PRO F 151 4.97 -26.14 11.95
C PRO F 151 4.04 -26.44 10.77
N ASP F 152 3.96 -27.69 10.32
CA ASP F 152 3.13 -28.02 9.18
C ASP F 152 1.65 -27.79 9.46
N ASN F 153 1.23 -27.76 10.72
CA ASN F 153 -0.17 -27.61 11.08
C ASN F 153 -0.55 -26.18 11.42
N PHE F 154 0.29 -25.21 11.08
CA PHE F 154 -0.03 -23.80 11.23
C PHE F 154 0.10 -23.15 9.85
N LEU F 155 -1.00 -22.57 9.37
CA LEU F 155 -1.06 -21.99 8.03
C LEU F 155 -1.43 -20.51 8.14
N MET F 156 -0.79 -19.68 7.33
CA MET F 156 -1.15 -18.27 7.30
C MET F 156 -2.43 -18.07 6.50
N GLY F 157 -3.20 -17.05 6.87
CA GLY F 157 -4.37 -16.68 6.12
C GLY F 157 -4.01 -16.08 4.77
N LEU F 158 -5.02 -15.81 3.97
CA LEU F 158 -4.86 -15.22 2.66
C LEU F 158 -5.29 -13.76 2.67
N GLY F 159 -4.69 -12.98 1.78
CA GLY F 159 -5.14 -11.60 1.58
C GLY F 159 -5.02 -10.79 2.85
N LYS F 160 -6.16 -10.21 3.25
CA LYS F 160 -6.18 -9.34 4.42
C LYS F 160 -5.92 -10.08 5.72
N LYS F 161 -6.01 -11.40 5.71
CA LYS F 161 -5.71 -12.22 6.87
C LYS F 161 -4.32 -12.84 6.79
N GLY F 162 -3.45 -12.28 5.93
CA GLY F 162 -2.13 -12.85 5.71
C GLY F 162 -1.22 -12.81 6.94
N ASN F 163 -1.55 -12.01 7.94
CA ASN F 163 -0.77 -11.94 9.17
C ASN F 163 -1.34 -12.82 10.29
N LEU F 164 -2.41 -13.55 10.03
CA LEU F 164 -3.06 -14.36 11.06
C LEU F 164 -2.61 -15.82 10.91
N VAL F 165 -2.20 -16.42 12.02
CA VAL F 165 -1.78 -17.82 12.04
C VAL F 165 -2.98 -18.69 12.39
N TYR F 166 -3.35 -19.58 11.49
CA TYR F 166 -4.39 -20.58 11.70
C TYR F 166 -3.76 -21.89 12.11
N ILE F 167 -4.53 -22.69 12.85
CA ILE F 167 -4.15 -24.06 13.18
C ILE F 167 -5.10 -25.00 12.45
N ILE F 168 -4.57 -26.13 11.98
CA ILE F 168 -5.36 -27.10 11.22
C ILE F 168 -5.13 -28.50 11.79
N ASP F 169 -5.97 -29.43 11.32
CA ASP F 169 -5.80 -30.85 11.53
C ASP F 169 -6.11 -31.26 12.96
N PHE F 170 -7.34 -31.71 13.18
CA PHE F 170 -7.76 -32.26 14.47
C PHE F 170 -7.94 -33.77 14.41
N GLY F 171 -7.30 -34.44 13.45
CA GLY F 171 -7.44 -35.88 13.30
C GLY F 171 -6.88 -36.65 14.48
N LEU F 172 -5.92 -36.08 15.19
CA LEU F 172 -5.35 -36.69 16.38
C LEU F 172 -5.82 -36.02 17.66
N ALA F 173 -6.72 -35.05 17.58
CA ALA F 173 -7.18 -34.36 18.77
C ALA F 173 -8.03 -35.28 19.64
N LYS F 174 -8.12 -34.93 20.92
CA LYS F 174 -8.82 -35.76 21.89
C LYS F 174 -9.43 -34.86 22.95
N LYS F 175 -10.64 -35.20 23.37
CA LYS F 175 -11.30 -34.48 24.46
C LYS F 175 -10.66 -34.85 25.79
N TYR F 176 -10.24 -33.84 26.55
CA TYR F 176 -9.53 -34.07 27.81
C TYR F 176 -10.38 -33.79 29.04
N ARG F 177 -11.58 -33.23 28.89
CA ARG F 177 -12.45 -32.99 30.03
C ARG F 177 -13.89 -32.96 29.56
N ASP F 178 -14.80 -33.27 30.49
CA ASP F 178 -16.22 -33.23 30.18
C ASP F 178 -16.69 -31.79 29.99
N ALA F 179 -17.51 -31.57 28.96
CA ALA F 179 -17.96 -30.22 28.64
C ALA F 179 -18.77 -29.62 29.79
N ARG F 180 -19.62 -30.42 30.43
CA ARG F 180 -20.48 -29.89 31.48
C ARG F 180 -19.75 -29.76 32.81
N THR F 181 -19.14 -30.85 33.27
CA THR F 181 -18.52 -30.88 34.59
C THR F 181 -17.07 -30.42 34.61
N HIS F 182 -16.41 -30.40 33.46
CA HIS F 182 -14.97 -30.14 33.37
C HIS F 182 -14.15 -31.18 34.12
N GLN F 183 -14.73 -32.37 34.34
CA GLN F 183 -14.00 -33.46 34.96
C GLN F 183 -12.95 -33.99 33.98
N HIS F 184 -11.69 -33.97 34.41
N HIS F 184 -11.69 -33.99 34.40
CA HIS F 184 -10.58 -34.37 33.56
CA HIS F 184 -10.60 -34.32 33.49
C HIS F 184 -10.61 -35.87 33.29
C HIS F 184 -10.47 -35.84 33.33
N ILE F 185 -10.12 -36.26 32.11
CA ILE F 185 -10.05 -37.67 31.75
C ILE F 185 -9.05 -38.39 32.66
N PRO F 186 -9.09 -39.72 32.75
CA PRO F 186 -8.23 -40.41 33.70
C PRO F 186 -6.78 -40.47 33.22
N TYR F 187 -5.88 -40.50 34.20
CA TYR F 187 -4.45 -40.67 33.93
C TYR F 187 -4.18 -42.07 33.39
N ARG F 188 -3.24 -42.17 32.45
CA ARG F 188 -2.80 -43.45 31.92
C ARG F 188 -1.30 -43.40 31.64
N GLU F 189 -0.67 -44.57 31.64
CA GLU F 189 0.77 -44.72 31.45
C GLU F 189 1.09 -45.62 30.29
N ASN F 190 0.11 -45.90 29.43
CA ASN F 190 0.08 -47.10 28.60
C ASN F 190 0.03 -46.82 27.10
N LYS F 191 0.30 -45.59 26.68
CA LYS F 191 -0.11 -45.12 25.38
C LYS F 191 1.01 -45.08 24.35
N ASN F 192 0.68 -45.44 23.11
CA ASN F 192 1.58 -45.27 21.99
C ASN F 192 1.70 -43.80 21.63
N LEU F 193 2.83 -43.43 21.03
CA LEU F 193 3.05 -42.06 20.63
C LEU F 193 2.11 -41.69 19.49
N THR F 194 1.31 -40.65 19.70
CA THR F 194 0.41 -40.12 18.69
C THR F 194 0.88 -38.72 18.35
N GLY F 195 1.18 -38.50 17.09
CA GLY F 195 1.74 -37.25 16.61
C GLY F 195 3.17 -37.45 16.13
N THR F 196 3.85 -36.33 15.95
CA THR F 196 5.23 -36.37 15.47
C THR F 196 6.20 -36.57 16.62
N ALA F 197 7.23 -37.40 16.39
CA ALA F 197 8.21 -37.68 17.42
C ALA F 197 9.13 -36.48 17.68
N ARG F 198 9.44 -35.71 16.64
CA ARG F 198 10.42 -34.62 16.79
C ARG F 198 9.98 -33.62 17.84
N TYR F 199 8.70 -33.27 17.88
CA TYR F 199 8.19 -32.23 18.77
C TYR F 199 7.42 -32.80 19.97
N ALA F 200 7.39 -34.12 20.13
CA ALA F 200 6.64 -34.74 21.22
C ALA F 200 7.26 -34.39 22.57
N SER F 201 6.40 -34.28 23.59
CA SER F 201 6.87 -34.03 24.94
C SER F 201 7.58 -35.26 25.50
N ILE F 202 8.40 -35.02 26.53
CA ILE F 202 9.11 -36.12 27.17
C ILE F 202 8.13 -37.13 27.75
N ASN F 203 7.06 -36.65 28.41
CA ASN F 203 6.11 -37.56 29.01
C ASN F 203 5.34 -38.36 27.95
N THR F 204 5.19 -37.81 26.74
CA THR F 204 4.58 -38.59 25.66
C THR F 204 5.46 -39.78 25.30
N HIS F 205 6.78 -39.57 25.23
CA HIS F 205 7.69 -40.69 25.01
C HIS F 205 7.55 -41.76 26.07
N LEU F 206 7.19 -41.35 27.30
CA LEU F 206 7.04 -42.30 28.41
C LEU F 206 5.69 -43.01 28.39
N GLY F 207 4.85 -42.76 27.39
CA GLY F 207 3.58 -43.43 27.30
C GLY F 207 2.48 -42.84 28.16
N ILE F 208 2.70 -41.65 28.70
CA ILE F 208 1.70 -40.99 29.54
C ILE F 208 0.63 -40.38 28.67
N GLU F 209 -0.63 -40.47 29.13
CA GLU F 209 -1.72 -39.79 28.47
C GLU F 209 -1.41 -38.31 28.31
N GLN F 210 -1.59 -37.79 27.11
CA GLN F 210 -1.29 -36.39 26.84
C GLN F 210 -2.35 -35.49 27.45
N SER F 211 -1.93 -34.27 27.82
CA SER F 211 -2.82 -33.26 28.35
C SER F 211 -2.33 -31.89 27.90
N ARG F 212 -2.89 -30.83 28.48
CA ARG F 212 -2.62 -29.46 28.01
C ARG F 212 -1.12 -29.15 28.03
N ARG F 213 -0.45 -29.55 29.12
CA ARG F 213 0.98 -29.27 29.27
C ARG F 213 1.76 -29.78 28.07
N ASP F 214 1.32 -30.87 27.45
CA ASP F 214 2.10 -31.48 26.39
C ASP F 214 1.99 -30.66 25.10
N ASP F 215 0.79 -30.15 24.79
CA ASP F 215 0.68 -29.21 23.69
C ASP F 215 1.64 -28.04 23.89
N LEU F 216 1.68 -27.48 25.10
CA LEU F 216 2.53 -26.31 25.30
C LEU F 216 4.01 -26.66 25.21
N GLU F 217 4.42 -27.82 25.74
CA GLU F 217 5.82 -28.23 25.62
C GLU F 217 6.21 -28.42 24.16
N SER F 218 5.35 -29.09 23.38
CA SER F 218 5.61 -29.24 21.96
C SER F 218 5.80 -27.88 21.30
N LEU F 219 4.95 -26.91 21.63
CA LEU F 219 5.16 -25.56 21.09
C LEU F 219 6.54 -25.04 21.45
N GLY F 220 6.99 -25.28 22.69
CA GLY F 220 8.33 -24.84 23.07
C GLY F 220 9.40 -25.41 22.17
N TYR F 221 9.30 -26.71 21.86
CA TYR F 221 10.27 -27.29 20.93
C TYR F 221 10.14 -26.68 19.54
N VAL F 222 8.92 -26.33 19.11
CA VAL F 222 8.76 -25.69 17.81
C VAL F 222 9.49 -24.36 17.77
N LEU F 223 9.36 -23.57 18.84
CA LEU F 223 10.01 -22.26 18.88
C LEU F 223 11.52 -22.41 18.85
N MET F 224 12.08 -23.33 19.65
CA MET F 224 13.53 -23.51 19.57
C MET F 224 13.96 -24.05 18.21
N TYR F 225 13.10 -24.83 17.56
CA TYR F 225 13.36 -25.26 16.19
C TYR F 225 13.46 -24.07 15.25
N PHE F 226 12.56 -23.10 15.38
CA PHE F 226 12.67 -21.88 14.57
C PHE F 226 13.94 -21.12 14.89
N ASN F 227 14.37 -21.12 16.16
CA ASN F 227 15.58 -20.38 16.51
C ASN F 227 16.83 -21.04 15.95
N LEU F 228 16.89 -22.37 15.96
CA LEU F 228 18.11 -23.10 15.68
C LEU F 228 18.23 -23.55 14.23
N GLY F 229 17.11 -23.74 13.54
CA GLY F 229 17.12 -24.38 12.24
C GLY F 229 16.95 -25.88 12.29
N SER F 230 17.22 -26.51 13.43
CA SER F 230 17.03 -27.94 13.62
C SER F 230 17.16 -28.23 15.10
N LEU F 231 16.59 -29.37 15.52
CA LEU F 231 16.70 -29.77 16.91
C LEU F 231 17.77 -30.85 17.07
N PRO F 232 18.43 -30.93 18.24
CA PRO F 232 19.56 -31.85 18.38
C PRO F 232 19.20 -33.32 18.28
N TRP F 233 17.92 -33.69 18.32
CA TRP F 233 17.49 -35.07 18.14
C TRP F 233 17.00 -35.36 16.72
N GLN F 234 17.26 -34.45 15.78
CA GLN F 234 16.98 -34.69 14.38
C GLN F 234 18.17 -35.39 13.71
N GLY F 235 17.86 -36.16 12.67
CA GLY F 235 18.91 -36.80 11.89
C GLY F 235 19.73 -37.82 12.65
N LEU F 236 19.07 -38.63 13.47
CA LEU F 236 19.75 -39.74 14.14
C LEU F 236 19.63 -41.02 13.32
N ALA F 239 17.91 -49.07 11.75
CA ALA F 239 17.06 -48.78 10.60
C ALA F 239 15.64 -49.30 10.81
N THR F 240 15.14 -49.11 12.04
CA THR F 240 13.78 -49.44 12.40
C THR F 240 13.07 -48.16 12.80
N LYS F 241 11.73 -48.15 12.65
CA LYS F 241 10.96 -47.01 13.15
C LYS F 241 11.05 -46.94 14.66
N ARG F 242 10.84 -48.08 15.33
CA ARG F 242 11.03 -48.15 16.78
C ARG F 242 12.41 -47.66 17.17
N GLN F 243 13.44 -48.09 16.45
CA GLN F 243 14.81 -47.68 16.77
C GLN F 243 14.97 -46.17 16.66
N LYS F 244 14.54 -45.59 15.53
CA LYS F 244 14.64 -44.15 15.37
C LYS F 244 13.93 -43.42 16.51
N TYR F 245 12.70 -43.82 16.82
CA TYR F 245 11.95 -43.15 17.88
C TYR F 245 12.66 -43.30 19.22
N GLU F 246 13.23 -44.47 19.49
CA GLU F 246 13.92 -44.70 20.75
C GLU F 246 15.15 -43.80 20.88
N ARG F 247 15.95 -43.70 19.81
CA ARG F 247 17.09 -42.79 19.85
C ARG F 247 16.63 -41.35 20.04
N ILE F 248 15.54 -40.95 19.37
CA ILE F 248 15.02 -39.59 19.55
C ILE F 248 14.65 -39.37 21.02
N SER F 249 13.88 -40.30 21.60
CA SER F 249 13.49 -40.17 23.00
C SER F 249 14.71 -40.05 23.89
N GLU F 250 15.70 -40.92 23.68
CA GLU F 250 16.89 -40.94 24.51
C GLU F 250 17.63 -39.61 24.45
N LYS F 251 17.82 -39.10 23.23
CA LYS F 251 18.51 -37.83 23.04
C LYS F 251 17.74 -36.69 23.67
N LYS F 252 16.42 -36.69 23.53
CA LYS F 252 15.61 -35.62 24.09
C LYS F 252 15.68 -35.60 25.61
N MET F 253 15.68 -36.78 26.23
CA MET F 253 15.74 -36.87 27.68
C MET F 253 17.13 -36.62 28.23
N SER F 254 18.18 -36.78 27.41
CA SER F 254 19.54 -36.54 27.85
C SER F 254 20.06 -35.16 27.49
N THR F 255 19.27 -34.32 26.82
CA THR F 255 19.68 -32.98 26.47
C THR F 255 19.03 -32.00 27.45
N PRO F 256 19.74 -31.49 28.44
CA PRO F 256 19.11 -30.52 29.34
C PRO F 256 18.65 -29.27 28.60
N ILE F 257 17.56 -28.69 29.10
CA ILE F 257 16.97 -27.52 28.44
C ILE F 257 17.98 -26.39 28.36
N GLU F 258 18.86 -26.28 29.35
CA GLU F 258 19.85 -25.20 29.36
C GLU F 258 20.87 -25.39 28.24
N VAL F 259 21.17 -26.64 27.87
CA VAL F 259 22.02 -26.89 26.71
C VAL F 259 21.25 -26.61 25.43
N LEU F 260 20.01 -27.09 25.35
CA LEU F 260 19.20 -26.88 24.15
C LEU F 260 19.08 -25.40 23.81
N CYS F 261 18.87 -24.56 24.82
CA CYS F 261 18.56 -23.15 24.61
C CYS F 261 19.78 -22.25 24.76
N LYS F 262 20.97 -22.81 24.87
CA LYS F 262 22.18 -22.01 25.03
C LYS F 262 22.32 -21.02 23.89
N GLY F 263 22.68 -19.78 24.23
CA GLY F 263 22.91 -18.75 23.24
C GLY F 263 21.67 -18.01 22.79
N TYR F 264 20.53 -18.26 23.41
CA TYR F 264 19.28 -17.58 23.09
C TYR F 264 18.67 -17.03 24.36
N PRO F 265 17.78 -16.05 24.26
CA PRO F 265 17.23 -15.43 25.46
C PRO F 265 16.71 -16.47 26.46
N SER F 266 16.97 -16.22 27.74
CA SER F 266 16.61 -17.17 28.78
C SER F 266 15.12 -17.49 28.80
N GLU F 267 14.29 -16.65 28.19
CA GLU F 267 12.84 -16.87 28.23
C GLU F 267 12.45 -18.19 27.60
N PHE F 268 13.18 -18.67 26.59
CA PHE F 268 12.83 -19.93 25.96
C PHE F 268 13.04 -21.11 26.91
N ALA F 269 14.15 -21.08 27.66
CA ALA F 269 14.38 -22.12 28.66
C ALA F 269 13.38 -22.01 29.80
N THR F 270 13.07 -20.78 30.25
CA THR F 270 12.04 -20.61 31.27
C THR F 270 10.71 -21.20 30.81
N TYR F 271 10.34 -20.93 29.56
CA TYR F 271 9.12 -21.50 29.00
C TYR F 271 9.13 -23.02 29.08
N LEU F 272 10.18 -23.65 28.56
CA LEU F 272 10.21 -25.10 28.51
C LEU F 272 10.23 -25.71 29.91
N ASN F 273 11.00 -25.12 30.83
CA ASN F 273 11.01 -25.61 32.21
C ASN F 273 9.64 -25.49 32.85
N PHE F 274 8.96 -24.37 32.61
CA PHE F 274 7.61 -24.21 33.16
C PHE F 274 6.69 -25.30 32.64
N CYS F 275 6.75 -25.59 31.33
CA CYS F 275 5.88 -26.62 30.79
C CYS F 275 6.21 -28.00 31.37
N ARG F 276 7.51 -28.30 31.51
CA ARG F 276 7.92 -29.59 32.06
C ARG F 276 7.52 -29.76 33.52
N SER F 277 7.31 -28.67 34.26
CA SER F 277 6.96 -28.75 35.66
C SER F 277 5.45 -28.85 35.90
N LEU F 278 4.64 -28.73 34.85
CA LEU F 278 3.20 -28.85 35.00
C LEU F 278 2.80 -30.28 35.32
N ARG F 279 1.72 -30.42 36.09
CA ARG F 279 1.16 -31.73 36.40
C ARG F 279 0.08 -32.10 35.41
N PHE F 280 -0.35 -33.36 35.48
CA PHE F 280 -1.19 -33.94 34.42
C PHE F 280 -2.44 -33.10 34.17
N ASP F 281 -3.17 -32.75 35.23
CA ASP F 281 -4.44 -32.05 35.08
C ASP F 281 -4.34 -30.58 35.45
N ASP F 282 -3.12 -30.03 35.57
CA ASP F 282 -2.98 -28.60 35.80
C ASP F 282 -3.51 -27.83 34.60
N LYS F 283 -4.20 -26.74 34.88
CA LYS F 283 -4.48 -25.77 33.84
C LYS F 283 -3.27 -24.85 33.68
N PRO F 284 -2.63 -24.81 32.52
CA PRO F 284 -1.45 -23.95 32.36
C PRO F 284 -1.79 -22.48 32.58
N ASP F 285 -0.79 -21.73 33.06
CA ASP F 285 -0.89 -20.27 33.18
C ASP F 285 -0.44 -19.66 31.86
N TYR F 286 -1.37 -19.64 30.90
CA TYR F 286 -1.04 -19.16 29.56
C TYR F 286 -0.54 -17.72 29.57
N SER F 287 -1.16 -16.88 30.41
CA SER F 287 -0.80 -15.47 30.43
C SER F 287 0.61 -15.25 30.95
N TYR F 288 1.05 -16.05 31.92
CA TYR F 288 2.44 -15.96 32.36
C TYR F 288 3.40 -16.23 31.18
N LEU F 289 3.10 -17.27 30.40
CA LEU F 289 3.96 -17.63 29.28
C LEU F 289 3.95 -16.54 28.21
N ARG F 290 2.78 -16.02 27.87
CA ARG F 290 2.71 -14.90 26.93
C ARG F 290 3.52 -13.72 27.44
N GLN F 291 3.45 -13.44 28.75
CA GLN F 291 4.12 -12.26 29.31
C GLN F 291 5.63 -12.41 29.27
N LEU F 292 6.16 -13.61 29.50
CA LEU F 292 7.59 -13.85 29.31
C LEU F 292 8.06 -13.26 27.98
N PHE F 293 7.48 -13.75 26.89
CA PHE F 293 7.91 -13.39 25.56
C PHE F 293 7.57 -11.95 25.24
N ARG F 294 6.47 -11.42 25.79
CA ARG F 294 6.11 -10.03 25.53
C ARG F 294 7.12 -9.07 26.15
N ASN F 295 7.52 -9.33 27.40
CA ASN F 295 8.54 -8.49 28.02
C ASN F 295 9.85 -8.55 27.25
N LEU F 296 10.30 -9.76 26.91
CA LEU F 296 11.48 -9.88 26.07
C LEU F 296 11.32 -9.05 24.80
N PHE F 297 10.18 -9.21 24.13
CA PHE F 297 9.88 -8.48 22.91
C PHE F 297 10.04 -6.97 23.11
N HIS F 298 9.57 -6.46 24.25
CA HIS F 298 9.58 -5.03 24.51
C HIS F 298 10.95 -4.51 24.94
N ARG F 299 11.92 -5.37 25.21
CA ARG F 299 13.25 -4.88 25.56
C ARG F 299 14.21 -4.73 24.37
N GLN F 300 13.79 -5.04 23.14
CA GLN F 300 14.73 -5.11 22.03
C GLN F 300 14.90 -3.79 21.27
N GLY F 301 13.96 -2.87 21.36
CA GLY F 301 14.00 -1.70 20.50
C GLY F 301 13.58 -1.98 19.08
N PHE F 302 12.70 -2.96 18.88
CA PHE F 302 12.11 -3.20 17.57
C PHE F 302 11.24 -2.02 17.14
N SER F 303 11.04 -1.90 15.83
CA SER F 303 9.86 -1.21 15.34
C SER F 303 8.65 -2.11 15.52
N TYR F 304 7.53 -1.52 15.94
CA TYR F 304 6.34 -2.31 16.27
C TYR F 304 5.35 -2.37 15.11
N ASP F 305 5.84 -2.29 13.88
CA ASP F 305 5.01 -2.70 12.75
C ASP F 305 4.93 -4.22 12.71
N TYR F 306 3.74 -4.74 12.41
CA TYR F 306 3.47 -6.17 12.49
C TYR F 306 3.82 -6.81 11.15
N VAL F 307 5.10 -7.11 10.98
CA VAL F 307 5.65 -7.63 9.73
C VAL F 307 6.51 -8.84 10.04
N PHE F 308 6.23 -9.95 9.37
CA PHE F 308 7.01 -11.18 9.51
C PHE F 308 8.18 -11.19 8.53
N ASP F 309 9.17 -12.03 8.84
CA ASP F 309 10.39 -12.11 8.02
C ASP F 309 10.07 -12.34 6.54
N TRP F 310 9.13 -13.24 6.24
CA TRP F 310 8.91 -13.62 4.84
C TRP F 310 8.30 -12.51 4.02
N ASN F 311 7.72 -11.49 4.65
CA ASN F 311 7.19 -10.34 3.94
C ASN F 311 8.20 -9.19 3.88
N MET F 312 9.49 -9.48 4.10
CA MET F 312 10.54 -8.47 4.05
C MET F 312 11.65 -8.87 3.09
N LEU F 313 11.37 -9.73 2.11
CA LEU F 313 12.40 -10.23 1.20
C LEU F 313 12.12 -9.87 -0.26
N LYS F 314 10.97 -10.28 -0.80
CA LYS F 314 10.62 -10.18 -2.22
C LYS F 314 11.23 -11.34 -3.00
#